data_5SDE
#
_entry.id   5SDE
#
_cell.length_a   101.472
_cell.length_b   117.837
_cell.length_c   147.651
_cell.angle_alpha   90.000
_cell.angle_beta   90.000
_cell.angle_gamma   90.000
#
_symmetry.space_group_name_H-M   'P 21 21 21'
#
loop_
_entity.id
_entity.type
_entity.pdbx_description
1 polymer 'Asp/Glu-specific dipeptidyl-peptidase'
2 non-polymer 5-fluoro-1-[(5-methyl-1,3,4-thiadiazol-2-yl)methyl]-1,2,3,6-tetrahydropyridine
3 non-polymer 'CHLORIDE ION'
4 water water
#
_entity_poly.entity_id   1
_entity_poly.type   'polypeptide(L)'
_entity_poly.pdbx_seq_one_letter_code
;MDEGMWLMQQLGRKYAQMKERGLKMKEYDLYNPNGTSLKDAVVLFDGGCTGEVVSDRGLVLTNHHCGYDMIQAHSTLEHN
YLENGFWAMREADELPNKDISVVFIDKIEDVTDYVKKELKAIKDPNSMDYLSPKYLQKLADKKAGKNFSAKNPGLSVEIK
AFYGGNLYLMFTKKTYTDVRLVGAPPSSIGKFGADTDNWIWPRHTGDFSIFRIYADKNGNPAPYSEDNVPLKPKRFFNIS
LGGVQENDYAMIMGFPGTTHRYFTASEVDEWKSIDNDIRIRMRDIRQGVMLREMLADPQIKIMYSAKYAASQNAYKRAIG
ANWAIKTRGLRQNKQAMQDRLIAWGAKQGTPRYEEAVHEIDATVAKRADLRRRYWMIEEGIIRGIEFARSPIPTEDETKA
LQGNDASARKEAIDKIRTRYSKFANKDYSAEVDKKVAVAMLTEYLKEIPYENLPLHLRLVKDRFAGDVQAYVDDIFARSV
FGSEAQFDAFAAVPSVEKLAEDPMVLFASSVFDEYRKLYNELRPYDDPILRAQRTYIAGLLEMDGDQDQFPDANLTLRFT
YGQVKGYSPRDNVYYGHQTTLDGVMEKEDPDNWEFVVDPKLKAVYERKDFGRYADRSGRMPVAFCATTHTTGGNSGSPVM
NANGELIGLNFDRNWEGVGGDIQYLADYQRSIIVDIRYVLLVIDKVGGCQRLLDEMNIVPAHHHHHH
;
_entity_poly.pdbx_strand_id   A,B
#
# COMPACT_ATOMS: atom_id res chain seq x y z
N ASP A 2 -10.72 -16.01 24.94
CA ASP A 2 -11.13 -16.06 23.53
C ASP A 2 -10.55 -17.30 22.80
N GLU A 3 -11.21 -17.73 21.66
CA GLU A 3 -10.96 -18.92 20.82
C GLU A 3 -9.61 -19.55 21.03
N GLY A 4 -9.51 -20.88 20.92
CA GLY A 4 -8.26 -21.51 21.28
C GLY A 4 -7.65 -22.69 20.57
N MET A 5 -6.61 -23.22 21.20
CA MET A 5 -5.77 -24.30 20.69
C MET A 5 -5.87 -25.39 21.73
N TRP A 6 -6.85 -26.26 21.54
CA TRP A 6 -7.26 -27.22 22.51
C TRP A 6 -6.48 -28.54 22.52
N LEU A 7 -6.28 -29.09 23.71
CA LEU A 7 -5.68 -30.41 23.86
C LEU A 7 -6.63 -31.45 23.28
N MET A 8 -6.11 -32.59 22.79
CA MET A 8 -6.97 -33.65 22.27
C MET A 8 -7.95 -34.16 23.32
N GLN A 9 -7.52 -34.16 24.60
CA GLN A 9 -8.29 -34.53 25.80
C GLN A 9 -9.53 -33.63 25.98
N GLN A 10 -9.46 -32.40 25.51
CA GLN A 10 -10.56 -31.45 25.62
C GLN A 10 -11.60 -31.63 24.50
N LEU A 11 -11.40 -32.55 23.51
CA LEU A 11 -12.39 -32.73 22.44
C LEU A 11 -13.76 -33.14 23.00
N GLY A 12 -13.78 -34.02 23.99
CA GLY A 12 -15.02 -34.43 24.64
C GLY A 12 -15.87 -33.27 25.16
N ARG A 13 -15.27 -32.36 25.92
CA ARG A 13 -15.98 -31.23 26.50
C ARG A 13 -16.32 -30.13 25.46
N LYS A 14 -15.64 -30.12 24.30
CA LYS A 14 -15.88 -29.13 23.25
C LYS A 14 -16.83 -29.62 22.13
N TYR A 15 -16.96 -30.92 21.99
CA TYR A 15 -17.71 -31.60 20.94
C TYR A 15 -19.11 -31.03 20.67
N ALA A 16 -19.93 -30.79 21.72
CA ALA A 16 -21.27 -30.25 21.51
C ALA A 16 -21.22 -28.83 20.97
N GLN A 17 -20.25 -27.99 21.40
CA GLN A 17 -20.09 -26.63 20.85
C GLN A 17 -19.66 -26.73 19.36
N MET A 18 -18.78 -27.69 19.05
CA MET A 18 -18.31 -27.91 17.69
C MET A 18 -19.45 -28.38 16.78
N LYS A 19 -20.32 -29.27 17.29
CA LYS A 19 -21.47 -29.78 16.54
C LYS A 19 -22.46 -28.66 16.25
N GLU A 20 -22.76 -27.82 17.27
CA GLU A 20 -23.65 -26.68 17.04
C GLU A 20 -23.06 -25.67 16.06
N ARG A 21 -21.72 -25.60 15.94
CA ARG A 21 -21.05 -24.74 14.96
C ARG A 21 -20.97 -25.38 13.53
N GLY A 22 -21.40 -26.63 13.38
CA GLY A 22 -21.42 -27.28 12.08
C GLY A 22 -20.71 -28.62 11.96
N LEU A 23 -19.90 -29.03 12.96
CA LEU A 23 -19.19 -30.32 12.90
C LEU A 23 -20.17 -31.50 12.75
N LYS A 24 -19.94 -32.40 11.80
CA LYS A 24 -20.84 -33.53 11.54
C LYS A 24 -20.23 -34.90 11.85
N MET A 25 -18.88 -35.00 11.87
CA MET A 25 -18.26 -36.29 12.11
C MET A 25 -18.37 -36.72 13.57
N LYS A 26 -18.33 -38.05 13.81
CA LYS A 26 -18.41 -38.56 15.18
C LYS A 26 -17.10 -38.22 15.91
N GLU A 27 -17.20 -37.96 17.22
CA GLU A 27 -16.11 -37.58 18.10
C GLU A 27 -14.89 -38.49 17.98
N TYR A 28 -15.11 -39.80 18.08
CA TYR A 28 -14.05 -40.78 18.07
C TYR A 28 -13.44 -40.99 16.66
N ASP A 29 -14.10 -40.53 15.60
CA ASP A 29 -13.48 -40.57 14.26
C ASP A 29 -12.42 -39.44 14.14
N LEU A 30 -12.57 -38.35 14.91
CA LEU A 30 -11.63 -37.23 14.94
C LEU A 30 -10.51 -37.52 15.95
N TYR A 31 -10.90 -37.96 17.16
CA TYR A 31 -9.92 -38.35 18.17
C TYR A 31 -10.46 -39.44 19.10
N ASN A 32 -9.72 -40.54 19.22
CA ASN A 32 -10.07 -41.63 20.12
C ASN A 32 -8.76 -42.10 20.77
N PRO A 33 -8.68 -42.03 22.10
CA PRO A 33 -7.45 -42.44 22.78
C PRO A 33 -7.14 -43.93 22.68
N ASN A 34 -8.20 -44.74 22.56
CA ASN A 34 -8.06 -46.18 22.50
C ASN A 34 -8.33 -46.75 21.10
N GLY A 35 -7.98 -45.99 20.06
CA GLY A 35 -8.19 -46.46 18.70
C GLY A 35 -7.71 -45.54 17.60
N THR A 36 -7.99 -45.90 16.35
CA THR A 36 -7.59 -45.11 15.21
C THR A 36 -8.54 -43.93 14.96
N SER A 37 -7.97 -42.76 14.73
CA SER A 37 -8.76 -41.54 14.48
C SER A 37 -8.01 -40.64 13.49
N LEU A 38 -8.65 -39.55 13.03
CA LEU A 38 -8.04 -38.61 12.09
C LEU A 38 -6.74 -38.00 12.64
N LYS A 39 -6.59 -37.96 13.98
CA LYS A 39 -5.40 -37.52 14.67
C LYS A 39 -4.15 -38.30 14.14
N ASP A 40 -4.35 -39.59 13.82
CA ASP A 40 -3.31 -40.48 13.33
C ASP A 40 -2.81 -40.15 11.94
N ALA A 41 -3.49 -39.25 11.21
CA ALA A 41 -3.04 -38.82 9.90
C ALA A 41 -2.25 -37.47 9.98
N VAL A 42 -2.07 -36.90 11.19
CA VAL A 42 -1.35 -35.64 11.37
C VAL A 42 0.10 -35.94 11.81
N VAL A 43 1.07 -35.17 11.27
CA VAL A 43 2.48 -35.34 11.64
C VAL A 43 3.16 -34.01 11.94
N LEU A 44 4.18 -34.05 12.78
CA LEU A 44 5.05 -32.91 13.00
C LEU A 44 6.09 -33.12 11.88
N PHE A 45 6.08 -32.24 10.89
CA PHE A 45 6.97 -32.33 9.76
C PHE A 45 8.27 -31.59 10.03
N ASP A 46 9.37 -32.32 9.98
CA ASP A 46 10.72 -31.78 10.15
C ASP A 46 10.91 -30.83 11.36
N GLY A 47 10.42 -31.24 12.52
CA GLY A 47 10.59 -30.52 13.77
C GLY A 47 9.91 -29.19 14.01
N GLY A 48 9.35 -28.58 12.98
CA GLY A 48 8.69 -27.28 13.13
C GLY A 48 7.27 -27.27 12.59
N CYS A 49 7.15 -27.56 11.32
CA CYS A 49 5.92 -27.58 10.56
C CYS A 49 5.00 -28.73 10.92
N THR A 50 3.79 -28.67 10.40
CA THR A 50 2.79 -29.72 10.50
C THR A 50 2.64 -30.29 9.05
N GLY A 51 2.28 -31.55 8.97
CA GLY A 51 1.99 -32.22 7.72
C GLY A 51 0.80 -33.15 7.89
N GLU A 52 0.37 -33.76 6.79
CA GLU A 52 -0.75 -34.71 6.86
C GLU A 52 -0.64 -35.81 5.83
N VAL A 53 -0.99 -37.03 6.24
CA VAL A 53 -0.96 -38.19 5.36
C VAL A 53 -2.24 -38.17 4.53
N VAL A 54 -2.10 -38.25 3.18
CA VAL A 54 -3.22 -38.15 2.27
C VAL A 54 -3.39 -39.39 1.34
N SER A 55 -2.71 -40.51 1.65
CA SER A 55 -2.89 -41.73 0.86
C SER A 55 -2.51 -42.97 1.67
N ASP A 56 -3.01 -44.16 1.25
CA ASP A 56 -2.63 -45.42 1.87
C ASP A 56 -1.19 -45.86 1.54
N ARG A 57 -0.45 -45.02 0.77
CA ARG A 57 0.95 -45.29 0.48
C ARG A 57 1.88 -44.23 1.10
N GLY A 58 1.45 -43.60 2.20
CA GLY A 58 2.27 -42.67 2.95
C GLY A 58 2.57 -41.32 2.34
N LEU A 59 1.75 -40.87 1.38
CA LEU A 59 1.95 -39.55 0.77
C LEU A 59 1.61 -38.49 1.81
N VAL A 60 2.43 -37.46 1.89
CA VAL A 60 2.29 -36.39 2.89
C VAL A 60 2.22 -35.03 2.20
N LEU A 61 1.30 -34.17 2.64
CA LEU A 61 1.23 -32.80 2.17
C LEU A 61 1.68 -31.89 3.31
N THR A 62 2.45 -30.87 2.98
CA THR A 62 2.89 -29.81 3.89
C THR A 62 3.05 -28.52 3.02
N ASN A 63 3.53 -27.42 3.58
CA ASN A 63 3.76 -26.20 2.82
C ASN A 63 5.01 -26.29 1.96
N HIS A 64 5.10 -25.39 0.99
CA HIS A 64 6.27 -25.23 0.12
C HIS A 64 7.38 -24.63 0.99
N HIS A 65 7.06 -23.65 1.86
CA HIS A 65 8.08 -23.07 2.74
C HIS A 65 8.59 -24.07 3.79
N CYS A 66 7.84 -25.16 4.04
CA CYS A 66 8.25 -26.23 4.95
C CYS A 66 9.18 -27.23 4.25
N GLY A 67 8.95 -27.47 2.96
CA GLY A 67 9.78 -28.36 2.16
C GLY A 67 10.85 -27.64 1.36
N TYR A 68 10.93 -26.30 1.48
CA TYR A 68 11.88 -25.44 0.77
C TYR A 68 13.33 -25.94 0.83
N ASP A 69 13.88 -26.20 2.03
CA ASP A 69 15.26 -26.66 2.16
C ASP A 69 15.52 -27.98 1.41
N MET A 70 14.54 -28.92 1.39
CA MET A 70 14.72 -30.18 0.70
C MET A 70 14.67 -29.99 -0.82
N ILE A 71 13.78 -29.10 -1.30
CA ILE A 71 13.69 -28.82 -2.73
C ILE A 71 14.99 -28.15 -3.20
N GLN A 72 15.53 -27.23 -2.38
CA GLN A 72 16.78 -26.50 -2.63
C GLN A 72 18.00 -27.43 -2.61
N ALA A 73 18.05 -28.39 -1.66
CA ALA A 73 19.17 -29.33 -1.57
C ALA A 73 19.27 -30.25 -2.80
N HIS A 74 18.15 -30.53 -3.46
CA HIS A 74 18.15 -31.36 -4.66
C HIS A 74 18.22 -30.55 -5.97
N SER A 75 18.27 -29.22 -5.88
CA SER A 75 18.32 -28.37 -7.05
C SER A 75 19.77 -28.11 -7.45
N THR A 76 20.03 -28.17 -8.75
CA THR A 76 21.31 -27.93 -9.43
C THR A 76 21.02 -27.01 -10.64
N LEU A 77 22.07 -26.52 -11.34
CA LEU A 77 21.87 -25.72 -12.55
C LEU A 77 21.16 -26.58 -13.62
N GLU A 78 21.49 -27.87 -13.71
CA GLU A 78 20.88 -28.79 -14.67
C GLU A 78 19.41 -29.13 -14.33
N HIS A 79 19.09 -29.30 -13.05
CA HIS A 79 17.71 -29.56 -12.64
C HIS A 79 17.32 -28.62 -11.49
N ASN A 80 16.93 -27.39 -11.83
CA ASN A 80 16.56 -26.41 -10.81
C ASN A 80 15.11 -26.65 -10.35
N TYR A 81 14.93 -27.52 -9.33
CA TYR A 81 13.62 -27.86 -8.81
C TYR A 81 12.98 -26.71 -8.04
N LEU A 82 13.79 -25.87 -7.41
CA LEU A 82 13.26 -24.73 -6.66
C LEU A 82 12.55 -23.76 -7.60
N GLU A 83 13.14 -23.52 -8.76
CA GLU A 83 12.56 -22.64 -9.75
C GLU A 83 11.48 -23.28 -10.62
N ASN A 84 11.73 -24.49 -11.13
CA ASN A 84 10.78 -25.10 -12.08
C ASN A 84 9.80 -26.11 -11.50
N GLY A 85 9.92 -26.40 -10.21
CA GLY A 85 9.09 -27.42 -9.58
C GLY A 85 9.72 -28.80 -9.75
N PHE A 86 9.17 -29.80 -9.06
CA PHE A 86 9.66 -31.18 -9.13
C PHE A 86 8.46 -32.12 -9.14
N TRP A 87 8.46 -33.14 -10.01
CA TRP A 87 7.35 -34.09 -10.07
C TRP A 87 7.87 -35.47 -10.39
N ALA A 88 8.10 -36.30 -9.36
CA ALA A 88 8.60 -37.68 -9.56
C ALA A 88 7.52 -38.46 -10.28
N MET A 89 7.80 -38.96 -11.50
CA MET A 89 6.78 -39.68 -12.26
C MET A 89 6.61 -41.16 -11.82
N ARG A 90 7.47 -41.63 -10.93
CA ARG A 90 7.39 -42.97 -10.34
C ARG A 90 7.96 -42.88 -8.92
N GLU A 91 7.50 -43.77 -8.03
CA GLU A 91 7.99 -43.81 -6.64
C GLU A 91 9.51 -43.94 -6.53
N ALA A 92 10.13 -44.67 -7.46
CA ALA A 92 11.60 -44.86 -7.45
C ALA A 92 12.36 -43.56 -7.75
N ASP A 93 11.68 -42.56 -8.35
CA ASP A 93 12.25 -41.24 -8.66
C ASP A 93 12.12 -40.25 -7.48
N GLU A 94 11.43 -40.62 -6.40
CA GLU A 94 11.27 -39.77 -5.23
C GLU A 94 12.61 -39.66 -4.52
N LEU A 95 12.99 -38.42 -4.20
CA LEU A 95 14.30 -38.11 -3.67
C LEU A 95 14.44 -38.19 -2.14
N PRO A 96 15.37 -39.01 -1.64
CA PRO A 96 15.59 -39.07 -0.19
C PRO A 96 16.13 -37.75 0.34
N ASN A 97 15.91 -37.49 1.63
CA ASN A 97 16.36 -36.25 2.25
C ASN A 97 17.12 -36.55 3.53
N LYS A 98 18.35 -36.02 3.65
CA LYS A 98 19.14 -36.20 4.85
C LYS A 98 18.61 -35.25 5.91
N ASP A 99 18.57 -35.71 7.17
CA ASP A 99 18.17 -34.94 8.35
C ASP A 99 16.69 -34.55 8.37
N ILE A 100 15.83 -35.38 7.82
CA ILE A 100 14.40 -35.13 7.80
C ILE A 100 13.68 -36.08 8.76
N SER A 101 12.52 -35.64 9.26
CA SER A 101 11.72 -36.50 10.12
C SER A 101 10.25 -36.15 10.05
N VAL A 102 9.42 -37.11 10.37
CA VAL A 102 7.98 -36.93 10.50
C VAL A 102 7.65 -37.65 11.81
N VAL A 103 6.92 -36.97 12.67
CA VAL A 103 6.55 -37.54 13.96
C VAL A 103 5.04 -37.75 14.07
N PHE A 104 4.63 -38.99 14.38
CA PHE A 104 3.24 -39.30 14.60
C PHE A 104 2.96 -39.27 16.10
N ILE A 105 1.79 -38.78 16.51
CA ILE A 105 1.43 -38.81 17.92
C ILE A 105 0.58 -40.05 18.12
N ASP A 106 1.24 -41.18 18.43
CA ASP A 106 0.62 -42.48 18.60
C ASP A 106 -0.37 -42.54 19.76
N LYS A 107 0.03 -42.09 20.95
CA LYS A 107 -0.83 -42.05 22.12
C LYS A 107 -0.58 -40.76 22.91
N ILE A 108 -1.59 -40.31 23.60
CA ILE A 108 -1.49 -39.16 24.50
C ILE A 108 -2.17 -39.59 25.79
N GLU A 109 -1.53 -39.35 26.93
CA GLU A 109 -2.11 -39.75 28.20
C GLU A 109 -1.92 -38.68 29.29
N ASP A 110 -2.99 -38.39 30.04
CA ASP A 110 -2.92 -37.47 31.15
C ASP A 110 -2.13 -38.15 32.30
N VAL A 111 -0.95 -37.62 32.63
CA VAL A 111 -0.12 -38.16 33.72
C VAL A 111 0.03 -37.14 34.88
N THR A 112 -0.92 -36.19 35.00
CA THR A 112 -0.90 -35.13 36.01
C THR A 112 -0.75 -35.67 37.43
N ASP A 113 -1.63 -36.61 37.83
CA ASP A 113 -1.64 -37.21 39.16
C ASP A 113 -0.27 -37.81 39.49
N TYR A 114 0.30 -38.57 38.53
CA TYR A 114 1.60 -39.24 38.60
C TYR A 114 2.73 -38.21 38.76
N VAL A 115 2.77 -37.18 37.91
CA VAL A 115 3.83 -36.16 37.99
C VAL A 115 3.74 -35.36 39.30
N LYS A 116 2.52 -34.99 39.73
CA LYS A 116 2.32 -34.25 40.98
C LYS A 116 2.70 -35.08 42.21
N LYS A 117 2.51 -36.42 42.15
CA LYS A 117 2.92 -37.27 43.25
C LYS A 117 4.45 -37.30 43.30
N GLU A 118 5.11 -37.47 42.14
CA GLU A 118 6.57 -37.51 42.06
C GLU A 118 7.21 -36.22 42.55
N LEU A 119 6.60 -35.07 42.18
CA LEU A 119 7.07 -33.74 42.55
C LEU A 119 7.02 -33.48 44.04
N LYS A 120 6.03 -34.10 44.74
CA LYS A 120 5.87 -34.00 46.19
C LYS A 120 7.12 -34.40 46.97
N ALA A 121 8.05 -35.16 46.34
CA ALA A 121 9.30 -35.53 47.00
C ALA A 121 10.32 -34.38 47.06
N ILE A 122 9.79 -33.12 47.02
CA ILE A 122 10.38 -31.75 47.12
C ILE A 122 11.54 -31.62 48.10
N LYS A 123 12.69 -31.24 47.59
CA LYS A 123 13.84 -30.91 48.46
C LYS A 123 13.91 -29.37 48.67
N ASP A 124 13.35 -28.60 47.70
CA ASP A 124 13.32 -27.15 47.60
C ASP A 124 11.94 -26.75 47.04
N PRO A 125 11.15 -25.94 47.77
CA PRO A 125 9.84 -25.53 47.24
C PRO A 125 9.93 -24.61 46.03
N ASN A 126 11.11 -24.00 45.81
CA ASN A 126 11.36 -23.14 44.66
C ASN A 126 12.03 -23.89 43.50
N SER A 127 12.08 -25.24 43.54
CA SER A 127 12.67 -26.04 42.49
C SER A 127 11.95 -25.85 41.19
N MET A 128 12.70 -25.76 40.10
CA MET A 128 12.12 -25.66 38.76
C MET A 128 12.04 -27.02 38.03
N ASP A 129 12.16 -28.13 38.78
CA ASP A 129 12.09 -29.46 38.19
C ASP A 129 10.75 -29.74 37.55
N TYR A 130 9.67 -29.13 38.07
CA TYR A 130 8.33 -29.31 37.52
C TYR A 130 8.20 -28.85 36.04
N LEU A 131 9.18 -28.07 35.54
CA LEU A 131 9.25 -27.61 34.15
C LEU A 131 10.51 -28.11 33.42
N SER A 132 11.37 -28.86 34.08
CA SER A 132 12.62 -29.32 33.51
C SER A 132 12.42 -30.49 32.54
N PRO A 133 12.87 -30.35 31.28
CA PRO A 133 12.77 -31.47 30.33
C PRO A 133 13.57 -32.69 30.79
N LYS A 134 14.70 -32.47 31.47
CA LYS A 134 15.52 -33.56 32.00
C LYS A 134 14.78 -34.31 33.10
N TYR A 135 14.15 -33.58 34.03
CA TYR A 135 13.41 -34.20 35.11
C TYR A 135 12.16 -34.94 34.59
N LEU A 136 11.41 -34.29 33.70
CA LEU A 136 10.20 -34.89 33.14
C LEU A 136 10.55 -36.11 32.26
N GLN A 137 11.72 -36.12 31.61
CA GLN A 137 12.16 -37.26 30.81
C GLN A 137 12.46 -38.45 31.71
N LYS A 138 13.05 -38.21 32.89
CA LYS A 138 13.31 -39.28 33.86
C LYS A 138 11.96 -39.86 34.33
N LEU A 139 10.90 -39.01 34.49
CA LEU A 139 9.58 -39.50 34.89
C LEU A 139 8.90 -40.30 33.79
N ALA A 140 9.06 -39.87 32.54
CA ALA A 140 8.49 -40.56 31.38
C ALA A 140 9.18 -41.93 31.20
N ASP A 141 10.53 -41.97 31.30
CA ASP A 141 11.28 -43.22 31.19
C ASP A 141 10.86 -44.20 32.29
N LYS A 142 10.64 -43.69 33.52
CA LYS A 142 10.21 -44.49 34.65
C LYS A 142 8.84 -45.11 34.38
N LYS A 143 7.91 -44.32 33.83
CA LYS A 143 6.56 -44.81 33.53
C LYS A 143 6.53 -45.78 32.33
N ALA A 144 7.24 -45.44 31.24
CA ALA A 144 7.29 -46.24 30.01
C ALA A 144 7.90 -47.62 30.20
N GLY A 145 9.00 -47.70 30.94
CA GLY A 145 9.69 -48.96 31.19
C GLY A 145 11.19 -48.94 30.96
N LYS A 146 11.88 -49.98 31.46
CA LYS A 146 13.32 -50.10 31.27
C LYS A 146 13.59 -50.43 29.81
N ASN A 147 14.44 -49.62 29.14
CA ASN A 147 14.80 -49.76 27.72
C ASN A 147 13.56 -49.88 26.80
N PHE A 148 12.65 -48.90 26.88
CA PHE A 148 11.41 -48.86 26.12
C PHE A 148 11.68 -48.74 24.61
N SER A 149 12.70 -47.93 24.24
CA SER A 149 13.07 -47.71 22.84
C SER A 149 13.60 -48.98 22.17
N ALA A 150 14.25 -49.85 22.93
CA ALA A 150 14.78 -51.11 22.41
C ALA A 150 13.62 -52.10 22.21
N LYS A 151 12.66 -52.15 23.15
CA LYS A 151 11.50 -53.03 23.05
C LYS A 151 10.46 -52.55 22.03
N ASN A 152 10.45 -51.24 21.73
CA ASN A 152 9.52 -50.65 20.76
C ASN A 152 10.29 -49.76 19.80
N PRO A 153 11.07 -50.34 18.87
CA PRO A 153 11.84 -49.49 17.92
C PRO A 153 10.95 -48.53 17.12
N GLY A 154 11.42 -47.30 17.02
CA GLY A 154 10.65 -46.26 16.36
C GLY A 154 9.84 -45.41 17.33
N LEU A 155 9.49 -45.97 18.48
CA LEU A 155 8.71 -45.26 19.47
C LEU A 155 9.57 -44.54 20.52
N SER A 156 9.03 -43.43 21.05
CA SER A 156 9.66 -42.67 22.12
C SER A 156 8.57 -42.05 23.02
N VAL A 157 8.96 -41.72 24.25
CA VAL A 157 8.05 -41.21 25.25
C VAL A 157 8.51 -39.77 25.72
N GLU A 158 7.55 -38.84 25.92
CA GLU A 158 7.87 -37.50 26.35
C GLU A 158 6.78 -36.94 27.26
N ILE A 159 7.14 -36.35 28.40
CA ILE A 159 6.15 -35.71 29.26
C ILE A 159 6.34 -34.19 29.12
N LYS A 160 5.24 -33.45 28.93
CA LYS A 160 5.27 -32.00 28.85
C LYS A 160 4.33 -31.42 29.89
N ALA A 161 4.69 -30.25 30.41
CA ALA A 161 3.89 -29.46 31.35
C ALA A 161 2.99 -28.52 30.54
N PHE A 162 1.75 -28.33 31.02
CA PHE A 162 0.72 -27.47 30.44
C PHE A 162 0.14 -26.63 31.55
N TYR A 163 -0.48 -25.48 31.17
CA TYR A 163 -1.15 -24.59 32.13
C TYR A 163 -0.20 -24.14 33.24
N GLY A 164 1.03 -23.81 32.88
CA GLY A 164 2.03 -23.35 33.85
C GLY A 164 2.48 -24.38 34.87
N GLY A 165 2.30 -25.67 34.58
CA GLY A 165 2.66 -26.73 35.50
C GLY A 165 1.48 -27.33 36.25
N ASN A 166 0.25 -27.10 35.77
CA ASN A 166 -0.95 -27.65 36.42
C ASN A 166 -1.52 -28.89 35.73
N LEU A 167 -1.00 -29.25 34.56
CA LEU A 167 -1.44 -30.43 33.83
C LEU A 167 -0.23 -31.04 33.12
N TYR A 168 -0.14 -32.38 33.08
CA TYR A 168 0.96 -33.05 32.41
C TYR A 168 0.45 -34.10 31.47
N LEU A 169 0.98 -34.14 30.25
CA LEU A 169 0.60 -35.16 29.30
C LEU A 169 1.85 -35.91 28.86
N MET A 170 1.72 -37.23 28.71
CA MET A 170 2.78 -38.06 28.16
C MET A 170 2.38 -38.38 26.73
N PHE A 171 3.31 -38.20 25.81
CA PHE A 171 3.07 -38.47 24.40
C PHE A 171 3.94 -39.66 24.01
N THR A 172 3.36 -40.60 23.28
CA THR A 172 4.09 -41.72 22.71
C THR A 172 4.19 -41.36 21.24
N LYS A 173 5.41 -41.11 20.79
CA LYS A 173 5.69 -40.62 19.45
C LYS A 173 6.34 -41.69 18.58
N LYS A 174 5.99 -41.72 17.30
CA LYS A 174 6.57 -42.66 16.36
C LYS A 174 7.25 -41.81 15.31
N THR A 175 8.58 -41.92 15.18
CA THR A 175 9.33 -41.05 14.26
C THR A 175 9.87 -41.80 13.05
N TYR A 176 9.62 -41.27 11.85
CA TYR A 176 10.13 -41.85 10.60
C TYR A 176 11.18 -40.90 10.04
N THR A 177 12.34 -41.42 9.62
CA THR A 177 13.39 -40.55 9.10
C THR A 177 13.68 -40.76 7.61
N ASP A 178 12.92 -41.62 6.92
CA ASP A 178 13.06 -41.78 5.47
C ASP A 178 11.83 -41.11 4.86
N VAL A 179 11.91 -39.80 4.59
CA VAL A 179 10.78 -39.03 4.06
C VAL A 179 11.29 -38.41 2.76
N ARG A 180 10.78 -38.89 1.64
CA ARG A 180 11.27 -38.50 0.32
C ARG A 180 10.46 -37.42 -0.37
N LEU A 181 11.12 -36.55 -1.14
CA LEU A 181 10.48 -35.49 -1.90
C LEU A 181 9.79 -36.11 -3.09
N VAL A 182 8.48 -35.82 -3.24
CA VAL A 182 7.64 -36.39 -4.29
C VAL A 182 7.24 -35.34 -5.31
N GLY A 183 6.82 -34.18 -4.84
CA GLY A 183 6.37 -33.13 -5.72
C GLY A 183 6.40 -31.75 -5.11
N ALA A 184 6.56 -30.75 -5.95
CA ALA A 184 6.58 -29.36 -5.52
C ALA A 184 6.24 -28.50 -6.73
N PRO A 185 5.42 -27.46 -6.53
CA PRO A 185 5.18 -26.53 -7.63
C PRO A 185 6.44 -25.68 -7.83
N PRO A 186 6.58 -24.97 -8.96
CA PRO A 186 7.67 -23.99 -9.08
C PRO A 186 7.57 -22.95 -7.97
N SER A 187 8.68 -22.30 -7.62
CA SER A 187 8.67 -21.28 -6.57
C SER A 187 7.71 -20.13 -6.88
N SER A 188 7.48 -19.82 -8.18
CA SER A 188 6.56 -18.76 -8.60
C SER A 188 5.12 -19.04 -8.07
N ILE A 189 4.76 -20.32 -7.85
CA ILE A 189 3.46 -20.66 -7.29
C ILE A 189 3.59 -20.85 -5.75
N GLY A 190 4.56 -21.67 -5.32
CA GLY A 190 4.78 -22.01 -3.91
C GLY A 190 5.04 -20.86 -2.95
N LYS A 191 5.71 -19.82 -3.45
CA LYS A 191 6.01 -18.58 -2.75
C LYS A 191 5.57 -17.39 -3.62
N PHE A 192 4.44 -17.48 -4.31
CA PHE A 192 3.96 -16.38 -5.17
C PHE A 192 4.11 -14.96 -4.59
N GLY A 193 3.57 -14.66 -3.42
CA GLY A 193 3.73 -13.29 -2.91
C GLY A 193 5.15 -12.93 -2.49
N ALA A 194 5.98 -13.96 -2.25
CA ALA A 194 7.32 -13.93 -1.69
C ALA A 194 7.29 -13.08 -0.36
N ASP A 195 8.25 -12.18 -0.03
CA ASP A 195 8.19 -11.40 1.21
C ASP A 195 7.16 -10.28 1.16
N THR A 196 6.79 -9.77 -0.03
CA THR A 196 5.80 -8.69 -0.16
C THR A 196 4.44 -9.06 0.43
N ASP A 197 4.02 -10.31 0.21
CA ASP A 197 2.74 -10.79 0.70
C ASP A 197 2.85 -11.60 2.01
N ASN A 198 4.01 -11.62 2.69
CA ASN A 198 4.14 -12.33 3.97
C ASN A 198 3.23 -11.65 4.99
N TRP A 199 2.47 -12.47 5.77
CA TRP A 199 1.46 -11.98 6.73
C TRP A 199 0.30 -11.25 6.05
N ILE A 200 0.16 -11.35 4.71
CA ILE A 200 -0.91 -10.61 4.02
C ILE A 200 -2.09 -11.47 3.56
N TRP A 201 -3.28 -10.95 3.83
CA TRP A 201 -4.54 -11.42 3.30
C TRP A 201 -5.18 -10.18 2.62
N PRO A 202 -5.72 -10.23 1.36
CA PRO A 202 -5.85 -11.41 0.46
C PRO A 202 -4.53 -12.06 0.09
N ARG A 203 -4.53 -13.38 -0.13
CA ARG A 203 -3.28 -14.07 -0.46
C ARG A 203 -3.47 -14.99 -1.67
N HIS A 204 -2.48 -15.05 -2.55
CA HIS A 204 -2.59 -15.82 -3.80
C HIS A 204 -1.49 -16.86 -4.00
N THR A 205 -0.92 -17.33 -2.89
CA THR A 205 0.19 -18.28 -2.89
C THR A 205 -0.23 -19.75 -2.79
N GLY A 206 0.25 -20.58 -3.72
CA GLY A 206 0.00 -22.03 -3.71
C GLY A 206 1.06 -22.73 -2.88
N ASP A 207 1.08 -22.40 -1.60
CA ASP A 207 2.08 -22.86 -0.64
C ASP A 207 1.94 -24.31 -0.24
N PHE A 208 2.38 -25.23 -1.11
CA PHE A 208 2.37 -26.66 -0.81
C PHE A 208 3.61 -27.39 -1.39
N SER A 209 3.93 -28.54 -0.81
CA SER A 209 4.94 -29.48 -1.26
C SER A 209 4.52 -30.88 -0.79
N ILE A 210 5.01 -31.91 -1.50
CA ILE A 210 4.57 -33.28 -1.31
C ILE A 210 5.75 -34.18 -1.01
N PHE A 211 5.61 -35.01 0.01
CA PHE A 211 6.62 -35.96 0.44
C PHE A 211 5.97 -37.34 0.59
N ARG A 212 6.76 -38.37 0.88
CA ARG A 212 6.24 -39.70 1.12
C ARG A 212 7.08 -40.32 2.20
N ILE A 213 6.40 -40.90 3.19
CA ILE A 213 7.08 -41.58 4.27
C ILE A 213 7.40 -43.00 3.80
N TYR A 214 8.64 -43.40 3.98
CA TYR A 214 9.11 -44.74 3.69
C TYR A 214 9.47 -45.38 5.02
N ALA A 215 9.44 -46.71 5.05
CA ALA A 215 9.69 -47.50 6.26
C ALA A 215 10.24 -48.91 5.86
N ASP A 216 10.52 -49.81 6.83
CA ASP A 216 10.93 -51.17 6.50
C ASP A 216 9.66 -51.95 6.05
N LYS A 217 9.84 -53.24 5.67
CA LYS A 217 8.79 -54.14 5.19
C LYS A 217 7.59 -54.24 6.13
N ASN A 218 7.80 -54.06 7.45
CA ASN A 218 6.70 -54.13 8.41
C ASN A 218 6.11 -52.77 8.78
N GLY A 219 6.42 -51.72 8.01
CA GLY A 219 5.94 -50.37 8.28
C GLY A 219 6.57 -49.70 9.49
N ASN A 220 7.66 -50.28 10.01
CA ASN A 220 8.35 -49.74 11.17
C ASN A 220 9.38 -48.72 10.73
N PRO A 221 9.63 -47.67 11.54
CA PRO A 221 10.62 -46.66 11.15
C PRO A 221 11.99 -47.24 10.86
N ALA A 222 12.68 -46.61 9.91
CA ALA A 222 14.01 -47.04 9.52
C ALA A 222 14.70 -45.88 8.81
N PRO A 223 16.01 -45.68 9.04
CA PRO A 223 16.73 -44.64 8.29
C PRO A 223 16.75 -44.97 6.80
N TYR A 224 17.13 -44.00 5.95
CA TYR A 224 17.18 -44.23 4.50
C TYR A 224 17.92 -45.51 4.10
N SER A 225 17.27 -46.28 3.23
CA SER A 225 17.76 -47.50 2.63
C SER A 225 17.05 -47.68 1.30
N GLU A 226 17.80 -48.11 0.28
CA GLU A 226 17.22 -48.42 -1.02
C GLU A 226 16.17 -49.57 -0.92
N ASP A 227 16.21 -50.36 0.17
CA ASP A 227 15.26 -51.45 0.43
C ASP A 227 13.96 -50.96 1.12
N ASN A 228 13.91 -49.70 1.58
CA ASN A 228 12.71 -49.17 2.21
C ASN A 228 11.56 -49.09 1.24
N VAL A 229 10.36 -49.29 1.77
CA VAL A 229 9.10 -49.35 1.03
C VAL A 229 8.14 -48.28 1.58
N PRO A 230 7.23 -47.71 0.75
CA PRO A 230 6.29 -46.70 1.25
C PRO A 230 5.47 -47.21 2.45
N LEU A 231 5.22 -46.33 3.42
CA LEU A 231 4.48 -46.71 4.62
C LEU A 231 3.00 -46.83 4.31
N LYS A 232 2.36 -47.92 4.79
CA LYS A 232 0.91 -48.05 4.72
C LYS A 232 0.49 -47.52 6.09
N PRO A 233 -0.18 -46.36 6.15
CA PRO A 233 -0.50 -45.79 7.47
C PRO A 233 -1.81 -46.28 8.09
N LYS A 234 -1.95 -46.06 9.39
CA LYS A 234 -3.12 -46.34 10.22
C LYS A 234 -4.34 -45.55 9.67
N ARG A 235 -4.10 -44.33 9.18
CA ARG A 235 -5.17 -43.43 8.74
C ARG A 235 -4.61 -42.37 7.79
N PHE A 236 -5.45 -41.94 6.84
CA PHE A 236 -5.11 -40.85 5.94
C PHE A 236 -6.34 -39.97 5.66
N PHE A 237 -6.11 -38.73 5.21
CA PHE A 237 -7.22 -37.83 4.93
C PHE A 237 -7.82 -38.08 3.57
N ASN A 238 -9.15 -38.01 3.49
CA ASN A 238 -9.82 -38.02 2.20
C ASN A 238 -9.78 -36.55 1.73
N ILE A 239 -9.64 -36.35 0.43
CA ILE A 239 -9.58 -35.00 -0.14
C ILE A 239 -10.96 -34.61 -0.57
N SER A 240 -11.43 -33.43 -0.17
CA SER A 240 -12.73 -32.96 -0.62
C SER A 240 -12.59 -32.08 -1.85
N LEU A 241 -13.51 -32.24 -2.81
CA LEU A 241 -13.59 -31.31 -3.95
C LEU A 241 -14.86 -30.41 -3.89
N GLY A 242 -15.64 -30.54 -2.80
CA GLY A 242 -16.83 -29.75 -2.53
C GLY A 242 -16.58 -28.28 -2.29
N GLY A 243 -15.34 -27.94 -1.95
CA GLY A 243 -14.94 -26.55 -1.73
C GLY A 243 -15.40 -25.95 -0.42
N VAL A 244 -15.38 -24.62 -0.36
CA VAL A 244 -15.81 -23.89 0.82
C VAL A 244 -16.75 -22.76 0.40
N GLN A 245 -17.61 -22.36 1.33
CA GLN A 245 -18.50 -21.22 1.19
C GLN A 245 -18.37 -20.41 2.47
N GLU A 246 -18.73 -19.13 2.44
CA GLU A 246 -18.69 -18.27 3.62
C GLU A 246 -19.54 -18.88 4.74
N ASN A 247 -19.00 -18.86 5.96
CA ASN A 247 -19.62 -19.37 7.18
C ASN A 247 -19.50 -20.88 7.35
N ASP A 248 -18.84 -21.60 6.43
CA ASP A 248 -18.66 -23.04 6.59
C ASP A 248 -17.77 -23.33 7.75
N TYR A 249 -18.05 -24.39 8.46
CA TYR A 249 -17.24 -24.88 9.57
C TYR A 249 -15.88 -25.32 9.02
N ALA A 250 -14.83 -24.95 9.72
CA ALA A 250 -13.48 -25.40 9.39
C ALA A 250 -12.74 -25.73 10.69
N MET A 251 -11.89 -26.73 10.66
CA MET A 251 -11.09 -27.08 11.82
C MET A 251 -9.69 -27.47 11.42
N ILE A 252 -8.76 -27.28 12.33
CA ILE A 252 -7.35 -27.58 12.09
C ILE A 252 -6.77 -28.39 13.25
N MET A 253 -5.84 -29.27 12.93
CA MET A 253 -5.01 -29.97 13.89
C MET A 253 -3.58 -29.65 13.50
N GLY A 254 -2.73 -29.41 14.49
CA GLY A 254 -1.33 -29.11 14.24
C GLY A 254 -0.53 -28.87 15.49
N PHE A 255 0.65 -28.28 15.34
CA PHE A 255 1.56 -28.13 16.47
C PHE A 255 1.91 -26.67 16.74
N PRO A 256 0.97 -25.84 17.24
CA PRO A 256 1.33 -24.45 17.56
C PRO A 256 2.44 -24.40 18.58
N GLY A 257 3.42 -23.55 18.33
CA GLY A 257 4.60 -23.48 19.17
C GLY A 257 4.47 -22.73 20.47
N THR A 258 4.12 -21.44 20.43
CA THR A 258 4.06 -20.62 21.65
C THR A 258 2.91 -19.62 21.62
N THR A 259 2.33 -19.35 22.78
CA THR A 259 1.35 -18.28 22.98
C THR A 259 1.64 -17.70 24.37
N HIS A 260 1.03 -16.56 24.70
CA HIS A 260 1.16 -15.89 25.97
C HIS A 260 -0.23 -15.43 26.41
N ARG A 261 -1.17 -16.39 26.47
CA ARG A 261 -2.56 -16.12 26.82
C ARG A 261 -2.77 -15.74 28.30
N TYR A 262 -1.76 -15.97 29.16
CA TYR A 262 -1.89 -15.66 30.58
C TYR A 262 -0.95 -14.60 31.05
N PHE A 263 -0.49 -13.73 30.13
CA PHE A 263 0.32 -12.56 30.43
C PHE A 263 -0.44 -11.66 31.42
N THR A 264 0.26 -11.03 32.37
CA THR A 264 -0.38 -10.03 33.22
C THR A 264 -0.46 -8.74 32.34
N ALA A 265 -1.18 -7.71 32.81
CA ALA A 265 -1.24 -6.44 32.11
C ALA A 265 0.18 -5.81 32.06
N SER A 266 0.98 -5.99 33.11
CA SER A 266 2.34 -5.47 33.16
C SER A 266 3.26 -6.14 32.13
N GLU A 267 3.00 -7.42 31.80
CA GLU A 267 3.75 -8.17 30.81
C GLU A 267 3.37 -7.70 29.41
N VAL A 268 2.09 -7.35 29.17
CA VAL A 268 1.66 -6.76 27.89
C VAL A 268 2.38 -5.40 27.72
N ASP A 269 2.43 -4.57 28.79
CA ASP A 269 3.10 -3.25 28.72
C ASP A 269 4.58 -3.38 28.43
N GLU A 270 5.22 -4.38 29.06
CA GLU A 270 6.64 -4.66 28.86
C GLU A 270 6.88 -5.10 27.40
N TRP A 271 6.05 -6.00 26.88
CA TRP A 271 6.15 -6.50 25.51
C TRP A 271 6.04 -5.35 24.49
N LYS A 272 5.13 -4.43 24.72
CA LYS A 272 4.96 -3.25 23.86
C LYS A 272 6.15 -2.29 23.99
N SER A 273 6.40 -1.77 25.21
CA SER A 273 7.33 -0.67 25.47
C SER A 273 8.79 -1.02 25.41
N ILE A 274 9.13 -2.31 25.56
CA ILE A 274 10.50 -2.74 25.48
C ILE A 274 10.70 -3.60 24.21
N ASP A 275 10.25 -4.86 24.21
CA ASP A 275 10.42 -5.83 23.14
C ASP A 275 10.05 -5.28 21.78
N ASN A 276 8.79 -4.87 21.61
CA ASN A 276 8.29 -4.42 20.33
C ASN A 276 8.82 -3.03 19.91
N ASP A 277 8.76 -2.01 20.79
CA ASP A 277 9.22 -0.65 20.40
C ASP A 277 10.69 -0.62 20.04
N ILE A 278 11.52 -1.39 20.75
CA ILE A 278 12.96 -1.41 20.45
C ILE A 278 13.20 -2.14 19.12
N ARG A 279 12.57 -3.31 18.91
CA ARG A 279 12.68 -4.05 17.64
C ARG A 279 12.24 -3.16 16.46
N ILE A 280 11.11 -2.46 16.60
CA ILE A 280 10.60 -1.57 15.56
C ILE A 280 11.56 -0.41 15.30
N ARG A 281 11.95 0.31 16.36
CA ARG A 281 12.85 1.45 16.19
C ARG A 281 14.20 1.04 15.57
N MET A 282 14.86 0.02 16.13
CA MET A 282 16.16 -0.43 15.65
C MET A 282 16.12 -1.05 14.26
N ARG A 283 15.08 -1.83 13.92
CA ARG A 283 14.99 -2.45 12.60
C ARG A 283 14.64 -1.45 11.54
N ASP A 284 13.88 -0.41 11.87
CA ASP A 284 13.57 0.63 10.91
C ASP A 284 14.86 1.39 10.56
N ILE A 285 15.71 1.68 11.55
CA ILE A 285 17.01 2.33 11.27
C ILE A 285 17.87 1.46 10.34
N ARG A 286 18.06 0.20 10.70
CA ARG A 286 18.87 -0.76 9.94
C ARG A 286 18.38 -0.97 8.51
N GLN A 287 17.08 -1.23 8.36
CA GLN A 287 16.41 -1.46 7.09
C GLN A 287 16.45 -0.21 6.24
N GLY A 288 16.27 0.97 6.82
CA GLY A 288 16.34 2.23 6.09
C GLY A 288 17.70 2.45 5.45
N VAL A 289 18.79 2.17 6.19
CA VAL A 289 20.14 2.34 5.59
C VAL A 289 20.36 1.27 4.51
N MET A 290 19.95 0.03 4.82
CA MET A 290 20.11 -1.08 3.87
C MET A 290 19.39 -0.83 2.56
N LEU A 291 18.13 -0.35 2.62
CA LEU A 291 17.32 -0.11 1.46
C LEU A 291 17.92 0.97 0.61
N ARG A 292 18.36 2.07 1.23
CA ARG A 292 19.01 3.14 0.48
C ARG A 292 20.26 2.65 -0.26
N GLU A 293 21.06 1.77 0.34
CA GLU A 293 22.25 1.25 -0.31
C GLU A 293 21.93 0.26 -1.41
N MET A 294 20.88 -0.57 -1.20
CA MET A 294 20.46 -1.56 -2.18
C MET A 294 19.89 -0.88 -3.42
N LEU A 295 19.11 0.20 -3.23
CA LEU A 295 18.52 0.96 -4.34
C LEU A 295 19.58 1.73 -5.14
N ALA A 296 20.69 2.14 -4.50
CA ALA A 296 21.74 2.89 -5.16
C ALA A 296 22.73 2.01 -5.96
N ASP A 297 22.87 0.73 -5.57
CA ASP A 297 23.84 -0.15 -6.20
C ASP A 297 23.22 -1.54 -6.43
N PRO A 298 23.09 -1.96 -7.71
CA PRO A 298 22.51 -3.28 -8.01
C PRO A 298 23.26 -4.44 -7.35
N GLN A 299 24.57 -4.31 -7.20
CA GLN A 299 25.36 -5.35 -6.58
C GLN A 299 25.07 -5.42 -5.07
N ILE A 300 24.81 -4.26 -4.42
CA ILE A 300 24.43 -4.22 -3.00
C ILE A 300 23.05 -4.87 -2.80
N LYS A 301 22.13 -4.66 -3.75
CA LYS A 301 20.81 -5.29 -3.69
C LYS A 301 20.93 -6.83 -3.69
N ILE A 302 21.82 -7.38 -4.52
CA ILE A 302 22.04 -8.83 -4.57
C ILE A 302 22.62 -9.32 -3.25
N MET A 303 23.65 -8.63 -2.75
CA MET A 303 24.32 -9.01 -1.52
C MET A 303 23.46 -8.91 -0.27
N TYR A 304 22.58 -7.90 -0.17
CA TYR A 304 21.81 -7.63 1.05
C TYR A 304 20.32 -7.95 1.01
N SER A 305 19.80 -8.48 -0.11
CA SER A 305 18.35 -8.77 -0.22
C SER A 305 17.83 -9.74 0.81
N ALA A 306 18.54 -10.83 1.04
CA ALA A 306 18.12 -11.83 2.01
C ALA A 306 18.23 -11.27 3.44
N LYS A 307 19.32 -10.55 3.78
CA LYS A 307 19.46 -9.95 5.11
C LYS A 307 18.39 -8.92 5.38
N TYR A 308 17.98 -8.17 4.35
CA TYR A 308 16.94 -7.17 4.46
C TYR A 308 15.60 -7.89 4.75
N ALA A 309 15.27 -8.91 3.94
CA ALA A 309 14.02 -9.67 4.08
C ALA A 309 13.97 -10.42 5.45
N ALA A 310 15.09 -10.96 5.94
CA ALA A 310 15.11 -11.64 7.24
C ALA A 310 14.82 -10.66 8.39
N SER A 311 15.25 -9.41 8.27
CA SER A 311 15.02 -8.40 9.30
C SER A 311 13.55 -7.96 9.32
N GLN A 312 12.96 -7.83 8.14
CA GLN A 312 11.60 -7.37 7.92
C GLN A 312 10.53 -8.29 8.49
N ASN A 313 10.78 -9.59 8.47
CA ASN A 313 9.79 -10.57 8.92
C ASN A 313 9.30 -10.33 10.36
N ALA A 314 10.21 -10.28 11.37
CA ALA A 314 9.78 -9.99 12.76
C ALA A 314 9.47 -8.52 13.00
N TYR A 315 9.97 -7.61 12.14
CA TYR A 315 9.64 -6.21 12.18
C TYR A 315 8.14 -6.05 11.91
N LYS A 316 7.65 -6.70 10.85
CA LYS A 316 6.24 -6.65 10.47
C LYS A 316 5.36 -7.26 11.57
N ARG A 317 5.84 -8.37 12.17
CA ARG A 317 5.13 -9.04 13.26
C ARG A 317 4.99 -8.09 14.46
N ALA A 318 6.08 -7.40 14.82
CA ALA A 318 6.06 -6.45 15.95
C ALA A 318 5.13 -5.26 15.69
N ILE A 319 5.03 -4.78 14.43
CA ILE A 319 4.11 -3.71 14.04
C ILE A 319 2.65 -4.20 14.23
N GLY A 320 2.33 -5.39 13.76
CA GLY A 320 0.98 -5.94 13.92
C GLY A 320 0.62 -6.19 15.37
N ALA A 321 1.62 -6.62 16.17
CA ALA A 321 1.40 -6.92 17.59
C ALA A 321 1.16 -5.62 18.33
N ASN A 322 1.96 -4.58 18.05
CA ASN A 322 1.76 -3.27 18.65
C ASN A 322 0.44 -2.62 18.23
N TRP A 323 -0.02 -2.86 16.99
CA TRP A 323 -1.30 -2.30 16.54
C TRP A 323 -2.43 -2.92 17.41
N ALA A 324 -2.34 -4.25 17.70
CA ALA A 324 -3.33 -4.91 18.55
C ALA A 324 -3.30 -4.35 19.98
N ILE A 325 -2.10 -4.11 20.53
CA ILE A 325 -1.99 -3.57 21.89
C ILE A 325 -2.64 -2.18 21.96
N LYS A 326 -2.41 -1.37 20.91
CA LYS A 326 -2.94 -0.01 20.85
C LYS A 326 -4.45 0.07 20.62
N THR A 327 -4.99 -0.80 19.75
CA THR A 327 -6.39 -0.68 19.36
C THR A 327 -7.35 -1.77 19.85
N ARG A 328 -6.86 -2.94 20.30
CA ARG A 328 -7.77 -4.03 20.68
C ARG A 328 -7.89 -4.30 22.19
N GLY A 329 -7.38 -3.39 22.99
CA GLY A 329 -7.50 -3.47 24.44
C GLY A 329 -6.84 -4.69 25.07
N LEU A 330 -5.64 -5.09 24.59
CA LEU A 330 -5.00 -6.31 25.14
C LEU A 330 -4.63 -6.10 26.60
N ARG A 331 -4.06 -4.93 26.92
CA ARG A 331 -3.65 -4.62 28.29
C ARG A 331 -4.83 -4.65 29.25
N GLN A 332 -5.90 -3.94 28.90
CA GLN A 332 -7.13 -3.80 29.66
C GLN A 332 -7.79 -5.14 29.89
N ASN A 333 -7.81 -6.01 28.88
CA ASN A 333 -8.40 -7.31 29.01
C ASN A 333 -7.60 -8.23 29.94
N LYS A 334 -6.26 -8.11 29.97
CA LYS A 334 -5.46 -8.87 30.93
C LYS A 334 -5.66 -8.33 32.35
N GLN A 335 -5.81 -7.01 32.47
CA GLN A 335 -6.05 -6.34 33.74
C GLN A 335 -7.39 -6.82 34.31
N ALA A 336 -8.43 -6.91 33.45
CA ALA A 336 -9.74 -7.40 33.87
C ALA A 336 -9.67 -8.87 34.30
N MET A 337 -8.89 -9.68 33.59
CA MET A 337 -8.73 -11.10 33.88
C MET A 337 -8.11 -11.27 35.27
N GLN A 338 -7.06 -10.50 35.57
CA GLN A 338 -6.40 -10.63 36.86
C GLN A 338 -7.21 -9.98 38.01
N ASP A 339 -7.96 -8.89 37.73
CA ASP A 339 -8.82 -8.25 38.74
C ASP A 339 -9.96 -9.17 39.16
N ARG A 340 -10.50 -9.92 38.20
CA ARG A 340 -11.57 -10.86 38.42
C ARG A 340 -11.07 -12.00 39.33
N LEU A 341 -9.86 -12.49 39.08
CA LEU A 341 -9.29 -13.57 39.89
C LEU A 341 -9.01 -13.08 41.31
N ILE A 342 -8.47 -11.86 41.45
CA ILE A 342 -8.16 -11.24 42.73
C ILE A 342 -9.42 -11.04 43.56
N ALA A 343 -10.52 -10.63 42.92
CA ALA A 343 -11.80 -10.47 43.62
C ALA A 343 -12.34 -11.82 44.10
N TRP A 344 -12.22 -12.84 43.25
CA TRP A 344 -12.70 -14.18 43.57
C TRP A 344 -11.89 -14.82 44.71
N GLY A 345 -10.58 -14.59 44.71
CA GLY A 345 -9.67 -15.07 45.74
C GLY A 345 -9.96 -14.42 47.08
N ALA A 346 -10.31 -13.12 47.07
CA ALA A 346 -10.67 -12.39 48.28
C ALA A 346 -11.97 -12.99 48.88
N LYS A 347 -12.93 -13.38 48.02
CA LYS A 347 -14.18 -14.03 48.45
C LYS A 347 -13.93 -15.46 48.94
N GLN A 348 -12.99 -16.19 48.32
CA GLN A 348 -12.63 -17.56 48.72
C GLN A 348 -11.80 -17.60 50.01
N GLY A 349 -11.22 -16.48 50.44
CA GLY A 349 -10.34 -16.41 51.59
C GLY A 349 -8.93 -16.89 51.29
N THR A 350 -8.55 -16.91 49.98
CA THR A 350 -7.24 -17.37 49.52
C THR A 350 -6.48 -16.23 48.86
N PRO A 351 -5.56 -15.58 49.59
CA PRO A 351 -4.81 -14.46 49.00
C PRO A 351 -3.65 -14.85 48.09
N ARG A 352 -3.40 -16.15 47.86
CA ARG A 352 -2.25 -16.56 47.05
C ARG A 352 -2.30 -16.11 45.58
N TYR A 353 -3.49 -15.89 45.02
CA TYR A 353 -3.64 -15.46 43.63
C TYR A 353 -3.24 -14.04 43.44
N GLU A 354 -3.65 -13.16 44.36
CA GLU A 354 -3.28 -11.74 44.33
C GLU A 354 -1.77 -11.59 44.58
N GLU A 355 -1.23 -12.41 45.50
CA GLU A 355 0.19 -12.41 45.82
C GLU A 355 1.01 -12.83 44.59
N ALA A 356 0.49 -13.81 43.81
CA ALA A 356 1.15 -14.28 42.59
C ALA A 356 1.17 -13.20 41.49
N VAL A 357 0.05 -12.49 41.28
CA VAL A 357 0.00 -11.40 40.29
C VAL A 357 0.97 -10.27 40.71
N HIS A 358 0.99 -9.95 42.02
CA HIS A 358 1.89 -8.95 42.57
C HIS A 358 3.36 -9.32 42.34
N GLU A 359 3.75 -10.62 42.53
CA GLU A 359 5.12 -11.05 42.28
C GLU A 359 5.50 -10.89 40.83
N ILE A 360 4.56 -11.17 39.90
CA ILE A 360 4.84 -10.97 38.48
C ILE A 360 5.04 -9.48 38.18
N ASP A 361 4.15 -8.60 38.68
CA ASP A 361 4.27 -7.15 38.47
C ASP A 361 5.58 -6.61 39.04
N ALA A 362 5.96 -7.05 40.26
CA ALA A 362 7.18 -6.60 40.91
C ALA A 362 8.40 -7.06 40.13
N THR A 363 8.38 -8.30 39.62
CA THR A 363 9.51 -8.81 38.83
C THR A 363 9.64 -8.05 37.50
N VAL A 364 8.51 -7.80 36.84
CA VAL A 364 8.52 -7.05 35.58
C VAL A 364 9.08 -5.63 35.80
N ALA A 365 8.62 -4.95 36.87
CA ALA A 365 9.09 -3.59 37.14
C ALA A 365 10.58 -3.55 37.48
N LYS A 366 11.06 -4.57 38.20
CA LYS A 366 12.45 -4.70 38.62
C LYS A 366 13.44 -4.90 37.48
N ARG A 367 13.10 -5.75 36.51
CA ARG A 367 13.99 -6.02 35.38
C ARG A 367 13.87 -5.02 34.23
N ALA A 368 13.01 -4.00 34.33
CA ALA A 368 12.80 -3.04 33.24
C ALA A 368 14.09 -2.47 32.60
N ASP A 369 14.99 -1.87 33.39
CA ASP A 369 16.20 -1.24 32.87
C ASP A 369 17.11 -2.25 32.18
N LEU A 370 17.31 -3.41 32.82
CA LEU A 370 18.12 -4.50 32.29
C LEU A 370 17.57 -5.05 30.97
N ARG A 371 16.25 -5.35 30.90
CA ARG A 371 15.59 -5.87 29.71
C ARG A 371 15.68 -4.84 28.56
N ARG A 372 15.52 -3.56 28.87
CA ARG A 372 15.66 -2.47 27.90
C ARG A 372 17.11 -2.47 27.35
N ARG A 373 18.11 -2.57 28.23
CA ARG A 373 19.52 -2.63 27.80
C ARG A 373 19.80 -3.87 26.94
N TYR A 374 19.18 -5.01 27.29
CA TYR A 374 19.34 -6.28 26.56
C TYR A 374 18.78 -6.18 25.13
N TRP A 375 17.54 -5.71 24.98
CA TRP A 375 16.94 -5.56 23.67
C TRP A 375 17.66 -4.50 22.84
N MET A 376 18.12 -3.43 23.47
CA MET A 376 18.86 -2.37 22.78
C MET A 376 20.15 -2.92 22.17
N ILE A 377 20.91 -3.72 22.91
CA ILE A 377 22.15 -4.28 22.39
C ILE A 377 21.88 -5.42 21.40
N GLU A 378 20.85 -6.25 21.64
CA GLU A 378 20.52 -7.33 20.74
C GLU A 378 20.04 -6.82 19.37
N GLU A 379 19.09 -5.91 19.37
CA GLU A 379 18.56 -5.35 18.14
C GLU A 379 19.52 -4.34 17.50
N GLY A 380 20.12 -3.51 18.33
CA GLY A 380 21.01 -2.46 17.84
C GLY A 380 22.37 -2.89 17.36
N ILE A 381 22.97 -3.89 18.02
CA ILE A 381 24.35 -4.32 17.69
C ILE A 381 24.49 -5.78 17.32
N ILE A 382 24.02 -6.73 18.19
CA ILE A 382 24.18 -8.17 17.95
C ILE A 382 23.60 -8.57 16.60
N ARG A 383 22.37 -8.10 16.33
CA ARG A 383 21.68 -8.32 15.07
C ARG A 383 21.93 -7.16 14.10
N GLY A 384 22.00 -5.95 14.63
CA GLY A 384 22.09 -4.76 13.83
C GLY A 384 23.36 -4.51 13.06
N ILE A 385 24.53 -4.87 13.64
CA ILE A 385 25.84 -4.57 13.04
C ILE A 385 26.62 -5.84 12.71
N GLU A 386 26.90 -6.06 11.41
CA GLU A 386 27.60 -7.29 10.99
C GLU A 386 28.99 -7.47 11.59
N PHE A 387 29.77 -6.37 11.76
CA PHE A 387 31.11 -6.52 12.35
C PHE A 387 31.07 -6.83 13.86
N ALA A 388 29.88 -6.88 14.50
CA ALA A 388 29.80 -7.40 15.88
C ALA A 388 30.10 -8.92 15.84
N ARG A 389 29.75 -9.61 14.72
CA ARG A 389 30.04 -11.03 14.56
C ARG A 389 31.33 -11.28 13.75
N SER A 390 32.29 -10.37 13.87
CA SER A 390 33.59 -10.53 13.23
C SER A 390 34.43 -11.52 14.11
N PRO A 391 35.57 -12.05 13.61
CA PRO A 391 36.31 -13.04 14.40
C PRO A 391 36.91 -12.56 15.72
N ILE A 392 36.76 -13.41 16.74
CA ILE A 392 37.36 -13.18 18.05
C ILE A 392 38.31 -14.36 18.31
N PRO A 393 39.62 -14.08 18.47
CA PRO A 393 40.58 -15.17 18.72
C PRO A 393 40.27 -15.97 19.97
N THR A 394 40.20 -17.30 19.85
CA THR A 394 39.92 -18.15 21.02
C THR A 394 41.13 -18.13 22.01
N GLU A 395 40.91 -18.64 23.23
CA GLU A 395 41.97 -18.75 24.25
C GLU A 395 43.09 -19.67 23.74
N ASP A 396 42.72 -20.78 23.07
CA ASP A 396 43.68 -21.72 22.48
C ASP A 396 44.33 -21.16 21.21
N GLU A 397 43.61 -20.27 20.47
CA GLU A 397 44.16 -19.61 19.28
C GLU A 397 45.25 -18.61 19.70
N THR A 398 44.98 -17.80 20.73
CA THR A 398 45.95 -16.86 21.27
C THR A 398 47.18 -17.61 21.87
N LYS A 399 46.97 -18.79 22.48
CA LYS A 399 48.07 -19.57 23.03
C LYS A 399 48.98 -20.08 21.90
N ALA A 400 48.36 -20.52 20.78
CA ALA A 400 49.11 -21.03 19.62
C ALA A 400 49.98 -19.94 18.96
N LEU A 401 49.55 -18.68 19.00
CA LEU A 401 50.33 -17.59 18.42
C LEU A 401 51.47 -17.11 19.33
N GLN A 402 51.39 -17.40 20.65
CA GLN A 402 52.41 -16.99 21.61
C GLN A 402 53.44 -18.11 21.84
N ASP A 405 55.56 -20.87 19.85
CA ASP A 405 56.84 -21.44 19.41
C ASP A 405 56.69 -22.88 18.88
N ALA A 406 55.74 -23.10 17.96
CA ALA A 406 55.45 -24.41 17.36
C ALA A 406 54.77 -24.25 15.96
N SER A 407 54.57 -25.36 15.18
CA SER A 407 53.83 -25.26 13.90
C SER A 407 52.31 -25.05 14.10
N ALA A 408 51.86 -24.90 15.36
CA ALA A 408 50.47 -24.64 15.71
C ALA A 408 50.06 -23.18 15.40
N ARG A 409 51.02 -22.31 15.00
CA ARG A 409 50.81 -20.91 14.62
C ARG A 409 50.04 -20.93 13.31
N LYS A 410 50.53 -21.69 12.30
CA LYS A 410 49.86 -21.81 11.01
C LYS A 410 48.46 -22.44 11.10
N GLU A 411 48.22 -23.27 12.13
CA GLU A 411 46.92 -23.87 12.35
C GLU A 411 45.95 -22.83 12.95
N ALA A 412 46.46 -21.95 13.84
CA ALA A 412 45.65 -20.91 14.47
C ALA A 412 45.27 -19.86 13.41
N ILE A 413 46.20 -19.50 12.55
CA ILE A 413 45.96 -18.55 11.47
C ILE A 413 45.00 -19.13 10.43
N ASP A 414 45.07 -20.45 10.16
CA ASP A 414 44.14 -21.06 9.20
C ASP A 414 42.71 -21.05 9.75
N LYS A 415 42.56 -21.25 11.06
CA LYS A 415 41.25 -21.24 11.69
C LYS A 415 40.67 -19.82 11.69
N ILE A 416 41.49 -18.81 12.06
CA ILE A 416 41.08 -17.40 12.08
C ILE A 416 40.76 -16.93 10.67
N ARG A 417 41.55 -17.34 9.67
CA ARG A 417 41.28 -16.99 8.27
C ARG A 417 39.93 -17.54 7.83
N THR A 418 39.61 -18.77 8.22
CA THR A 418 38.34 -19.40 7.86
C THR A 418 37.16 -18.59 8.37
N ARG A 419 37.26 -18.12 9.63
CA ARG A 419 36.23 -17.30 10.25
C ARG A 419 36.18 -15.90 9.64
N TYR A 420 37.35 -15.34 9.24
CA TYR A 420 37.39 -14.04 8.61
C TYR A 420 36.68 -14.13 7.23
N SER A 421 36.96 -15.18 6.48
CA SER A 421 36.37 -15.40 5.16
C SER A 421 34.85 -15.67 5.25
N LYS A 422 34.38 -16.22 6.38
CA LYS A 422 32.93 -16.43 6.59
C LYS A 422 32.26 -15.09 6.96
N PHE A 423 32.96 -14.22 7.70
CA PHE A 423 32.45 -12.89 8.07
C PHE A 423 32.45 -11.97 6.83
N ALA A 424 33.61 -11.80 6.20
CA ALA A 424 33.74 -10.99 4.99
C ALA A 424 33.47 -11.88 3.77
N ASN A 425 32.26 -12.45 3.67
CA ASN A 425 31.92 -13.33 2.56
C ASN A 425 31.45 -12.54 1.31
N LYS A 426 31.05 -13.24 0.22
CA LYS A 426 30.61 -12.61 -1.03
C LYS A 426 29.46 -11.61 -0.85
N ASP A 427 28.70 -11.73 0.23
CA ASP A 427 27.57 -10.84 0.50
C ASP A 427 27.85 -9.73 1.50
N TYR A 428 29.10 -9.64 2.00
CA TYR A 428 29.44 -8.63 2.98
C TYR A 428 30.06 -7.39 2.35
N SER A 429 29.49 -6.23 2.66
CA SER A 429 30.07 -4.97 2.21
C SER A 429 30.46 -4.18 3.47
N ALA A 430 31.76 -3.93 3.64
CA ALA A 430 32.33 -3.13 4.72
C ALA A 430 31.75 -1.71 4.67
N GLU A 431 31.56 -1.15 3.45
CA GLU A 431 30.99 0.19 3.31
C GLU A 431 29.53 0.24 3.78
N VAL A 432 28.70 -0.76 3.42
CA VAL A 432 27.32 -0.81 3.87
C VAL A 432 27.28 -1.00 5.37
N ASP A 433 28.11 -1.90 5.89
CA ASP A 433 28.19 -2.15 7.31
C ASP A 433 28.65 -0.93 8.10
N LYS A 434 29.61 -0.15 7.60
CA LYS A 434 30.01 1.09 8.27
C LYS A 434 28.83 2.08 8.31
N LYS A 435 28.06 2.19 7.24
CA LYS A 435 26.88 3.07 7.21
C LYS A 435 25.80 2.61 8.16
N VAL A 436 25.54 1.30 8.19
CA VAL A 436 24.55 0.75 9.12
C VAL A 436 25.01 0.98 10.56
N ALA A 437 26.30 0.71 10.86
CA ALA A 437 26.86 0.87 12.19
C ALA A 437 26.81 2.29 12.68
N VAL A 438 27.09 3.26 11.83
CA VAL A 438 27.03 4.66 12.25
C VAL A 438 25.58 5.04 12.65
N ALA A 439 24.59 4.61 11.88
CA ALA A 439 23.19 4.92 12.23
C ALA A 439 22.71 4.16 13.51
N MET A 440 23.06 2.87 13.60
CA MET A 440 22.66 2.04 14.74
C MET A 440 23.32 2.49 16.02
N LEU A 441 24.66 2.74 15.98
CA LEU A 441 25.41 3.19 17.14
C LEU A 441 24.97 4.55 17.59
N THR A 442 24.63 5.45 16.67
CA THR A 442 24.12 6.79 17.02
C THR A 442 22.85 6.66 17.86
N GLU A 443 21.92 5.79 17.45
CA GLU A 443 20.71 5.57 18.23
C GLU A 443 21.04 4.89 19.55
N TYR A 444 21.87 3.82 19.52
CA TYR A 444 22.26 3.09 20.71
C TYR A 444 22.90 4.01 21.77
N LEU A 445 23.86 4.87 21.37
CA LEU A 445 24.56 5.79 22.26
C LEU A 445 23.66 6.87 22.86
N LYS A 446 22.60 7.24 22.15
CA LYS A 446 21.59 8.19 22.65
C LYS A 446 20.70 7.50 23.74
N GLU A 447 20.48 6.18 23.64
CA GLU A 447 19.62 5.46 24.56
C GLU A 447 20.30 4.81 25.75
N ILE A 448 21.57 4.43 25.58
CA ILE A 448 22.31 3.74 26.63
C ILE A 448 23.34 4.68 27.23
N PRO A 449 23.22 5.01 28.53
CA PRO A 449 24.18 5.95 29.12
C PRO A 449 25.59 5.38 29.17
N TYR A 450 26.59 6.28 29.23
CA TYR A 450 28.02 5.92 29.28
C TYR A 450 28.34 4.80 30.27
N GLU A 451 27.84 4.89 31.52
CA GLU A 451 28.11 3.87 32.54
C GLU A 451 27.53 2.49 32.22
N ASN A 452 26.61 2.40 31.27
CA ASN A 452 26.02 1.11 30.86
C ASN A 452 26.49 0.61 29.49
N LEU A 453 27.46 1.30 28.88
CA LEU A 453 27.95 0.94 27.55
C LEU A 453 28.88 -0.26 27.61
N PRO A 454 28.93 -1.07 26.53
CA PRO A 454 30.04 -2.03 26.40
C PRO A 454 31.34 -1.19 26.39
N LEU A 455 32.35 -1.61 27.18
CA LEU A 455 33.59 -0.87 27.39
C LEU A 455 34.17 -0.16 26.14
N HIS A 456 34.30 -0.84 25.00
CA HIS A 456 34.86 -0.23 23.80
C HIS A 456 34.08 0.97 23.28
N LEU A 457 32.73 0.95 23.43
CA LEU A 457 31.88 2.06 23.00
C LEU A 457 32.08 3.34 23.80
N ARG A 458 32.68 3.25 24.99
CA ARG A 458 33.03 4.43 25.79
C ARG A 458 34.09 5.27 25.05
N LEU A 459 34.85 4.66 24.09
CA LEU A 459 35.85 5.38 23.28
C LEU A 459 35.22 6.42 22.36
N VAL A 460 33.90 6.33 22.06
CA VAL A 460 33.26 7.33 21.23
C VAL A 460 33.33 8.69 21.91
N LYS A 461 33.00 8.75 23.19
CA LYS A 461 33.07 9.99 23.96
C LYS A 461 34.53 10.31 24.40
N ASP A 462 35.25 9.33 24.91
CA ASP A 462 36.59 9.51 25.44
C ASP A 462 37.72 9.80 24.42
N ARG A 463 37.75 9.07 23.30
CA ARG A 463 38.81 9.19 22.31
C ARG A 463 38.40 9.88 21.03
N PHE A 464 37.12 9.75 20.60
CA PHE A 464 36.72 10.29 19.30
C PHE A 464 35.86 11.54 19.36
N ALA A 465 35.78 12.21 20.52
CA ALA A 465 35.01 13.44 20.73
C ALA A 465 33.53 13.35 20.32
N GLY A 466 32.93 12.17 20.53
CA GLY A 466 31.53 11.92 20.20
C GLY A 466 31.27 11.63 18.73
N ASP A 467 32.31 11.60 17.89
CA ASP A 467 32.17 11.33 16.46
C ASP A 467 32.06 9.83 16.22
N VAL A 468 30.84 9.36 15.98
CA VAL A 468 30.54 7.96 15.74
C VAL A 468 31.17 7.51 14.42
N GLN A 469 31.06 8.35 13.39
CA GLN A 469 31.65 8.06 12.08
C GLN A 469 33.16 7.85 12.17
N ALA A 470 33.87 8.68 12.94
CA ALA A 470 35.32 8.55 13.10
C ALA A 470 35.69 7.29 13.86
N TYR A 471 34.91 6.94 14.86
CA TYR A 471 35.13 5.73 15.66
C TYR A 471 34.97 4.48 14.75
N VAL A 472 33.92 4.46 13.94
CA VAL A 472 33.66 3.35 13.02
C VAL A 472 34.74 3.29 11.92
N ASP A 473 35.11 4.45 11.34
CA ASP A 473 36.18 4.53 10.33
C ASP A 473 37.48 3.99 10.88
N ASP A 474 37.81 4.30 12.14
CA ASP A 474 39.04 3.84 12.79
C ASP A 474 39.06 2.32 12.98
N ILE A 475 37.92 1.71 13.35
CA ILE A 475 37.80 0.26 13.51
C ILE A 475 38.23 -0.44 12.21
N PHE A 476 37.73 0.00 11.07
CA PHE A 476 38.09 -0.60 9.79
C PHE A 476 39.49 -0.19 9.30
N ALA A 477 39.91 1.04 9.55
CA ALA A 477 41.22 1.51 9.11
C ALA A 477 42.37 0.74 9.79
N ARG A 478 42.24 0.46 11.08
CA ARG A 478 43.30 -0.18 11.85
C ARG A 478 43.13 -1.66 12.12
N SER A 479 41.94 -2.23 11.86
CA SER A 479 41.71 -3.64 12.14
C SER A 479 42.28 -4.57 11.11
N VAL A 480 42.73 -5.68 11.64
CA VAL A 480 43.19 -6.85 10.92
C VAL A 480 42.05 -7.43 10.06
N PHE A 481 40.79 -7.24 10.45
CA PHE A 481 39.64 -7.71 9.68
C PHE A 481 38.93 -6.58 8.88
N GLY A 482 39.58 -5.44 8.74
CA GLY A 482 39.04 -4.29 8.01
C GLY A 482 39.09 -4.44 6.50
N SER A 483 39.95 -5.32 6.00
CA SER A 483 40.10 -5.59 4.56
C SER A 483 40.93 -6.86 4.37
N GLU A 484 40.89 -7.44 3.15
CA GLU A 484 41.64 -8.63 2.85
C GLU A 484 43.14 -8.36 2.98
N ALA A 485 43.62 -7.21 2.47
CA ALA A 485 45.02 -6.82 2.56
C ALA A 485 45.47 -6.66 4.01
N GLN A 486 44.60 -6.11 4.88
CA GLN A 486 44.92 -5.94 6.29
C GLN A 486 45.01 -7.30 6.97
N PHE A 487 44.13 -8.25 6.61
CA PHE A 487 44.21 -9.60 7.20
C PHE A 487 45.45 -10.31 6.74
N ASP A 488 45.77 -10.27 5.44
CA ASP A 488 46.96 -10.94 4.92
C ASP A 488 48.25 -10.39 5.53
N ALA A 489 48.29 -9.08 5.81
CA ALA A 489 49.47 -8.49 6.47
C ALA A 489 49.61 -9.02 7.91
N PHE A 490 48.48 -9.23 8.58
CA PHE A 490 48.49 -9.79 9.93
C PHE A 490 48.93 -11.28 9.86
N ALA A 491 48.35 -12.06 8.96
CA ALA A 491 48.65 -13.47 8.78
C ALA A 491 50.11 -13.74 8.45
N ALA A 492 50.81 -12.78 7.82
CA ALA A 492 52.23 -12.94 7.51
C ALA A 492 53.09 -12.77 8.75
N VAL A 493 52.74 -11.80 9.61
CA VAL A 493 53.48 -11.52 10.84
C VAL A 493 52.48 -11.47 12.02
N PRO A 494 51.89 -12.61 12.41
CA PRO A 494 50.89 -12.57 13.48
C PRO A 494 51.47 -12.44 14.87
N SER A 495 50.87 -11.56 15.67
CA SER A 495 51.29 -11.39 17.05
C SER A 495 50.06 -11.20 17.93
N VAL A 496 50.08 -11.84 19.11
CA VAL A 496 48.98 -11.75 20.08
C VAL A 496 48.71 -10.30 20.47
N GLU A 497 49.76 -9.47 20.54
CA GLU A 497 49.73 -8.06 20.87
C GLU A 497 48.86 -7.29 19.89
N LYS A 498 48.96 -7.64 18.59
CA LYS A 498 48.19 -6.99 17.53
C LYS A 498 46.71 -7.34 17.68
N LEU A 499 46.41 -8.61 17.95
CA LEU A 499 45.03 -9.06 18.14
C LEU A 499 44.43 -8.47 19.41
N ALA A 500 45.21 -8.37 20.50
CA ALA A 500 44.73 -7.86 21.77
C ALA A 500 44.39 -6.37 21.74
N GLU A 501 45.04 -5.61 20.86
CA GLU A 501 44.74 -4.19 20.72
C GLU A 501 43.88 -3.88 19.45
N ASP A 502 43.43 -4.91 18.72
CA ASP A 502 42.67 -4.72 17.50
C ASP A 502 41.30 -4.07 17.79
N PRO A 503 41.00 -2.93 17.16
CA PRO A 503 39.74 -2.22 17.46
C PRO A 503 38.47 -3.02 17.13
N MET A 504 38.49 -3.85 16.08
CA MET A 504 37.30 -4.65 15.76
C MET A 504 37.16 -5.81 16.73
N VAL A 505 38.28 -6.44 17.13
CA VAL A 505 38.26 -7.55 18.10
C VAL A 505 37.74 -7.03 19.44
N LEU A 506 38.23 -5.87 19.87
CA LEU A 506 37.81 -5.22 21.11
C LEU A 506 36.35 -4.81 21.06
N PHE A 507 35.86 -4.33 19.90
CA PHE A 507 34.46 -3.95 19.75
C PHE A 507 33.59 -5.21 19.93
N ALA A 508 33.84 -6.24 19.11
CA ALA A 508 33.08 -7.48 19.11
C ALA A 508 33.09 -8.17 20.48
N SER A 509 34.26 -8.24 21.13
CA SER A 509 34.42 -8.86 22.45
C SER A 509 33.63 -8.08 23.46
N SER A 510 33.81 -6.77 23.47
CA SER A 510 33.14 -5.85 24.36
C SER A 510 31.60 -5.92 24.26
N VAL A 511 31.05 -5.97 23.03
CA VAL A 511 29.59 -6.00 22.86
C VAL A 511 29.03 -7.37 23.24
N PHE A 512 29.76 -8.45 22.92
CA PHE A 512 29.32 -9.78 23.31
C PHE A 512 29.44 -9.97 24.83
N ASP A 513 30.43 -9.35 25.48
CA ASP A 513 30.58 -9.43 26.93
C ASP A 513 29.35 -8.79 27.60
N GLU A 514 28.95 -7.60 27.16
CA GLU A 514 27.80 -6.89 27.73
C GLU A 514 26.50 -7.66 27.49
N TYR A 515 26.35 -8.24 26.31
CA TYR A 515 25.18 -9.01 25.92
C TYR A 515 25.03 -10.25 26.82
N ARG A 516 26.14 -10.95 27.11
CA ARG A 516 26.10 -12.13 27.97
C ARG A 516 25.92 -11.74 29.44
N LYS A 517 26.50 -10.62 29.86
CA LYS A 517 26.34 -10.13 31.23
C LYS A 517 24.88 -9.75 31.49
N LEU A 518 24.22 -9.10 30.51
CA LEU A 518 22.81 -8.71 30.64
C LEU A 518 21.92 -9.93 30.69
N TYR A 519 22.19 -10.92 29.84
CA TYR A 519 21.47 -12.17 29.79
C TYR A 519 21.61 -12.92 31.13
N ASN A 520 22.81 -12.96 31.69
CA ASN A 520 23.05 -13.64 32.97
C ASN A 520 22.37 -12.91 34.12
N GLU A 521 22.33 -11.57 34.08
CA GLU A 521 21.67 -10.79 35.12
C GLU A 521 20.14 -10.86 35.01
N LEU A 522 19.59 -11.12 33.81
CA LEU A 522 18.15 -11.19 33.56
C LEU A 522 17.53 -12.58 33.80
N ARG A 523 18.31 -13.65 33.57
CA ARG A 523 17.87 -15.04 33.75
C ARG A 523 17.19 -15.32 35.10
N PRO A 524 17.74 -14.85 36.25
CA PRO A 524 17.06 -15.11 37.53
C PRO A 524 15.64 -14.58 37.69
N TYR A 525 15.24 -13.62 36.84
CA TYR A 525 13.89 -13.06 36.93
C TYR A 525 12.83 -13.97 36.30
N ASP A 526 13.24 -14.94 35.46
CA ASP A 526 12.28 -15.82 34.79
C ASP A 526 11.54 -16.74 35.77
N ASP A 527 12.29 -17.41 36.67
CA ASP A 527 11.78 -18.39 37.63
C ASP A 527 10.68 -17.85 38.56
N PRO A 528 10.83 -16.67 39.21
CA PRO A 528 9.73 -16.15 40.04
C PRO A 528 8.43 -15.96 39.26
N ILE A 529 8.54 -15.51 37.98
CA ILE A 529 7.36 -15.31 37.13
C ILE A 529 6.74 -16.67 36.84
N LEU A 530 7.57 -17.63 36.43
CA LEU A 530 7.11 -18.99 36.15
C LEU A 530 6.37 -19.61 37.37
N ARG A 531 6.96 -19.52 38.58
CA ARG A 531 6.32 -20.06 39.77
C ARG A 531 4.99 -19.36 40.08
N ALA A 532 4.97 -18.01 39.91
CA ALA A 532 3.74 -17.27 40.15
C ALA A 532 2.66 -17.61 39.13
N GLN A 533 3.05 -17.91 37.88
CA GLN A 533 2.11 -18.30 36.82
C GLN A 533 1.49 -19.65 37.09
N ARG A 534 2.21 -20.57 37.76
CA ARG A 534 1.64 -21.87 38.12
C ARG A 534 0.44 -21.62 39.08
N THR A 535 0.61 -20.72 40.06
CA THR A 535 -0.48 -20.37 41.00
C THR A 535 -1.58 -19.55 40.30
N TYR A 536 -1.19 -18.61 39.45
CA TYR A 536 -2.11 -17.75 38.71
C TYR A 536 -3.04 -18.56 37.80
N ILE A 537 -2.47 -19.43 36.93
CA ILE A 537 -3.28 -20.24 36.03
C ILE A 537 -4.11 -21.28 36.79
N ALA A 538 -3.59 -21.79 37.92
CA ALA A 538 -4.36 -22.72 38.76
C ALA A 538 -5.65 -22.04 39.26
N GLY A 539 -5.54 -20.79 39.71
CA GLY A 539 -6.67 -20.02 40.17
C GLY A 539 -7.65 -19.75 39.05
N LEU A 540 -7.15 -19.31 37.87
CA LEU A 540 -7.99 -19.02 36.71
C LEU A 540 -8.81 -20.23 36.32
N LEU A 541 -8.20 -21.42 36.34
CA LEU A 541 -8.82 -22.71 36.02
C LEU A 541 -9.84 -23.14 37.08
N GLU A 542 -9.50 -22.99 38.37
CA GLU A 542 -10.41 -23.33 39.46
C GLU A 542 -11.64 -22.40 39.45
N MET A 543 -11.45 -21.13 39.11
CA MET A 543 -12.50 -20.14 39.03
C MET A 543 -13.41 -20.28 37.80
N ASP A 544 -12.84 -20.29 36.60
CA ASP A 544 -13.64 -20.28 35.37
C ASP A 544 -13.65 -21.58 34.56
N GLY A 545 -12.89 -22.56 35.01
CA GLY A 545 -12.85 -23.86 34.38
C GLY A 545 -11.91 -24.02 33.21
N ASP A 546 -11.46 -25.28 33.02
CA ASP A 546 -10.62 -25.74 31.91
C ASP A 546 -11.57 -25.94 30.71
N GLN A 547 -12.39 -24.91 30.42
CA GLN A 547 -13.39 -24.99 29.38
C GLN A 547 -13.25 -23.90 28.36
N ASP A 548 -13.31 -22.61 28.76
CA ASP A 548 -13.19 -21.52 27.76
C ASP A 548 -11.84 -20.76 27.85
N GLN A 549 -10.81 -21.36 28.50
CA GLN A 549 -9.43 -20.87 28.55
C GLN A 549 -8.46 -22.02 28.27
N PHE A 550 -7.82 -21.94 27.11
CA PHE A 550 -6.97 -22.99 26.54
C PHE A 550 -5.56 -22.95 27.11
N PRO A 551 -4.82 -24.07 27.10
CA PRO A 551 -3.44 -24.04 27.62
C PRO A 551 -2.51 -23.39 26.63
N ASP A 552 -1.51 -22.62 27.08
CA ASP A 552 -0.55 -22.00 26.14
C ASP A 552 0.08 -23.04 25.21
N ALA A 553 0.28 -22.68 23.95
CA ALA A 553 0.90 -23.57 22.97
C ALA A 553 2.32 -23.94 23.45
N ASN A 554 2.76 -25.18 23.17
CA ASN A 554 4.09 -25.65 23.61
C ASN A 554 4.64 -26.71 22.66
N LEU A 555 4.37 -26.56 21.35
CA LEU A 555 4.75 -27.47 20.28
C LEU A 555 4.10 -28.85 20.42
N THR A 556 2.88 -28.90 20.96
CA THR A 556 2.15 -30.16 21.07
C THR A 556 0.90 -30.10 20.22
N LEU A 557 0.39 -31.29 19.87
CA LEU A 557 -0.79 -31.44 19.03
C LEU A 557 -2.01 -30.76 19.65
N ARG A 558 -2.62 -29.86 18.89
CA ARG A 558 -3.79 -29.13 19.31
C ARG A 558 -4.79 -29.07 18.16
N PHE A 559 -6.06 -28.88 18.51
CA PHE A 559 -7.08 -28.65 17.51
C PHE A 559 -7.70 -27.27 17.73
N THR A 560 -8.18 -26.69 16.66
CA THR A 560 -8.86 -25.41 16.69
C THR A 560 -9.99 -25.49 15.66
N TYR A 561 -11.08 -24.78 15.90
CA TYR A 561 -12.22 -24.81 15.01
C TYR A 561 -12.77 -23.39 14.84
N GLY A 562 -13.42 -23.15 13.72
CA GLY A 562 -14.01 -21.86 13.42
C GLY A 562 -14.80 -21.94 12.14
N GLN A 563 -14.85 -20.84 11.40
CA GLN A 563 -15.57 -20.78 10.14
C GLN A 563 -14.76 -20.07 9.07
N VAL A 564 -15.07 -20.34 7.80
CA VAL A 564 -14.50 -19.67 6.65
C VAL A 564 -15.17 -18.27 6.60
N LYS A 565 -14.39 -17.22 6.87
CA LYS A 565 -14.95 -15.87 6.97
C LYS A 565 -13.87 -14.85 6.72
N GLY A 566 -14.18 -13.82 5.94
CA GLY A 566 -13.25 -12.71 5.76
C GLY A 566 -13.37 -11.74 6.92
N TYR A 567 -12.95 -10.47 6.72
CA TYR A 567 -13.01 -9.46 7.79
C TYR A 567 -12.80 -8.07 7.21
N SER A 568 -13.06 -7.05 8.02
CA SER A 568 -12.86 -5.65 7.61
C SER A 568 -11.60 -5.11 8.27
N PRO A 569 -10.54 -4.86 7.50
CA PRO A 569 -9.28 -4.39 8.11
C PRO A 569 -9.34 -2.92 8.63
N ARG A 570 -10.15 -2.09 7.97
CA ARG A 570 -10.28 -0.70 8.28
C ARG A 570 -11.60 -0.17 7.70
N ASP A 571 -11.96 1.08 8.03
CA ASP A 571 -13.20 1.72 7.57
C ASP A 571 -13.41 1.58 6.06
N ASN A 572 -14.56 1.01 5.70
CA ASN A 572 -15.02 0.90 4.33
C ASN A 572 -14.27 -0.11 3.45
N VAL A 573 -13.50 -0.99 4.06
CA VAL A 573 -12.72 -1.98 3.33
C VAL A 573 -13.11 -3.37 3.83
N TYR A 574 -13.42 -4.29 2.93
CA TYR A 574 -13.75 -5.65 3.32
C TYR A 574 -12.96 -6.63 2.51
N TYR A 575 -12.35 -7.60 3.18
CA TYR A 575 -11.61 -8.66 2.52
C TYR A 575 -12.51 -9.88 2.68
N GLY A 576 -12.93 -10.47 1.58
CA GLY A 576 -13.76 -11.66 1.61
C GLY A 576 -13.01 -12.90 2.08
N HIS A 577 -13.72 -14.01 2.13
CA HIS A 577 -13.17 -15.26 2.62
C HIS A 577 -12.35 -16.03 1.58
N GLN A 578 -12.47 -15.74 0.27
CA GLN A 578 -11.81 -16.56 -0.76
C GLN A 578 -11.09 -15.79 -1.87
N THR A 579 -9.85 -16.22 -2.21
CA THR A 579 -9.15 -15.62 -3.36
C THR A 579 -9.26 -16.59 -4.55
N THR A 580 -9.05 -16.07 -5.76
CA THR A 580 -9.15 -16.83 -7.00
C THR A 580 -7.89 -16.67 -7.87
N LEU A 581 -7.78 -17.50 -8.93
CA LEU A 581 -6.69 -17.47 -9.90
C LEU A 581 -6.63 -16.12 -10.65
N ASP A 582 -7.77 -15.42 -10.78
CA ASP A 582 -7.83 -14.08 -11.36
C ASP A 582 -6.96 -13.11 -10.54
N GLY A 583 -6.91 -13.29 -9.21
CA GLY A 583 -6.10 -12.50 -8.30
C GLY A 583 -4.61 -12.69 -8.51
N VAL A 584 -4.22 -13.91 -8.92
CA VAL A 584 -2.83 -14.20 -9.28
C VAL A 584 -2.47 -13.41 -10.54
N MET A 585 -3.39 -13.42 -11.53
CA MET A 585 -3.19 -12.73 -12.82
C MET A 585 -3.16 -11.21 -12.65
N GLU A 586 -3.94 -10.66 -11.72
CA GLU A 586 -3.91 -9.22 -11.43
C GLU A 586 -2.55 -8.79 -10.88
N LYS A 587 -1.91 -9.69 -10.10
CA LYS A 587 -0.63 -9.42 -9.47
C LYS A 587 0.59 -9.70 -10.36
N GLU A 588 0.41 -10.35 -11.51
CA GLU A 588 1.52 -10.66 -12.41
C GLU A 588 2.37 -9.44 -12.80
N ASP A 589 3.69 -9.58 -12.64
CA ASP A 589 4.67 -8.59 -13.01
C ASP A 589 5.92 -9.36 -13.37
N PRO A 590 6.17 -9.60 -14.68
CA PRO A 590 7.33 -10.40 -15.09
C PRO A 590 8.71 -9.82 -14.74
N ASP A 591 8.77 -8.51 -14.45
CA ASP A 591 10.03 -7.87 -14.09
C ASP A 591 10.30 -7.86 -12.56
N ASN A 592 9.42 -8.51 -11.77
CA ASN A 592 9.56 -8.63 -10.32
C ASN A 592 9.50 -10.11 -10.03
N TRP A 593 10.64 -10.74 -9.64
CA TRP A 593 10.74 -12.18 -9.37
C TRP A 593 9.66 -12.69 -8.41
N GLU A 594 9.20 -11.83 -7.49
CA GLU A 594 8.19 -12.23 -6.53
C GLU A 594 6.83 -12.46 -7.21
N PHE A 595 6.54 -11.76 -8.29
CA PHE A 595 5.22 -11.85 -8.91
C PHE A 595 5.24 -12.38 -10.35
N VAL A 596 6.21 -13.24 -10.67
CA VAL A 596 6.21 -13.88 -11.99
C VAL A 596 5.17 -15.00 -11.94
N VAL A 597 4.45 -15.18 -13.05
CA VAL A 597 3.44 -16.23 -13.12
C VAL A 597 3.93 -17.33 -14.04
N ASP A 598 3.85 -18.58 -13.57
CA ASP A 598 4.26 -19.77 -14.29
C ASP A 598 3.49 -19.84 -15.61
N PRO A 599 4.20 -20.01 -16.74
CA PRO A 599 3.52 -19.99 -18.06
C PRO A 599 2.44 -21.07 -18.19
N LYS A 600 2.68 -22.25 -17.61
CA LYS A 600 1.72 -23.33 -17.67
C LYS A 600 0.45 -22.96 -16.89
N LEU A 601 0.61 -22.27 -15.74
CA LEU A 601 -0.51 -21.81 -14.90
C LEU A 601 -1.29 -20.69 -15.61
N LYS A 602 -0.58 -19.77 -16.27
CA LYS A 602 -1.22 -18.69 -17.01
C LYS A 602 -2.11 -19.27 -18.15
N ALA A 603 -1.63 -20.33 -18.82
CA ALA A 603 -2.38 -20.98 -19.89
C ALA A 603 -3.62 -21.71 -19.36
N VAL A 604 -3.53 -22.35 -18.17
CA VAL A 604 -4.68 -23.02 -17.51
C VAL A 604 -5.77 -21.97 -17.27
N TYR A 605 -5.38 -20.81 -16.77
CA TYR A 605 -6.30 -19.70 -16.50
C TYR A 605 -6.96 -19.24 -17.80
N GLU A 606 -6.17 -19.00 -18.85
CA GLU A 606 -6.69 -18.53 -20.13
C GLU A 606 -7.66 -19.53 -20.79
N ARG A 607 -7.31 -20.81 -20.78
CA ARG A 607 -8.15 -21.88 -21.32
C ARG A 607 -9.30 -22.28 -20.39
N LYS A 608 -9.32 -21.76 -19.14
CA LYS A 608 -10.28 -22.13 -18.09
C LYS A 608 -10.26 -23.65 -17.88
N ASP A 609 -9.07 -24.26 -17.96
CA ASP A 609 -8.89 -25.70 -17.85
C ASP A 609 -8.86 -26.08 -16.37
N PHE A 610 -9.98 -25.87 -15.68
CA PHE A 610 -10.07 -26.08 -14.25
C PHE A 610 -10.66 -27.41 -13.82
N GLY A 611 -11.17 -28.21 -14.76
CA GLY A 611 -11.77 -29.50 -14.45
C GLY A 611 -12.79 -29.49 -13.34
N ARG A 612 -12.68 -30.43 -12.41
CA ARG A 612 -13.59 -30.53 -11.26
C ARG A 612 -13.15 -29.65 -10.05
N TYR A 613 -12.06 -28.88 -10.21
CA TYR A 613 -11.43 -28.04 -9.19
C TYR A 613 -12.03 -26.65 -9.06
N ALA A 614 -12.75 -26.18 -10.09
CA ALA A 614 -13.34 -24.83 -10.04
C ALA A 614 -14.57 -24.79 -9.15
N ASP A 615 -14.94 -23.60 -8.66
CA ASP A 615 -16.13 -23.48 -7.85
C ASP A 615 -17.40 -23.49 -8.75
N ARG A 616 -18.59 -23.59 -8.14
CA ARG A 616 -19.87 -23.64 -8.86
C ARG A 616 -20.03 -22.57 -9.95
N SER A 617 -19.42 -21.39 -9.76
CA SER A 617 -19.53 -20.31 -10.75
C SER A 617 -18.50 -20.34 -11.90
N GLY A 618 -17.61 -21.33 -11.89
CA GLY A 618 -16.59 -21.45 -12.93
C GLY A 618 -15.30 -20.71 -12.61
N ARG A 619 -15.19 -20.14 -11.40
CA ARG A 619 -14.01 -19.41 -10.92
C ARG A 619 -13.04 -20.40 -10.26
N MET A 620 -11.73 -20.18 -10.43
CA MET A 620 -10.75 -21.10 -9.85
C MET A 620 -10.28 -20.60 -8.50
N PRO A 621 -10.61 -21.28 -7.39
CA PRO A 621 -10.18 -20.79 -6.08
C PRO A 621 -8.68 -21.00 -5.85
N VAL A 622 -8.06 -20.15 -5.04
CA VAL A 622 -6.64 -20.27 -4.73
C VAL A 622 -6.44 -20.48 -3.22
N ALA A 623 -7.02 -19.59 -2.42
CA ALA A 623 -6.84 -19.61 -0.98
C ALA A 623 -8.10 -19.15 -0.27
N PHE A 624 -8.22 -19.48 1.01
CA PHE A 624 -9.33 -18.99 1.83
C PHE A 624 -8.82 -18.68 3.23
N CYS A 625 -9.61 -17.99 4.03
CA CYS A 625 -9.21 -17.67 5.40
C CYS A 625 -10.31 -18.10 6.37
N ALA A 626 -9.92 -18.43 7.60
CA ALA A 626 -10.87 -18.93 8.59
C ALA A 626 -10.61 -18.34 9.97
N THR A 627 -11.60 -18.39 10.84
CA THR A 627 -11.51 -17.87 12.21
C THR A 627 -10.88 -18.87 13.18
N THR A 628 -10.14 -19.86 12.67
CA THR A 628 -9.38 -20.78 13.49
C THR A 628 -8.23 -20.00 14.15
N HIS A 629 -7.77 -20.53 15.27
CA HIS A 629 -6.75 -19.89 16.06
C HIS A 629 -5.43 -20.64 15.86
N THR A 630 -4.53 -20.04 15.10
CA THR A 630 -3.25 -20.66 14.80
C THR A 630 -2.09 -19.72 15.14
N THR A 631 -0.88 -20.27 15.16
CA THR A 631 0.36 -19.53 15.40
C THR A 631 1.50 -20.26 14.68
N GLY A 632 2.74 -19.77 14.80
CA GLY A 632 3.93 -20.45 14.27
C GLY A 632 4.01 -21.89 14.74
N GLY A 633 4.26 -22.81 13.82
CA GLY A 633 4.21 -24.24 14.10
C GLY A 633 3.00 -24.84 13.40
N ASN A 634 1.96 -24.01 13.09
CA ASN A 634 0.77 -24.48 12.38
C ASN A 634 0.95 -24.48 10.83
N SER A 635 2.08 -24.04 10.31
CA SER A 635 2.33 -24.11 8.86
C SER A 635 2.24 -25.57 8.39
N GLY A 636 1.47 -25.80 7.34
CA GLY A 636 1.27 -27.10 6.73
C GLY A 636 0.10 -27.88 7.30
N SER A 637 -0.55 -27.37 8.38
CA SER A 637 -1.65 -28.07 9.07
C SER A 637 -2.81 -28.40 8.18
N PRO A 638 -3.39 -29.61 8.37
CA PRO A 638 -4.59 -29.95 7.60
C PRO A 638 -5.76 -29.10 8.03
N VAL A 639 -6.52 -28.62 7.05
CA VAL A 639 -7.75 -27.89 7.32
C VAL A 639 -8.88 -28.83 6.90
N MET A 640 -9.77 -29.12 7.83
CA MET A 640 -10.87 -30.04 7.61
C MET A 640 -12.24 -29.36 7.56
N ASN A 641 -13.08 -29.94 6.76
CA ASN A 641 -14.52 -29.80 6.58
C ASN A 641 -15.24 -30.20 7.87
N ALA A 642 -16.58 -29.99 7.89
CA ALA A 642 -17.48 -30.50 8.92
C ALA A 642 -17.44 -32.05 8.97
N ASN A 643 -17.12 -32.71 7.83
CA ASN A 643 -16.98 -34.16 7.73
C ASN A 643 -15.55 -34.67 7.92
N GLY A 644 -14.60 -33.79 8.23
CA GLY A 644 -13.21 -34.18 8.42
C GLY A 644 -12.43 -34.41 7.14
N GLU A 645 -12.98 -34.00 6.00
CA GLU A 645 -12.28 -34.14 4.72
C GLU A 645 -11.35 -32.95 4.55
N LEU A 646 -10.18 -33.16 3.93
CA LEU A 646 -9.23 -32.09 3.72
C LEU A 646 -9.74 -31.06 2.71
N ILE A 647 -9.88 -29.80 3.14
CA ILE A 647 -10.29 -28.67 2.29
C ILE A 647 -9.14 -27.66 2.04
N GLY A 648 -8.01 -27.81 2.73
CA GLY A 648 -6.88 -26.92 2.54
C GLY A 648 -5.72 -27.17 3.47
N LEU A 649 -4.67 -26.36 3.30
CA LEU A 649 -3.52 -26.42 4.19
C LEU A 649 -3.29 -25.04 4.72
N ASN A 650 -3.13 -24.92 6.02
CA ASN A 650 -2.79 -23.63 6.62
C ASN A 650 -1.34 -23.28 6.21
N PHE A 651 -1.06 -22.00 5.89
CA PHE A 651 0.31 -21.62 5.52
C PHE A 651 0.74 -20.27 6.08
N ASP A 652 -0.20 -19.46 6.56
CA ASP A 652 0.12 -18.15 7.13
C ASP A 652 -1.02 -17.63 8.00
N ARG A 653 -0.88 -16.43 8.52
CA ARG A 653 -1.91 -15.74 9.29
C ARG A 653 -1.69 -14.22 9.04
N ASN A 654 -2.77 -13.46 8.95
CA ASN A 654 -2.67 -12.04 8.63
C ASN A 654 -2.04 -11.25 9.76
N TRP A 655 -1.28 -10.20 9.43
CA TRP A 655 -0.59 -9.38 10.41
C TRP A 655 -1.51 -8.78 11.45
N GLU A 656 -2.75 -8.45 11.07
CA GLU A 656 -3.70 -7.88 12.02
C GLU A 656 -4.06 -8.81 13.14
N GLY A 657 -3.84 -10.13 12.96
CA GLY A 657 -4.14 -11.09 13.99
C GLY A 657 -2.95 -11.60 14.77
N VAL A 658 -1.71 -11.05 14.56
CA VAL A 658 -0.55 -11.58 15.29
C VAL A 658 -0.64 -11.35 16.83
N GLY A 659 -1.35 -10.30 17.27
CA GLY A 659 -1.61 -10.08 18.69
C GLY A 659 -2.47 -11.21 19.29
N GLY A 660 -2.96 -12.12 18.44
CA GLY A 660 -3.74 -13.28 18.81
C GLY A 660 -3.00 -14.30 19.63
N ASP A 661 -1.65 -14.19 19.74
CA ASP A 661 -0.88 -15.06 20.63
C ASP A 661 -1.11 -14.69 22.10
N ILE A 662 -1.60 -13.47 22.38
CA ILE A 662 -1.89 -12.99 23.72
C ILE A 662 -3.42 -12.93 23.88
N GLN A 663 -4.13 -12.40 22.89
CA GLN A 663 -5.58 -12.29 22.93
C GLN A 663 -6.12 -12.54 21.53
N TYR A 664 -6.90 -13.62 21.34
CA TYR A 664 -7.54 -13.93 20.07
C TYR A 664 -8.40 -12.71 19.59
N LEU A 665 -8.35 -12.37 18.31
CA LEU A 665 -9.04 -11.18 17.78
C LEU A 665 -10.10 -11.61 16.80
N ALA A 666 -11.31 -11.86 17.29
CA ALA A 666 -12.40 -12.39 16.48
C ALA A 666 -12.67 -11.62 15.18
N ASP A 667 -12.57 -10.29 15.20
CA ASP A 667 -12.88 -9.50 14.01
C ASP A 667 -11.70 -9.21 13.09
N TYR A 668 -10.49 -9.70 13.43
CA TYR A 668 -9.31 -9.41 12.63
C TYR A 668 -8.43 -10.62 12.34
N GLN A 669 -8.32 -11.54 13.28
CA GLN A 669 -7.43 -12.69 13.17
C GLN A 669 -7.95 -13.82 12.30
N ARG A 670 -7.16 -14.18 11.28
CA ARG A 670 -7.53 -15.26 10.39
C ARG A 670 -6.31 -16.17 10.09
N SER A 671 -6.60 -17.46 9.86
CA SER A 671 -5.62 -18.42 9.36
C SER A 671 -5.72 -18.32 7.84
N ILE A 672 -4.58 -18.24 7.12
CA ILE A 672 -4.53 -18.11 5.66
C ILE A 672 -4.24 -19.48 5.15
N ILE A 673 -5.12 -20.00 4.31
CA ILE A 673 -5.10 -21.40 3.93
C ILE A 673 -5.08 -21.59 2.43
N VAL A 674 -4.28 -22.51 1.90
CA VAL A 674 -4.29 -22.77 0.45
C VAL A 674 -5.41 -23.75 0.19
N ASP A 675 -6.30 -23.42 -0.74
CA ASP A 675 -7.44 -24.28 -1.07
C ASP A 675 -6.92 -25.59 -1.66
N ILE A 676 -7.44 -26.75 -1.21
CA ILE A 676 -6.98 -28.06 -1.72
C ILE A 676 -7.32 -28.25 -3.22
N ARG A 677 -8.35 -27.55 -3.71
CA ARG A 677 -8.72 -27.60 -5.12
C ARG A 677 -7.62 -26.97 -5.97
N TYR A 678 -6.99 -25.90 -5.46
CA TYR A 678 -5.86 -25.26 -6.12
C TYR A 678 -4.63 -26.17 -6.09
N VAL A 679 -4.38 -26.85 -4.96
CA VAL A 679 -3.28 -27.83 -4.80
C VAL A 679 -3.41 -28.90 -5.85
N LEU A 680 -4.61 -29.47 -6.00
CA LEU A 680 -4.90 -30.54 -6.96
C LEU A 680 -4.86 -30.04 -8.41
N LEU A 681 -5.25 -28.78 -8.64
CA LEU A 681 -5.14 -28.16 -9.96
C LEU A 681 -3.67 -28.05 -10.34
N VAL A 682 -2.80 -27.67 -9.40
CA VAL A 682 -1.39 -27.51 -9.69
C VAL A 682 -0.74 -28.86 -9.92
N ILE A 683 -1.04 -29.87 -9.08
CA ILE A 683 -0.49 -31.24 -9.27
C ILE A 683 -0.89 -31.77 -10.67
N ASP A 684 -2.17 -31.57 -11.02
CA ASP A 684 -2.78 -32.05 -12.26
C ASP A 684 -2.37 -31.27 -13.52
N LYS A 685 -2.72 -29.99 -13.60
CA LYS A 685 -2.51 -29.19 -14.79
C LYS A 685 -1.12 -28.56 -14.90
N VAL A 686 -0.36 -28.44 -13.81
CA VAL A 686 0.99 -27.87 -13.90
C VAL A 686 2.05 -28.98 -13.81
N GLY A 687 1.91 -29.86 -12.82
CA GLY A 687 2.86 -30.95 -12.64
C GLY A 687 2.60 -32.14 -13.54
N GLY A 688 1.33 -32.33 -13.92
CA GLY A 688 0.90 -33.47 -14.73
C GLY A 688 1.20 -34.78 -14.04
N CYS A 689 1.17 -34.77 -12.70
CA CYS A 689 1.50 -35.94 -11.90
C CYS A 689 0.26 -36.70 -11.48
N GLN A 690 -0.40 -37.33 -12.47
CA GLN A 690 -1.64 -38.08 -12.32
C GLN A 690 -1.60 -39.17 -11.25
N ARG A 691 -0.48 -39.88 -11.08
CA ARG A 691 -0.37 -40.96 -10.08
C ARG A 691 -0.62 -40.46 -8.64
N LEU A 692 -0.29 -39.21 -8.35
CA LEU A 692 -0.55 -38.65 -7.02
C LEU A 692 -2.04 -38.44 -6.80
N LEU A 693 -2.76 -38.02 -7.85
CA LEU A 693 -4.21 -37.86 -7.77
C LEU A 693 -4.87 -39.23 -7.59
N ASP A 694 -4.44 -40.25 -8.36
CA ASP A 694 -4.95 -41.61 -8.33
C ASP A 694 -4.77 -42.29 -6.96
N GLU A 695 -3.66 -42.01 -6.24
CA GLU A 695 -3.45 -42.64 -4.93
C GLU A 695 -4.20 -41.93 -3.79
N MET A 696 -4.67 -40.70 -4.01
CA MET A 696 -5.48 -40.02 -3.00
C MET A 696 -6.93 -40.51 -3.09
N ASN A 697 -7.69 -40.39 -2.00
CA ASN A 697 -9.11 -40.76 -2.04
C ASN A 697 -9.91 -39.44 -2.11
N ILE A 698 -10.27 -39.08 -3.33
CA ILE A 698 -10.98 -37.84 -3.62
C ILE A 698 -12.48 -38.06 -3.59
N VAL A 699 -13.17 -37.34 -2.69
CA VAL A 699 -14.61 -37.47 -2.55
C VAL A 699 -15.32 -36.37 -3.34
N PRO A 700 -16.41 -36.72 -4.05
CA PRO A 700 -17.17 -35.71 -4.82
C PRO A 700 -17.71 -34.53 -4.00
N GLU B 3 -23.12 6.40 -17.23
CA GLU B 3 -22.09 6.55 -18.26
C GLU B 3 -21.85 7.98 -18.78
N GLY B 4 -22.82 8.75 -19.24
CA GLY B 4 -22.51 10.06 -19.88
C GLY B 4 -22.44 11.38 -19.14
N MET B 5 -21.94 12.43 -19.82
CA MET B 5 -21.94 13.83 -19.37
C MET B 5 -22.81 14.56 -20.39
N TRP B 6 -24.10 14.57 -20.10
CA TRP B 6 -25.13 14.99 -21.00
C TRP B 6 -25.41 16.49 -21.05
N LEU B 7 -25.71 16.98 -22.25
CA LEU B 7 -26.14 18.37 -22.44
C LEU B 7 -27.49 18.56 -21.75
N MET B 8 -27.79 19.79 -21.28
CA MET B 8 -29.08 20.04 -20.66
C MET B 8 -30.25 19.74 -21.61
N GLN B 9 -30.04 19.97 -22.92
CA GLN B 9 -30.97 19.69 -24.04
C GLN B 9 -31.32 18.20 -24.11
N GLN B 10 -30.39 17.32 -23.68
CA GLN B 10 -30.62 15.89 -23.70
C GLN B 10 -31.40 15.39 -22.48
N LEU B 11 -31.75 16.26 -21.50
CA LEU B 11 -32.53 15.83 -20.33
C LEU B 11 -33.87 15.22 -20.75
N GLY B 12 -34.58 15.83 -21.72
CA GLY B 12 -35.84 15.31 -22.23
C GLY B 12 -35.76 13.86 -22.68
N ARG B 13 -34.69 13.55 -23.43
CA ARG B 13 -34.45 12.22 -23.96
C ARG B 13 -33.91 11.20 -22.94
N LYS B 14 -33.40 11.68 -21.80
CA LYS B 14 -32.87 10.82 -20.74
C LYS B 14 -33.80 10.62 -19.57
N TYR B 15 -34.78 11.52 -19.42
CA TYR B 15 -35.73 11.59 -18.32
C TYR B 15 -36.38 10.26 -17.95
N ALA B 16 -36.89 9.49 -18.94
CA ALA B 16 -37.51 8.19 -18.64
C ALA B 16 -36.49 7.19 -18.12
N GLN B 17 -35.26 7.20 -18.65
CA GLN B 17 -34.18 6.32 -18.14
C GLN B 17 -33.83 6.72 -16.69
N MET B 18 -33.79 8.04 -16.42
CA MET B 18 -33.48 8.58 -15.10
C MET B 18 -34.58 8.22 -14.10
N LYS B 19 -35.85 8.27 -14.54
CA LYS B 19 -37.00 7.90 -13.70
C LYS B 19 -36.96 6.42 -13.34
N GLU B 20 -36.68 5.54 -14.31
CA GLU B 20 -36.53 4.11 -14.02
C GLU B 20 -35.37 3.86 -13.03
N ARG B 21 -34.33 4.74 -13.05
CA ARG B 21 -33.20 4.64 -12.13
C ARG B 21 -33.48 5.24 -10.73
N GLY B 22 -34.64 5.86 -10.52
CA GLY B 22 -34.98 6.41 -9.22
C GLY B 22 -35.29 7.90 -9.13
N LEU B 23 -35.02 8.69 -10.19
CA LEU B 23 -35.31 10.14 -10.17
C LEU B 23 -36.80 10.40 -9.89
N LYS B 24 -37.12 11.27 -8.92
CA LYS B 24 -38.49 11.56 -8.56
C LYS B 24 -38.95 12.98 -8.93
N MET B 25 -38.00 13.92 -9.09
CA MET B 25 -38.38 15.28 -9.37
C MET B 25 -38.86 15.43 -10.85
N LYS B 26 -39.73 16.42 -11.07
CA LYS B 26 -40.24 16.69 -12.40
C LYS B 26 -39.10 17.25 -13.26
N GLU B 27 -39.13 16.93 -14.56
CA GLU B 27 -38.13 17.32 -15.54
C GLU B 27 -37.80 18.80 -15.53
N TYR B 28 -38.84 19.64 -15.62
CA TYR B 28 -38.67 21.10 -15.67
C TYR B 28 -38.26 21.71 -14.33
N ASP B 29 -38.35 20.97 -13.21
CA ASP B 29 -37.83 21.47 -11.93
C ASP B 29 -36.28 21.35 -11.91
N LEU B 30 -35.73 20.38 -12.67
CA LEU B 30 -34.30 20.14 -12.80
C LEU B 30 -33.73 21.04 -13.90
N TYR B 31 -34.32 21.03 -15.09
CA TYR B 31 -33.90 21.92 -16.17
C TYR B 31 -35.11 22.34 -16.96
N ASN B 32 -35.35 23.64 -16.98
CA ASN B 32 -36.44 24.20 -17.73
C ASN B 32 -35.80 25.19 -18.70
N PRO B 33 -35.96 24.98 -20.00
CA PRO B 33 -35.36 25.93 -20.98
C PRO B 33 -36.03 27.32 -21.01
N ASN B 34 -37.25 27.46 -20.44
CA ASN B 34 -37.91 28.77 -20.40
C ASN B 34 -38.53 29.04 -19.03
N GLY B 35 -37.71 28.89 -17.99
CA GLY B 35 -38.14 29.13 -16.61
C GLY B 35 -37.08 28.74 -15.60
N THR B 36 -37.29 29.11 -14.33
CA THR B 36 -36.40 28.82 -13.23
C THR B 36 -36.40 27.31 -12.92
N SER B 37 -35.21 26.78 -12.69
CA SER B 37 -35.02 25.35 -12.38
C SER B 37 -33.75 25.19 -11.57
N LEU B 38 -33.48 23.95 -11.09
CA LEU B 38 -32.29 23.63 -10.30
C LEU B 38 -31.01 24.05 -10.94
N LYS B 39 -30.94 24.01 -12.28
CA LYS B 39 -29.81 24.44 -13.10
C LYS B 39 -29.33 25.84 -12.70
N ASP B 40 -30.29 26.70 -12.31
CA ASP B 40 -30.05 28.09 -11.91
C ASP B 40 -29.31 28.24 -10.59
N ALA B 41 -29.17 27.16 -9.82
CA ALA B 41 -28.41 27.18 -8.58
C ALA B 41 -26.96 26.67 -8.77
N VAL B 42 -26.56 26.27 -10.02
CA VAL B 42 -25.22 25.79 -10.29
C VAL B 42 -24.36 26.93 -10.87
N VAL B 43 -23.08 27.00 -10.47
CA VAL B 43 -22.17 28.04 -10.99
C VAL B 43 -20.82 27.45 -11.39
N LEU B 44 -20.16 28.10 -12.32
CA LEU B 44 -18.78 27.78 -12.67
C LEU B 44 -18.04 28.68 -11.67
N PHE B 45 -17.37 28.07 -10.70
CA PHE B 45 -16.65 28.78 -9.66
C PHE B 45 -15.23 29.04 -10.11
N ASP B 46 -14.84 30.30 -10.16
CA ASP B 46 -13.50 30.76 -10.48
C ASP B 46 -12.84 30.09 -11.72
N GLY B 47 -13.58 30.02 -12.81
CA GLY B 47 -13.09 29.51 -14.09
C GLY B 47 -12.74 28.04 -14.26
N GLY B 48 -12.69 27.27 -13.17
CA GLY B 48 -12.35 25.86 -13.26
C GLY B 48 -13.37 24.98 -12.58
N CYS B 49 -13.54 25.19 -11.30
CA CYS B 49 -14.41 24.45 -10.44
C CYS B 49 -15.90 24.69 -10.68
N THR B 50 -16.73 23.89 -10.05
CA THR B 50 -18.16 24.03 -9.99
C THR B 50 -18.50 24.44 -8.53
N GLY B 51 -19.59 25.15 -8.38
CA GLY B 51 -20.12 25.54 -7.08
C GLY B 51 -21.63 25.50 -7.11
N GLU B 52 -22.25 25.73 -5.97
CA GLU B 52 -23.71 25.73 -5.88
C GLU B 52 -24.23 26.68 -4.86
N VAL B 53 -25.34 27.36 -5.20
CA VAL B 53 -25.99 28.30 -4.29
C VAL B 53 -26.86 27.50 -3.32
N VAL B 54 -26.68 27.73 -2.02
CA VAL B 54 -27.37 26.98 -0.97
C VAL B 54 -28.20 27.85 -0.01
N SER B 55 -28.45 29.11 -0.35
CA SER B 55 -29.31 29.98 0.48
C SER B 55 -29.90 31.12 -0.34
N ASP B 56 -31.00 31.72 0.15
CA ASP B 56 -31.61 32.90 -0.48
C ASP B 56 -30.77 34.18 -0.29
N ARG B 57 -29.60 34.08 0.37
CA ARG B 57 -28.69 35.19 0.52
C ARG B 57 -27.36 34.94 -0.20
N GLY B 58 -27.38 34.13 -1.27
CA GLY B 58 -26.24 33.90 -2.15
C GLY B 58 -25.07 33.10 -1.59
N LEU B 59 -25.29 32.28 -0.55
CA LEU B 59 -24.24 31.45 0.01
C LEU B 59 -23.91 30.37 -1.03
N VAL B 60 -22.61 30.09 -1.22
CA VAL B 60 -22.12 29.16 -2.21
C VAL B 60 -21.22 28.13 -1.55
N LEU B 61 -21.42 26.85 -1.92
CA LEU B 61 -20.53 25.79 -1.47
C LEU B 61 -19.71 25.33 -2.67
N THR B 62 -18.44 25.05 -2.43
CA THR B 62 -17.52 24.49 -3.41
C THR B 62 -16.48 23.68 -2.59
N ASN B 63 -15.43 23.13 -3.24
CA ASN B 63 -14.41 22.39 -2.52
C ASN B 63 -13.44 23.31 -1.80
N HIS B 64 -12.70 22.76 -0.86
CA HIS B 64 -11.62 23.45 -0.14
C HIS B 64 -10.48 23.65 -1.13
N HIS B 65 -10.19 22.65 -1.99
CA HIS B 65 -9.12 22.81 -2.98
C HIS B 65 -9.48 23.83 -4.07
N CYS B 66 -10.78 24.18 -4.21
CA CYS B 66 -11.25 25.20 -5.15
C CYS B 66 -11.14 26.60 -4.54
N GLY B 67 -11.33 26.70 -3.23
CA GLY B 67 -11.20 27.96 -2.51
C GLY B 67 -9.84 28.16 -1.87
N TYR B 68 -8.92 27.19 -2.03
CA TYR B 68 -7.59 27.19 -1.46
C TYR B 68 -6.81 28.50 -1.67
N ASP B 69 -6.69 28.97 -2.91
CA ASP B 69 -5.97 30.22 -3.20
C ASP B 69 -6.56 31.43 -2.46
N MET B 70 -7.90 31.49 -2.28
CA MET B 70 -8.52 32.62 -1.58
C MET B 70 -8.28 32.53 -0.08
N ILE B 71 -8.32 31.30 0.48
CA ILE B 71 -8.05 31.11 1.90
C ILE B 71 -6.59 31.46 2.20
N GLN B 72 -5.66 31.07 1.30
CA GLN B 72 -4.24 31.33 1.40
C GLN B 72 -3.92 32.83 1.25
N ALA B 73 -4.61 33.54 0.33
CA ALA B 73 -4.38 34.97 0.13
C ALA B 73 -4.79 35.81 1.36
N HIS B 74 -5.75 35.33 2.15
CA HIS B 74 -6.16 36.02 3.38
C HIS B 74 -5.45 35.51 4.64
N SER B 75 -4.56 34.54 4.51
CA SER B 75 -3.82 33.98 5.65
C SER B 75 -2.54 34.76 5.86
N THR B 76 -2.25 35.04 7.14
CA THR B 76 -1.06 35.72 7.64
C THR B 76 -0.53 34.90 8.85
N LEU B 77 0.66 35.25 9.40
CA LEU B 77 1.17 34.58 10.59
C LEU B 77 0.19 34.83 11.77
N GLU B 78 -0.39 36.04 11.86
CA GLU B 78 -1.35 36.38 12.91
C GLU B 78 -2.71 35.65 12.77
N HIS B 79 -3.21 35.51 11.53
CA HIS B 79 -4.46 34.78 11.31
C HIS B 79 -4.27 33.78 10.17
N ASN B 80 -3.74 32.60 10.50
CA ASN B 80 -3.49 31.58 9.49
C ASN B 80 -4.75 30.78 9.22
N TYR B 81 -5.59 31.28 8.29
CA TYR B 81 -6.85 30.64 7.92
C TYR B 81 -6.65 29.29 7.23
N LEU B 82 -5.53 29.13 6.50
CA LEU B 82 -5.25 27.87 5.84
C LEU B 82 -5.10 26.72 6.85
N GLU B 83 -4.40 27.02 7.95
CA GLU B 83 -4.19 26.04 8.99
C GLU B 83 -5.35 25.90 9.96
N ASN B 84 -5.90 27.02 10.45
CA ASN B 84 -6.93 26.95 11.49
C ASN B 84 -8.36 27.05 11.02
N GLY B 85 -8.58 27.23 9.73
CA GLY B 85 -9.91 27.44 9.20
C GLY B 85 -10.32 28.90 9.32
N PHE B 86 -11.45 29.27 8.72
CA PHE B 86 -11.97 30.63 8.77
C PHE B 86 -13.49 30.58 8.95
N TRP B 87 -14.05 31.38 9.84
CA TRP B 87 -15.50 31.41 10.04
C TRP B 87 -15.97 32.81 10.32
N ALA B 88 -16.44 33.55 9.29
CA ALA B 88 -16.94 34.91 9.47
C ALA B 88 -18.21 34.84 10.32
N MET B 89 -18.20 35.47 11.52
CA MET B 89 -19.36 35.39 12.40
C MET B 89 -20.49 36.38 12.03
N ARG B 90 -20.24 37.27 11.07
CA ARG B 90 -21.23 38.17 10.51
C ARG B 90 -20.89 38.40 9.03
N GLU B 91 -21.90 38.74 8.22
CA GLU B 91 -21.71 39.01 6.79
C GLU B 91 -20.66 40.07 6.52
N ALA B 92 -20.57 41.09 7.37
CA ALA B 92 -19.60 42.16 7.21
C ALA B 92 -18.15 41.70 7.39
N ASP B 93 -17.94 40.54 8.05
CA ASP B 93 -16.62 39.94 8.24
C ASP B 93 -16.18 39.04 7.07
N GLU B 94 -17.07 38.79 6.09
CA GLU B 94 -16.74 37.99 4.92
C GLU B 94 -15.73 38.73 4.07
N LEU B 95 -14.68 38.02 3.67
CA LEU B 95 -13.54 38.61 2.98
C LEU B 95 -13.65 38.67 1.47
N PRO B 96 -13.53 39.88 0.88
CA PRO B 96 -13.55 39.98 -0.58
C PRO B 96 -12.33 39.31 -1.22
N ASN B 97 -12.48 38.90 -2.48
CA ASN B 97 -11.40 38.25 -3.18
C ASN B 97 -11.16 38.90 -4.53
N LYS B 98 -9.93 39.33 -4.80
CA LYS B 98 -9.58 39.90 -6.10
C LYS B 98 -9.43 38.76 -7.10
N ASP B 99 -9.88 38.98 -8.34
CA ASP B 99 -9.78 38.05 -9.46
C ASP B 99 -10.62 36.79 -9.32
N ILE B 100 -11.76 36.90 -8.67
CA ILE B 100 -12.69 35.78 -8.50
C ILE B 100 -13.93 36.00 -9.35
N SER B 101 -14.57 34.91 -9.74
CA SER B 101 -15.84 34.99 -10.47
C SER B 101 -16.70 33.78 -10.25
N VAL B 102 -18.00 33.95 -10.44
CA VAL B 102 -18.97 32.88 -10.42
C VAL B 102 -19.82 33.12 -11.68
N VAL B 103 -20.01 32.08 -12.49
CA VAL B 103 -20.79 32.21 -13.70
C VAL B 103 -22.07 31.37 -13.64
N PHE B 104 -23.22 32.03 -13.87
CA PHE B 104 -24.49 31.34 -13.93
C PHE B 104 -24.84 31.08 -15.41
N ILE B 105 -25.45 29.93 -15.71
CA ILE B 105 -25.87 29.65 -17.08
C ILE B 105 -27.34 30.03 -17.19
N ASP B 106 -27.61 31.28 -17.54
CA ASP B 106 -28.95 31.85 -17.63
C ASP B 106 -29.84 31.19 -18.67
N LYS B 107 -29.33 31.04 -19.90
CA LYS B 107 -30.06 30.37 -20.98
C LYS B 107 -29.09 29.53 -21.82
N ILE B 108 -29.61 28.50 -22.44
CA ILE B 108 -28.85 27.66 -23.35
C ILE B 108 -29.73 27.47 -24.60
N GLU B 109 -29.17 27.66 -25.79
CA GLU B 109 -29.93 27.50 -27.05
C GLU B 109 -29.19 26.68 -28.10
N ASP B 110 -29.90 25.79 -28.80
CA ASP B 110 -29.30 25.06 -29.92
C ASP B 110 -29.24 26.02 -31.13
N VAL B 111 -28.03 26.40 -31.56
CA VAL B 111 -27.84 27.28 -32.72
C VAL B 111 -27.14 26.56 -33.89
N THR B 112 -27.25 25.23 -33.95
CA THR B 112 -26.61 24.40 -34.97
C THR B 112 -26.95 24.84 -36.40
N ASP B 113 -28.24 24.97 -36.76
CA ASP B 113 -28.63 25.38 -38.12
C ASP B 113 -28.10 26.74 -38.49
N TYR B 114 -28.16 27.67 -37.53
CA TYR B 114 -27.65 29.02 -37.70
C TYR B 114 -26.13 29.01 -37.97
N VAL B 115 -25.36 28.27 -37.15
CA VAL B 115 -23.90 28.22 -37.32
C VAL B 115 -23.53 27.49 -38.64
N LYS B 116 -24.24 26.42 -39.00
CA LYS B 116 -24.00 25.68 -40.23
C LYS B 116 -24.36 26.50 -41.47
N LYS B 117 -25.35 27.40 -41.38
CA LYS B 117 -25.69 28.27 -42.49
C LYS B 117 -24.60 29.31 -42.66
N GLU B 118 -24.12 29.89 -41.55
CA GLU B 118 -23.07 30.89 -41.59
C GLU B 118 -21.77 30.33 -42.13
N LEU B 119 -21.43 29.09 -41.75
CA LEU B 119 -20.23 28.37 -42.19
C LEU B 119 -20.19 28.12 -43.71
N LYS B 120 -21.36 28.03 -44.38
CA LYS B 120 -21.45 27.85 -45.83
C LYS B 120 -20.81 29.02 -46.63
N ALA B 121 -20.50 30.13 -45.96
CA ALA B 121 -19.82 31.26 -46.60
C ALA B 121 -18.27 31.19 -46.47
N ILE B 122 -17.72 30.07 -45.96
CA ILE B 122 -16.27 29.92 -45.75
C ILE B 122 -15.46 29.80 -47.02
N LYS B 123 -15.91 28.96 -47.97
CA LYS B 123 -15.22 28.74 -49.25
C LYS B 123 -14.13 27.68 -49.10
N ASP B 124 -12.99 27.98 -48.42
CA ASP B 124 -11.94 26.98 -48.18
C ASP B 124 -12.52 25.84 -47.34
N PRO B 125 -12.65 24.62 -47.92
CA PRO B 125 -13.24 23.51 -47.16
C PRO B 125 -12.54 23.09 -45.89
N ASN B 126 -11.20 23.26 -45.84
CA ASN B 126 -10.45 22.82 -44.69
C ASN B 126 -10.13 23.98 -43.70
N SER B 127 -11.00 25.00 -43.69
CA SER B 127 -10.92 26.11 -42.75
C SER B 127 -11.22 25.59 -41.33
N MET B 128 -10.61 26.19 -40.31
CA MET B 128 -10.87 25.80 -38.91
C MET B 128 -11.76 26.80 -38.17
N ASP B 129 -12.46 27.68 -38.90
CA ASP B 129 -13.35 28.65 -38.31
C ASP B 129 -14.50 28.01 -37.54
N TYR B 130 -14.93 26.81 -37.96
CA TYR B 130 -16.00 26.08 -37.31
C TYR B 130 -15.68 25.74 -35.83
N LEU B 131 -14.40 25.82 -35.42
CA LEU B 131 -13.96 25.58 -34.05
C LEU B 131 -13.29 26.82 -33.42
N SER B 132 -13.20 27.95 -34.16
CA SER B 132 -12.55 29.15 -33.69
C SER B 132 -13.38 29.93 -32.71
N PRO B 133 -12.86 30.19 -31.50
CA PRO B 133 -13.60 31.01 -30.53
C PRO B 133 -13.86 32.43 -31.03
N LYS B 134 -12.92 32.99 -31.81
CA LYS B 134 -13.06 34.32 -32.40
C LYS B 134 -14.20 34.35 -33.44
N TYR B 135 -14.25 33.34 -34.31
CA TYR B 135 -15.29 33.26 -35.32
C TYR B 135 -16.67 33.01 -34.66
N LEU B 136 -16.73 32.06 -33.72
CA LEU B 136 -17.99 31.75 -33.05
C LEU B 136 -18.48 32.92 -32.20
N GLN B 137 -17.56 33.75 -31.65
CA GLN B 137 -17.94 34.94 -30.88
C GLN B 137 -18.58 35.98 -31.79
N LYS B 138 -18.07 36.13 -33.02
CA LYS B 138 -18.67 37.04 -34.00
C LYS B 138 -20.09 36.56 -34.32
N LEU B 139 -20.31 35.22 -34.41
CA LEU B 139 -21.66 34.70 -34.69
C LEU B 139 -22.60 34.88 -33.52
N ALA B 140 -22.05 34.72 -32.30
CA ALA B 140 -22.76 34.89 -31.03
C ALA B 140 -23.22 36.34 -30.89
N ASP B 141 -22.31 37.31 -31.13
CA ASP B 141 -22.59 38.75 -31.07
C ASP B 141 -23.67 39.11 -32.10
N LYS B 142 -23.58 38.53 -33.31
CA LYS B 142 -24.55 38.80 -34.38
C LYS B 142 -25.93 38.34 -33.97
N LYS B 143 -26.04 37.16 -33.34
CA LYS B 143 -27.34 36.64 -32.92
C LYS B 143 -27.92 37.38 -31.72
N ALA B 144 -27.08 37.71 -30.72
CA ALA B 144 -27.53 38.41 -29.52
C ALA B 144 -27.91 39.88 -29.79
N GLY B 145 -27.11 40.58 -30.58
CA GLY B 145 -27.37 41.98 -30.92
C GLY B 145 -26.13 42.86 -30.93
N LYS B 146 -26.27 44.12 -31.43
CA LYS B 146 -25.16 45.07 -31.48
C LYS B 146 -24.88 45.79 -30.15
N ASN B 147 -25.73 45.57 -29.12
CA ASN B 147 -25.57 46.19 -27.81
C ASN B 147 -26.15 45.30 -26.72
N PHE B 148 -25.98 43.96 -26.85
CA PHE B 148 -26.52 42.99 -25.90
C PHE B 148 -26.07 43.20 -24.45
N SER B 149 -24.75 43.28 -24.21
CA SER B 149 -24.25 43.42 -22.84
C SER B 149 -24.55 44.78 -22.22
N ALA B 150 -24.86 45.80 -23.05
CA ALA B 150 -25.27 47.09 -22.55
C ALA B 150 -26.77 47.04 -22.22
N LYS B 151 -27.59 46.40 -23.07
CA LYS B 151 -29.04 46.30 -22.83
C LYS B 151 -29.42 45.31 -21.72
N ASN B 152 -28.52 44.35 -21.44
CA ASN B 152 -28.73 43.32 -20.41
C ASN B 152 -27.41 43.24 -19.62
N PRO B 153 -27.17 44.18 -18.66
CA PRO B 153 -25.86 44.20 -17.97
C PRO B 153 -25.60 42.96 -17.09
N GLY B 154 -24.33 42.57 -17.04
CA GLY B 154 -23.87 41.36 -16.34
C GLY B 154 -23.93 40.11 -17.21
N LEU B 155 -24.78 40.16 -18.29
CA LEU B 155 -25.01 39.07 -19.25
C LEU B 155 -24.02 39.09 -20.42
N SER B 156 -23.59 37.92 -20.87
CA SER B 156 -22.71 37.73 -22.03
C SER B 156 -23.14 36.49 -22.81
N VAL B 157 -22.75 36.40 -24.08
CA VAL B 157 -23.10 35.26 -24.91
C VAL B 157 -21.85 34.54 -25.36
N GLU B 158 -21.98 33.24 -25.61
CA GLU B 158 -20.89 32.43 -26.09
C GLU B 158 -21.42 31.24 -26.89
N ILE B 159 -20.86 30.98 -28.07
CA ILE B 159 -21.22 29.81 -28.85
C ILE B 159 -20.07 28.80 -28.74
N LYS B 160 -20.39 27.53 -28.48
CA LYS B 160 -19.40 26.47 -28.42
C LYS B 160 -19.79 25.35 -29.39
N ALA B 161 -18.78 24.68 -29.93
CA ALA B 161 -18.94 23.52 -30.80
C ALA B 161 -18.95 22.25 -29.93
N PHE B 162 -19.79 21.29 -30.32
CA PHE B 162 -19.95 19.98 -29.66
C PHE B 162 -19.92 18.89 -30.72
N TYR B 163 -19.61 17.63 -30.30
CA TYR B 163 -19.59 16.49 -31.21
C TYR B 163 -18.67 16.71 -32.42
N GLY B 164 -17.50 17.30 -32.17
CA GLY B 164 -16.53 17.58 -33.22
C GLY B 164 -16.95 18.60 -34.27
N GLY B 165 -17.91 19.46 -33.93
CA GLY B 165 -18.40 20.47 -34.87
C GLY B 165 -19.74 20.11 -35.52
N ASN B 166 -20.46 19.14 -34.92
CA ASN B 166 -21.76 18.73 -35.46
C ASN B 166 -22.96 19.34 -34.72
N LEU B 167 -22.71 20.01 -33.60
CA LEU B 167 -23.76 20.63 -32.81
C LEU B 167 -23.21 21.92 -32.19
N TYR B 168 -24.01 22.98 -32.14
CA TYR B 168 -23.58 24.24 -31.56
C TYR B 168 -24.59 24.73 -30.57
N LEU B 169 -24.12 25.17 -29.41
CA LEU B 169 -24.99 25.74 -28.39
C LEU B 169 -24.53 27.15 -28.07
N MET B 170 -25.50 28.04 -27.83
CA MET B 170 -25.23 29.39 -27.40
C MET B 170 -25.62 29.48 -25.93
N PHE B 171 -24.70 29.97 -25.11
CA PHE B 171 -24.95 30.11 -23.69
C PHE B 171 -25.06 31.59 -23.36
N THR B 172 -26.07 31.95 -22.58
CA THR B 172 -26.21 33.32 -22.07
C THR B 172 -25.77 33.19 -20.62
N LYS B 173 -24.67 33.83 -20.29
CA LYS B 173 -24.02 33.73 -18.99
C LYS B 173 -24.17 34.99 -18.17
N LYS B 174 -24.30 34.84 -16.85
CA LYS B 174 -24.38 35.97 -15.95
C LYS B 174 -23.19 35.84 -15.02
N THR B 175 -22.25 36.80 -15.04
CA THR B 175 -21.02 36.67 -14.24
C THR B 175 -20.98 37.65 -13.06
N TYR B 176 -20.69 37.16 -11.86
CA TYR B 176 -20.57 38.00 -10.66
C TYR B 176 -19.11 37.97 -10.22
N THR B 177 -18.52 39.15 -9.92
CA THR B 177 -17.12 39.19 -9.52
C THR B 177 -16.89 39.61 -8.08
N ASP B 178 -17.96 39.80 -7.28
CA ASP B 178 -17.80 40.08 -5.86
C ASP B 178 -18.22 38.80 -5.13
N VAL B 179 -17.28 37.88 -4.91
CA VAL B 179 -17.58 36.59 -4.28
C VAL B 179 -16.66 36.52 -3.06
N ARG B 180 -17.24 36.63 -1.86
CA ARG B 180 -16.47 36.72 -0.62
C ARG B 180 -16.33 35.40 0.13
N LEU B 181 -15.19 35.22 0.80
CA LEU B 181 -14.89 34.04 1.59
C LEU B 181 -15.70 34.13 2.89
N VAL B 182 -16.49 33.08 3.16
CA VAL B 182 -17.38 33.02 4.32
C VAL B 182 -16.88 32.02 5.35
N GLY B 183 -16.51 30.83 4.90
CA GLY B 183 -16.07 29.80 5.81
C GLY B 183 -15.22 28.73 5.17
N ALA B 184 -14.37 28.11 5.98
CA ALA B 184 -13.49 27.05 5.51
C ALA B 184 -13.06 26.26 6.72
N PRO B 185 -13.04 24.93 6.61
CA PRO B 185 -12.51 24.14 7.72
C PRO B 185 -10.98 24.30 7.76
N PRO B 186 -10.31 23.90 8.86
CA PRO B 186 -8.83 23.89 8.84
C PRO B 186 -8.35 22.96 7.71
N SER B 187 -7.09 23.13 7.25
CA SER B 187 -6.52 22.28 6.21
C SER B 187 -6.46 20.82 6.63
N SER B 188 -6.34 20.53 7.92
CA SER B 188 -6.32 19.16 8.42
C SER B 188 -7.63 18.42 8.06
N ILE B 189 -8.76 19.15 7.90
CA ILE B 189 -10.02 18.56 7.47
C ILE B 189 -10.20 18.70 5.93
N GLY B 190 -10.09 19.94 5.43
CA GLY B 190 -10.27 20.29 4.03
C GLY B 190 -9.35 19.54 3.09
N LYS B 191 -8.16 19.20 3.57
CA LYS B 191 -7.18 18.49 2.78
C LYS B 191 -6.63 17.33 3.61
N PHE B 192 -7.49 16.62 4.36
CA PHE B 192 -7.06 15.53 5.25
C PHE B 192 -6.06 14.54 4.63
N GLY B 193 -6.41 13.90 3.53
CA GLY B 193 -5.45 12.93 2.96
C GLY B 193 -4.18 13.56 2.41
N ALA B 194 -4.24 14.87 2.12
CA ALA B 194 -3.24 15.71 1.44
C ALA B 194 -2.88 14.96 0.08
N ASP B 195 -1.61 14.87 -0.37
CA ASP B 195 -1.32 14.19 -1.61
C ASP B 195 -1.34 12.68 -1.49
N THR B 196 -1.17 12.10 -0.30
CA THR B 196 -1.20 10.64 -0.11
C THR B 196 -2.53 10.03 -0.54
N ASP B 197 -3.64 10.71 -0.22
CA ASP B 197 -4.97 10.21 -0.57
C ASP B 197 -5.52 10.81 -1.86
N ASN B 198 -4.73 11.57 -2.64
CA ASN B 198 -5.22 12.12 -3.93
C ASN B 198 -5.56 10.96 -4.88
N TRP B 199 -6.73 11.04 -5.55
CA TRP B 199 -7.25 9.97 -6.43
C TRP B 199 -7.59 8.70 -5.64
N ILE B 200 -7.66 8.75 -4.28
CA ILE B 200 -7.90 7.52 -3.51
C ILE B 200 -9.30 7.41 -2.91
N TRP B 201 -9.89 6.23 -3.09
CA TRP B 201 -11.09 5.79 -2.42
C TRP B 201 -10.71 4.46 -1.71
N PRO B 202 -11.06 4.21 -0.41
CA PRO B 202 -11.82 5.06 0.53
C PRO B 202 -11.20 6.44 0.78
N ARG B 203 -12.02 7.46 1.04
CA ARG B 203 -11.50 8.81 1.24
C ARG B 203 -12.11 9.45 2.48
N HIS B 204 -11.30 10.19 3.25
CA HIS B 204 -11.78 10.77 4.52
C HIS B 204 -11.60 12.28 4.63
N THR B 205 -11.61 12.95 3.50
CA THR B 205 -11.37 14.39 3.39
C THR B 205 -12.66 15.22 3.37
N GLY B 206 -12.76 16.20 4.28
CA GLY B 206 -13.88 17.15 4.31
C GLY B 206 -13.62 18.32 3.39
N ASP B 207 -13.50 18.01 2.09
CA ASP B 207 -13.15 18.96 1.04
C ASP B 207 -14.24 19.94 0.68
N PHE B 208 -14.41 20.98 1.52
CA PHE B 208 -15.39 22.03 1.26
C PHE B 208 -14.88 23.43 1.70
N SER B 209 -15.45 24.47 1.12
CA SER B 209 -15.24 25.87 1.47
C SER B 209 -16.50 26.62 1.08
N ILE B 210 -16.74 27.76 1.75
CA ILE B 210 -17.98 28.51 1.63
C ILE B 210 -17.70 29.95 1.23
N PHE B 211 -18.45 30.42 0.25
CA PHE B 211 -18.34 31.77 -0.28
C PHE B 211 -19.75 32.40 -0.31
N ARG B 212 -19.85 33.67 -0.67
CA ARG B 212 -21.12 34.33 -0.83
C ARG B 212 -21.02 35.28 -1.99
N ILE B 213 -22.00 35.22 -2.87
CA ILE B 213 -22.04 36.13 -4.02
C ILE B 213 -22.68 37.43 -3.55
N TYR B 214 -22.03 38.53 -3.85
CA TYR B 214 -22.51 39.88 -3.58
C TYR B 214 -22.80 40.53 -4.92
N ALA B 215 -23.67 41.52 -4.91
CA ALA B 215 -24.12 42.22 -6.11
C ALA B 215 -24.59 43.66 -5.75
N ASP B 216 -25.05 44.47 -6.72
CA ASP B 216 -25.60 45.79 -6.41
C ASP B 216 -27.01 45.60 -5.80
N LYS B 217 -27.67 46.70 -5.41
CA LYS B 217 -29.00 46.71 -4.79
C LYS B 217 -30.06 45.97 -5.59
N ASN B 218 -29.91 45.91 -6.91
CA ASN B 218 -30.88 45.20 -7.75
C ASN B 218 -30.48 43.77 -8.10
N GLY B 219 -29.49 43.21 -7.39
CA GLY B 219 -29.02 41.86 -7.65
C GLY B 219 -28.23 41.70 -8.94
N ASN B 220 -27.83 42.81 -9.56
CA ASN B 220 -27.07 42.80 -10.81
C ASN B 220 -25.59 42.72 -10.51
N PRO B 221 -24.82 42.03 -11.37
CA PRO B 221 -23.38 41.93 -11.13
C PRO B 221 -22.68 43.27 -10.97
N ALA B 222 -21.66 43.31 -10.11
CA ALA B 222 -20.90 44.52 -9.85
C ALA B 222 -19.56 44.11 -9.25
N PRO B 223 -18.47 44.80 -9.63
CA PRO B 223 -17.17 44.50 -8.99
C PRO B 223 -17.22 44.84 -7.50
N TYR B 224 -16.21 44.38 -6.73
CA TYR B 224 -16.18 44.67 -5.29
C TYR B 224 -16.43 46.17 -4.94
N SER B 225 -17.33 46.37 -3.97
CA SER B 225 -17.69 47.64 -3.40
C SER B 225 -18.20 47.38 -1.99
N GLU B 226 -17.82 48.25 -1.04
CA GLU B 226 -18.32 48.16 0.33
C GLU B 226 -19.87 48.33 0.37
N ASP B 227 -20.47 48.91 -0.68
CA ASP B 227 -21.92 49.11 -0.81
C ASP B 227 -22.65 47.87 -1.38
N ASN B 228 -21.92 46.85 -1.85
CA ASN B 228 -22.54 45.66 -2.38
C ASN B 228 -23.26 44.89 -1.29
N VAL B 229 -24.33 44.24 -1.68
CA VAL B 229 -25.24 43.51 -0.81
C VAL B 229 -25.33 42.03 -1.28
N PRO B 230 -25.55 41.06 -0.36
CA PRO B 230 -25.67 39.66 -0.79
C PRO B 230 -26.74 39.45 -1.88
N LEU B 231 -26.45 38.56 -2.86
CA LEU B 231 -27.37 38.31 -3.95
C LEU B 231 -28.53 37.44 -3.49
N LYS B 232 -29.76 37.75 -3.92
CA LYS B 232 -30.90 36.89 -3.65
C LYS B 232 -31.09 36.14 -4.98
N PRO B 233 -30.69 34.87 -5.06
CA PRO B 233 -30.78 34.15 -6.32
C PRO B 233 -32.21 33.69 -6.64
N LYS B 234 -32.46 33.34 -7.89
CA LYS B 234 -33.78 32.81 -8.27
C LYS B 234 -33.98 31.36 -7.81
N ARG B 235 -32.88 30.64 -7.54
CA ARG B 235 -32.95 29.27 -7.11
C ARG B 235 -31.73 28.94 -6.23
N PHE B 236 -31.96 28.12 -5.22
CA PHE B 236 -30.90 27.61 -4.38
C PHE B 236 -31.23 26.15 -4.00
N PHE B 237 -30.22 25.39 -3.61
CA PHE B 237 -30.42 24.00 -3.22
C PHE B 237 -30.92 23.87 -1.80
N ASN B 238 -31.88 22.96 -1.59
CA ASN B 238 -32.28 22.60 -0.24
C ASN B 238 -31.25 21.55 0.20
N ILE B 239 -30.88 21.54 1.46
CA ILE B 239 -29.92 20.58 1.99
C ILE B 239 -30.67 19.41 2.56
N SER B 240 -30.31 18.20 2.17
CA SER B 240 -30.94 17.01 2.75
C SER B 240 -30.14 16.51 3.95
N LEU B 241 -30.83 16.14 5.03
CA LEU B 241 -30.16 15.44 6.13
C LEU B 241 -30.60 13.94 6.21
N GLY B 242 -31.32 13.45 5.20
CA GLY B 242 -31.75 12.05 5.11
C GLY B 242 -30.62 11.07 4.78
N GLY B 243 -29.50 11.59 4.31
CA GLY B 243 -28.32 10.79 4.01
C GLY B 243 -28.39 9.98 2.73
N VAL B 244 -27.50 9.00 2.62
CA VAL B 244 -27.47 8.12 1.47
C VAL B 244 -27.42 6.66 1.94
N GLN B 245 -27.89 5.76 1.09
CA GLN B 245 -27.82 4.33 1.30
C GLN B 245 -27.31 3.74 0.00
N GLU B 246 -26.74 2.53 0.04
CA GLU B 246 -26.25 1.84 -1.15
C GLU B 246 -27.39 1.70 -2.17
N ASN B 247 -27.09 1.97 -3.45
CA ASN B 247 -28.00 1.88 -4.59
C ASN B 247 -28.89 3.10 -4.75
N ASP B 248 -28.79 4.11 -3.88
CA ASP B 248 -29.61 5.32 -4.03
C ASP B 248 -29.22 6.04 -5.30
N TYR B 249 -30.20 6.61 -5.97
CA TYR B 249 -30.02 7.42 -7.15
C TYR B 249 -29.24 8.67 -6.74
N ALA B 250 -28.25 9.04 -7.55
CA ALA B 250 -27.50 10.27 -7.33
C ALA B 250 -27.28 10.93 -8.69
N MET B 251 -27.30 12.25 -8.72
CA MET B 251 -27.02 12.98 -9.95
C MET B 251 -26.18 14.19 -9.67
N ILE B 252 -25.45 14.63 -10.68
CA ILE B 252 -24.57 15.77 -10.57
C ILE B 252 -24.77 16.68 -11.76
N MET B 253 -24.63 17.98 -11.53
CA MET B 253 -24.53 18.99 -12.56
C MET B 253 -23.19 19.70 -12.32
N GLY B 254 -22.51 20.04 -13.39
CA GLY B 254 -21.22 20.71 -13.30
C GLY B 254 -20.58 20.98 -14.64
N PHE B 255 -19.30 21.31 -14.62
CA PHE B 255 -18.62 21.74 -15.81
C PHE B 255 -17.41 20.86 -16.15
N PRO B 256 -17.63 19.60 -16.57
CA PRO B 256 -16.47 18.76 -16.97
C PRO B 256 -15.68 19.40 -18.09
N GLY B 257 -14.37 19.43 -17.96
CA GLY B 257 -13.50 20.13 -18.90
C GLY B 257 -13.21 19.41 -20.20
N THR B 258 -12.62 18.21 -20.14
CA THR B 258 -12.25 17.49 -21.37
C THR B 258 -12.45 15.98 -21.24
N THR B 259 -12.80 15.33 -22.34
CA THR B 259 -12.86 13.88 -22.46
C THR B 259 -12.39 13.54 -23.87
N HIS B 260 -12.12 12.27 -24.15
CA HIS B 260 -11.66 11.79 -25.44
C HIS B 260 -12.43 10.50 -25.75
N ARG B 261 -13.77 10.59 -25.72
CA ARG B 261 -14.67 9.46 -25.95
C ARG B 261 -14.68 8.97 -27.40
N TYR B 262 -14.15 9.76 -28.35
CA TYR B 262 -14.15 9.38 -29.75
C TYR B 262 -12.76 9.16 -30.31
N PHE B 263 -11.79 8.85 -29.44
CA PHE B 263 -10.43 8.51 -29.83
C PHE B 263 -10.46 7.29 -30.77
N THR B 264 -9.60 7.23 -31.77
CA THR B 264 -9.50 6.02 -32.59
C THR B 264 -8.63 5.06 -31.74
N ALA B 265 -8.53 3.79 -32.16
CA ALA B 265 -7.68 2.83 -31.49
C ALA B 265 -6.20 3.31 -31.58
N SER B 266 -5.80 3.94 -32.69
CA SER B 266 -4.45 4.46 -32.87
C SER B 266 -4.12 5.59 -31.92
N GLU B 267 -5.11 6.39 -31.54
CA GLU B 267 -4.97 7.49 -30.60
C GLU B 267 -4.84 6.94 -29.18
N VAL B 268 -5.54 5.84 -28.84
CA VAL B 268 -5.36 5.18 -27.55
C VAL B 268 -3.91 4.63 -27.46
N ASP B 269 -3.40 3.99 -28.55
CA ASP B 269 -2.03 3.45 -28.57
C ASP B 269 -0.98 4.55 -28.44
N GLU B 270 -1.24 5.69 -29.07
CA GLU B 270 -0.34 6.84 -29.00
C GLU B 270 -0.33 7.41 -27.58
N TRP B 271 -1.50 7.55 -26.97
CA TRP B 271 -1.65 8.08 -25.61
C TRP B 271 -0.89 7.18 -24.60
N LYS B 272 -0.97 5.88 -24.76
CA LYS B 272 -0.25 4.93 -23.92
C LYS B 272 1.27 4.98 -24.16
N SER B 273 1.70 4.71 -25.42
CA SER B 273 3.09 4.49 -25.79
C SER B 273 3.95 5.74 -25.85
N ILE B 274 3.34 6.90 -26.02
CA ILE B 274 4.09 8.13 -26.06
C ILE B 274 3.77 8.95 -24.78
N ASP B 275 2.59 9.61 -24.73
CA ASP B 275 2.18 10.50 -23.64
C ASP B 275 2.38 9.91 -22.27
N ASN B 276 1.71 8.78 -21.97
CA ASN B 276 1.75 8.16 -20.68
C ASN B 276 3.09 7.49 -20.35
N ASP B 277 3.66 6.64 -21.23
CA ASP B 277 4.93 5.96 -20.93
C ASP B 277 6.08 6.91 -20.70
N ILE B 278 6.14 8.01 -21.46
CA ILE B 278 7.23 8.98 -21.30
C ILE B 278 7.03 9.75 -19.99
N ARG B 279 5.80 10.23 -19.69
CA ARG B 279 5.49 10.92 -18.43
C ARG B 279 5.84 10.01 -17.22
N ILE B 280 5.45 8.72 -17.27
CA ILE B 280 5.75 7.76 -16.21
C ILE B 280 7.25 7.53 -16.08
N ARG B 281 7.92 7.20 -17.18
CA ARG B 281 9.36 6.95 -17.13
C ARG B 281 10.16 8.18 -16.61
N MET B 282 9.93 9.36 -17.21
CA MET B 282 10.65 10.57 -16.84
C MET B 282 10.32 11.07 -15.42
N ARG B 283 9.06 10.98 -14.99
CA ARG B 283 8.68 11.44 -13.66
C ARG B 283 9.16 10.50 -12.59
N ASP B 284 9.23 9.20 -12.86
CA ASP B 284 9.78 8.24 -11.91
C ASP B 284 11.29 8.53 -11.70
N ILE B 285 12.04 8.83 -12.77
CA ILE B 285 13.45 9.21 -12.61
C ILE B 285 13.61 10.47 -11.72
N ARG B 286 12.88 11.54 -12.07
CA ARG B 286 12.91 12.82 -11.38
C ARG B 286 12.53 12.71 -9.91
N GLN B 287 11.38 12.05 -9.64
CA GLN B 287 10.83 11.83 -8.32
C GLN B 287 11.76 10.95 -7.49
N GLY B 288 12.36 9.92 -8.09
CA GLY B 288 13.31 9.04 -7.40
C GLY B 288 14.52 9.80 -6.89
N VAL B 289 15.10 10.71 -7.70
CA VAL B 289 16.25 11.50 -7.24
C VAL B 289 15.80 12.49 -6.16
N MET B 290 14.65 13.14 -6.39
CA MET B 290 14.10 14.11 -5.44
C MET B 290 13.83 13.49 -4.07
N LEU B 291 13.20 12.30 -4.05
CA LEU B 291 12.85 11.62 -2.82
C LEU B 291 14.09 11.23 -2.06
N ARG B 292 15.11 10.65 -2.75
CA ARG B 292 16.40 10.31 -2.11
C ARG B 292 16.98 11.56 -1.40
N GLU B 293 16.97 12.73 -2.08
CA GLU B 293 17.56 13.93 -1.51
C GLU B 293 16.74 14.50 -0.37
N MET B 294 15.41 14.42 -0.47
CA MET B 294 14.51 14.93 0.57
C MET B 294 14.63 14.09 1.83
N LEU B 295 14.74 12.76 1.68
CA LEU B 295 14.89 11.84 2.82
C LEU B 295 16.24 11.99 3.52
N ALA B 296 17.29 12.38 2.77
CA ALA B 296 18.63 12.54 3.34
C ALA B 296 18.84 13.87 4.06
N ASP B 297 18.07 14.92 3.71
CA ASP B 297 18.27 16.24 4.27
C ASP B 297 16.93 16.90 4.58
N PRO B 298 16.66 17.19 5.87
CA PRO B 298 15.38 17.81 6.25
C PRO B 298 15.12 19.14 5.54
N GLN B 299 16.18 19.90 5.28
CA GLN B 299 16.04 21.17 4.61
C GLN B 299 15.65 20.97 3.14
N ILE B 300 16.17 19.89 2.49
CA ILE B 300 15.79 19.56 1.10
C ILE B 300 14.31 19.15 1.05
N LYS B 301 13.84 18.42 2.07
CA LYS B 301 12.43 18.02 2.14
C LYS B 301 11.51 19.26 2.17
N ILE B 302 11.89 20.29 2.92
CA ILE B 302 11.11 21.52 3.00
C ILE B 302 11.11 22.23 1.66
N MET B 303 12.30 22.36 1.05
CA MET B 303 12.44 23.06 -0.23
C MET B 303 11.76 22.36 -1.41
N TYR B 304 11.76 21.01 -1.44
CA TYR B 304 11.27 20.27 -2.60
C TYR B 304 9.95 19.54 -2.43
N SER B 305 9.28 19.63 -1.26
CA SER B 305 8.03 18.90 -1.04
C SER B 305 6.92 19.26 -2.01
N ALA B 306 6.72 20.53 -2.26
CA ALA B 306 5.68 20.99 -3.18
C ALA B 306 6.02 20.60 -4.63
N LYS B 307 7.29 20.74 -5.06
CA LYS B 307 7.68 20.34 -6.42
C LYS B 307 7.52 18.84 -6.62
N TYR B 308 7.82 18.05 -5.58
CA TYR B 308 7.67 16.61 -5.62
C TYR B 308 6.18 16.26 -5.79
N ALA B 309 5.33 16.84 -4.94
CA ALA B 309 3.89 16.61 -4.96
C ALA B 309 3.24 17.07 -6.29
N ALA B 310 3.68 18.20 -6.86
CA ALA B 310 3.14 18.67 -8.14
C ALA B 310 3.48 17.68 -9.28
N SER B 311 4.64 17.04 -9.22
CA SER B 311 5.04 16.08 -10.26
C SER B 311 4.24 14.78 -10.15
N GLN B 312 3.98 14.34 -8.93
CA GLN B 312 3.27 13.10 -8.60
C GLN B 312 1.83 13.07 -9.06
N ASN B 313 1.15 14.22 -9.02
CA ASN B 313 -0.27 14.27 -9.36
C ASN B 313 -0.60 13.72 -10.76
N ALA B 314 0.04 14.23 -11.85
CA ALA B 314 -0.22 13.67 -13.19
C ALA B 314 0.50 12.34 -13.44
N TYR B 315 1.53 12.04 -12.64
CA TYR B 315 2.23 10.75 -12.69
C TYR B 315 1.23 9.67 -12.28
N LYS B 316 0.51 9.89 -11.17
CA LYS B 316 -0.49 8.93 -10.68
C LYS B 316 -1.64 8.78 -11.69
N ARG B 317 -2.05 9.90 -12.31
CA ARG B 317 -3.10 9.88 -13.31
C ARG B 317 -2.67 9.04 -14.52
N ALA B 318 -1.42 9.19 -14.97
CA ALA B 318 -0.91 8.41 -16.10
C ALA B 318 -0.81 6.90 -15.77
N ILE B 319 -0.47 6.54 -14.50
CA ILE B 319 -0.42 5.16 -14.06
C ILE B 319 -1.85 4.57 -14.09
N GLY B 320 -2.81 5.35 -13.61
CA GLY B 320 -4.20 4.93 -13.60
C GLY B 320 -4.74 4.72 -15.01
N ALA B 321 -4.39 5.63 -15.92
CA ALA B 321 -4.84 5.64 -17.29
C ALA B 321 -4.23 4.45 -18.01
N ASN B 322 -2.92 4.22 -17.84
CA ASN B 322 -2.25 3.06 -18.45
C ASN B 322 -2.75 1.73 -17.90
N TRP B 323 -3.18 1.69 -16.62
CA TRP B 323 -3.76 0.46 -16.06
C TRP B 323 -5.08 0.14 -16.82
N ALA B 324 -5.90 1.17 -17.10
CA ALA B 324 -7.15 0.98 -17.85
C ALA B 324 -6.85 0.51 -19.29
N ILE B 325 -5.86 1.09 -19.96
CA ILE B 325 -5.51 0.68 -21.32
C ILE B 325 -5.07 -0.79 -21.35
N LYS B 326 -4.29 -1.20 -20.33
CA LYS B 326 -3.77 -2.56 -20.22
C LYS B 326 -4.84 -3.59 -19.86
N THR B 327 -5.76 -3.25 -18.95
CA THR B 327 -6.71 -4.24 -18.43
C THR B 327 -8.17 -4.08 -18.83
N ARG B 328 -8.62 -2.91 -19.31
CA ARG B 328 -10.05 -2.71 -19.58
C ARG B 328 -10.41 -2.66 -21.07
N GLY B 329 -9.50 -3.04 -21.94
CA GLY B 329 -9.74 -3.14 -23.37
C GLY B 329 -10.11 -1.83 -24.03
N LEU B 330 -9.45 -0.71 -23.66
CA LEU B 330 -9.83 0.59 -24.25
C LEU B 330 -9.52 0.60 -25.74
N ARG B 331 -8.35 0.09 -26.13
CA ARG B 331 -7.95 0.05 -27.53
C ARG B 331 -8.91 -0.76 -28.38
N GLN B 332 -9.20 -1.98 -27.95
CA GLN B 332 -10.09 -2.94 -28.59
C GLN B 332 -11.50 -2.38 -28.72
N ASN B 333 -11.98 -1.71 -27.70
CA ASN B 333 -13.32 -1.12 -27.75
C ASN B 333 -13.42 0.04 -28.74
N LYS B 334 -12.35 0.83 -28.90
CA LYS B 334 -12.34 1.89 -29.91
C LYS B 334 -12.25 1.28 -31.31
N GLN B 335 -11.49 0.18 -31.45
CA GLN B 335 -11.34 -0.54 -32.70
C GLN B 335 -12.69 -1.10 -33.12
N ALA B 336 -13.44 -1.69 -32.18
CA ALA B 336 -14.77 -2.23 -32.46
C ALA B 336 -15.75 -1.10 -32.87
N MET B 337 -15.66 0.06 -32.22
CA MET B 337 -16.49 1.23 -32.52
C MET B 337 -16.25 1.68 -33.96
N GLN B 338 -14.99 1.78 -34.37
CA GLN B 338 -14.67 2.25 -35.71
C GLN B 338 -14.93 1.15 -36.78
N ASP B 339 -14.76 -0.14 -36.44
CA ASP B 339 -15.06 -1.25 -37.38
C ASP B 339 -16.54 -1.34 -37.67
N ARG B 340 -17.37 -1.09 -36.66
CA ARG B 340 -18.81 -1.09 -36.79
C ARG B 340 -19.26 0.07 -37.71
N LEU B 341 -18.65 1.25 -37.56
CA LEU B 341 -18.99 2.39 -38.41
C LEU B 341 -18.57 2.12 -39.85
N ILE B 342 -17.38 1.56 -40.05
CA ILE B 342 -16.82 1.22 -41.36
C ILE B 342 -17.69 0.22 -42.08
N ALA B 343 -18.21 -0.79 -41.35
CA ALA B 343 -19.09 -1.79 -41.94
C ALA B 343 -20.42 -1.16 -42.35
N TRP B 344 -20.96 -0.27 -41.52
CA TRP B 344 -22.21 0.43 -41.79
C TRP B 344 -22.10 1.37 -42.98
N GLY B 345 -20.98 2.07 -43.10
CA GLY B 345 -20.74 2.97 -44.23
C GLY B 345 -20.59 2.20 -45.54
N ALA B 346 -19.96 1.00 -45.48
CA ALA B 346 -19.81 0.14 -46.67
C ALA B 346 -21.18 -0.33 -47.15
N LYS B 347 -22.08 -0.66 -46.20
CA LYS B 347 -23.45 -1.09 -46.45
C LYS B 347 -24.25 0.03 -47.11
N GLN B 348 -24.09 1.28 -46.64
CA GLN B 348 -24.84 2.42 -47.19
C GLN B 348 -24.24 3.04 -48.46
N GLY B 349 -23.02 2.64 -48.82
CA GLY B 349 -22.34 3.18 -49.99
C GLY B 349 -21.68 4.52 -49.76
N THR B 350 -21.41 4.88 -48.49
CA THR B 350 -20.74 6.13 -48.10
C THR B 350 -19.33 5.82 -47.54
N PRO B 351 -18.27 6.03 -48.35
CA PRO B 351 -16.91 5.71 -47.86
C PRO B 351 -16.23 6.77 -47.01
N ARG B 352 -16.87 7.93 -46.78
CA ARG B 352 -16.23 9.03 -46.06
C ARG B 352 -15.87 8.71 -44.60
N TYR B 353 -16.58 7.80 -43.96
CA TYR B 353 -16.32 7.45 -42.56
C TYR B 353 -15.05 6.63 -42.42
N GLU B 354 -14.85 5.65 -43.31
CA GLU B 354 -13.65 4.84 -43.33
C GLU B 354 -12.43 5.72 -43.71
N GLU B 355 -12.63 6.64 -44.66
CA GLU B 355 -11.60 7.58 -45.09
C GLU B 355 -11.19 8.49 -43.94
N ALA B 356 -12.16 8.91 -43.10
CA ALA B 356 -11.90 9.76 -41.94
C ALA B 356 -11.08 9.03 -40.86
N VAL B 357 -11.41 7.75 -40.57
CA VAL B 357 -10.66 6.94 -39.60
C VAL B 357 -9.22 6.74 -40.13
N HIS B 358 -9.09 6.46 -41.45
CA HIS B 358 -7.80 6.28 -42.09
C HIS B 358 -6.95 7.56 -41.99
N GLU B 359 -7.54 8.77 -42.19
CA GLU B 359 -6.79 10.02 -42.07
C GLU B 359 -6.28 10.23 -40.65
N ILE B 360 -7.09 9.86 -39.64
CA ILE B 360 -6.64 9.97 -38.25
C ILE B 360 -5.46 8.99 -38.01
N ASP B 361 -5.58 7.73 -38.45
CA ASP B 361 -4.51 6.74 -38.27
C ASP B 361 -3.22 7.19 -38.97
N ALA B 362 -3.34 7.72 -40.21
CA ALA B 362 -2.18 8.16 -40.98
C ALA B 362 -1.53 9.36 -40.30
N THR B 363 -2.32 10.28 -39.77
CA THR B 363 -1.78 11.45 -39.07
C THR B 363 -1.06 11.04 -37.78
N VAL B 364 -1.66 10.12 -37.02
CA VAL B 364 -1.04 9.62 -35.79
C VAL B 364 0.30 8.93 -36.10
N ALA B 365 0.32 8.09 -37.14
CA ALA B 365 1.55 7.36 -37.49
C ALA B 365 2.64 8.32 -37.98
N LYS B 366 2.25 9.38 -38.70
CA LYS B 366 3.16 10.37 -39.25
C LYS B 366 3.86 11.23 -38.19
N ARG B 367 3.12 11.68 -37.18
CA ARG B 367 3.70 12.49 -36.13
C ARG B 367 4.39 11.70 -34.99
N ALA B 368 4.42 10.37 -35.06
CA ALA B 368 4.99 9.56 -33.97
C ALA B 368 6.37 10.02 -33.46
N ASP B 369 7.37 10.12 -34.36
CA ASP B 369 8.72 10.47 -33.94
C ASP B 369 8.78 11.88 -33.33
N LEU B 370 8.10 12.85 -33.96
CA LEU B 370 8.03 14.23 -33.49
C LEU B 370 7.37 14.33 -32.11
N ARG B 371 6.19 13.68 -31.91
CA ARG B 371 5.47 13.68 -30.64
C ARG B 371 6.30 13.02 -29.54
N ARG B 372 7.03 11.94 -29.87
CA ARG B 372 7.93 11.26 -28.94
C ARG B 372 9.05 12.25 -28.52
N ARG B 373 9.67 12.92 -29.49
CA ARG B 373 10.70 13.94 -29.19
C ARG B 373 10.14 15.10 -28.33
N TYR B 374 8.90 15.52 -28.58
CA TYR B 374 8.25 16.59 -27.84
C TYR B 374 8.01 16.21 -26.37
N TRP B 375 7.42 15.03 -26.12
CA TRP B 375 7.18 14.57 -24.76
C TRP B 375 8.48 14.30 -24.04
N MET B 376 9.49 13.77 -24.74
CA MET B 376 10.78 13.50 -24.13
C MET B 376 11.44 14.80 -23.61
N ILE B 377 11.40 15.87 -24.42
CA ILE B 377 11.99 17.14 -23.98
C ILE B 377 11.12 17.83 -22.93
N GLU B 378 9.79 17.75 -23.07
CA GLU B 378 8.89 18.39 -22.11
C GLU B 378 8.98 17.76 -20.73
N GLU B 379 8.90 16.43 -20.67
CA GLU B 379 8.97 15.71 -19.40
C GLU B 379 10.41 15.63 -18.89
N GLY B 380 11.34 15.37 -19.77
CA GLY B 380 12.74 15.19 -19.40
C GLY B 380 13.49 16.44 -19.02
N ILE B 381 13.22 17.56 -19.70
CA ILE B 381 13.99 18.81 -19.49
C ILE B 381 13.15 20.01 -19.09
N ILE B 382 12.10 20.36 -19.89
CA ILE B 382 11.26 21.55 -19.63
C ILE B 382 10.68 21.51 -18.22
N ARG B 383 10.06 20.39 -17.83
CA ARG B 383 9.61 20.26 -16.43
C ARG B 383 10.59 19.43 -15.58
N GLY B 384 11.42 18.61 -16.20
CA GLY B 384 12.35 17.77 -15.45
C GLY B 384 13.53 18.46 -14.80
N ILE B 385 14.12 19.48 -15.46
CA ILE B 385 15.31 20.16 -14.98
C ILE B 385 15.08 21.65 -14.67
N GLU B 386 15.24 22.05 -13.39
CA GLU B 386 15.01 23.44 -13.00
C GLU B 386 15.87 24.48 -13.71
N PHE B 387 17.17 24.17 -13.99
CA PHE B 387 18.01 25.14 -14.67
C PHE B 387 17.65 25.29 -16.19
N ALA B 388 16.67 24.51 -16.71
CA ALA B 388 16.16 24.80 -18.06
C ALA B 388 15.39 26.16 -17.99
N ARG B 389 14.77 26.47 -16.83
CA ARG B 389 14.05 27.73 -16.66
C ARG B 389 14.90 28.80 -15.95
N SER B 390 16.22 28.76 -16.17
CA SER B 390 17.12 29.76 -15.65
C SER B 390 17.02 31.04 -16.56
N PRO B 391 17.57 32.19 -16.15
CA PRO B 391 17.41 33.41 -16.97
C PRO B 391 18.06 33.41 -18.35
N ILE B 392 17.31 33.91 -19.33
CA ILE B 392 17.80 34.08 -20.70
C ILE B 392 17.71 35.58 -21.00
N PRO B 393 18.85 36.21 -21.30
CA PRO B 393 18.84 37.66 -21.57
C PRO B 393 17.95 38.03 -22.75
N THR B 394 17.02 38.98 -22.55
CA THR B 394 16.13 39.47 -23.61
C THR B 394 16.90 40.38 -24.58
N GLU B 395 16.33 40.65 -25.78
CA GLU B 395 16.95 41.52 -26.79
C GLU B 395 17.26 42.93 -26.28
N ASP B 396 16.33 43.52 -25.48
CA ASP B 396 16.54 44.85 -24.89
C ASP B 396 17.57 44.84 -23.74
N GLU B 397 17.86 43.67 -23.16
CA GLU B 397 18.84 43.59 -22.08
C GLU B 397 20.23 43.50 -22.69
N THR B 398 20.41 42.68 -23.73
CA THR B 398 21.71 42.58 -24.39
C THR B 398 22.00 43.87 -25.18
N LYS B 399 20.98 44.48 -25.80
CA LYS B 399 21.15 45.76 -26.49
C LYS B 399 20.91 46.86 -25.46
N ALA B 400 21.81 46.92 -24.48
CA ALA B 400 21.88 47.84 -23.33
C ALA B 400 23.22 47.56 -22.62
N LEU B 401 23.59 46.27 -22.48
CA LEU B 401 24.88 45.90 -21.92
C LEU B 401 25.98 46.13 -22.98
N GLN B 402 25.64 46.05 -24.29
CA GLN B 402 26.53 46.28 -25.45
C GLN B 402 25.78 46.04 -26.77
N ALA B 406 23.88 53.96 -23.80
CA ALA B 406 23.39 54.61 -22.58
C ALA B 406 23.90 53.88 -21.33
N SER B 407 23.80 54.50 -20.13
CA SER B 407 24.23 53.81 -18.90
C SER B 407 23.10 53.04 -18.21
N ALA B 408 22.11 52.58 -19.02
CA ALA B 408 21.00 51.74 -18.56
C ALA B 408 21.42 50.23 -18.52
N ARG B 409 22.74 50.00 -18.34
CA ARG B 409 23.38 48.74 -18.14
C ARG B 409 22.93 48.22 -16.77
N LYS B 410 22.82 49.11 -15.76
CA LYS B 410 22.36 48.76 -14.42
C LYS B 410 20.89 48.37 -14.36
N GLU B 411 20.07 48.93 -15.26
CA GLU B 411 18.65 48.59 -15.36
C GLU B 411 18.52 47.17 -15.92
N ALA B 412 19.34 46.83 -16.93
CA ALA B 412 19.32 45.49 -17.53
C ALA B 412 19.78 44.49 -16.47
N ILE B 413 20.89 44.78 -15.76
CA ILE B 413 21.39 43.94 -14.68
C ILE B 413 20.35 43.77 -13.58
N ASP B 414 19.61 44.83 -13.25
CA ASP B 414 18.57 44.75 -12.23
C ASP B 414 17.46 43.78 -12.65
N LYS B 415 17.06 43.81 -13.92
CA LYS B 415 16.02 42.93 -14.44
C LYS B 415 16.50 41.47 -14.43
N ILE B 416 17.75 41.24 -14.91
CA ILE B 416 18.36 39.90 -14.92
C ILE B 416 18.55 39.38 -13.51
N ARG B 417 18.97 40.25 -12.57
CA ARG B 417 19.12 39.87 -11.16
C ARG B 417 17.79 39.42 -10.58
N THR B 418 16.70 40.13 -10.90
CA THR B 418 15.37 39.78 -10.41
C THR B 418 14.96 38.38 -10.85
N ARG B 419 15.23 38.04 -12.12
CA ARG B 419 14.94 36.73 -12.67
C ARG B 419 15.87 35.66 -12.11
N TYR B 420 17.14 36.01 -11.85
CA TYR B 420 18.09 35.06 -11.26
C TYR B 420 17.63 34.72 -9.83
N SER B 421 17.20 35.73 -9.07
CA SER B 421 16.73 35.55 -7.70
C SER B 421 15.41 34.74 -7.65
N LYS B 422 14.59 34.82 -8.71
CA LYS B 422 13.35 34.02 -8.78
C LYS B 422 13.70 32.56 -9.15
N PHE B 423 14.74 32.33 -9.97
CA PHE B 423 15.19 30.98 -10.33
C PHE B 423 15.90 30.34 -9.13
N ALA B 424 16.94 30.99 -8.61
CA ALA B 424 17.67 30.49 -7.45
C ALA B 424 16.99 31.03 -6.17
N ASN B 425 15.72 30.66 -5.95
CA ASN B 425 14.97 31.16 -4.79
C ASN B 425 15.24 30.31 -3.53
N LYS B 426 14.56 30.61 -2.41
CA LYS B 426 14.72 29.89 -1.13
C LYS B 426 14.50 28.37 -1.26
N ASP B 427 13.76 27.92 -2.27
CA ASP B 427 13.49 26.49 -2.47
C ASP B 427 14.34 25.82 -3.53
N TYR B 428 15.30 26.55 -4.12
CA TYR B 428 16.14 25.97 -5.13
C TYR B 428 17.48 25.46 -4.58
N SER B 429 17.80 24.23 -4.89
CA SER B 429 19.10 23.67 -4.54
C SER B 429 19.81 23.29 -5.84
N ALA B 430 20.94 23.96 -6.13
CA ALA B 430 21.81 23.68 -7.27
C ALA B 430 22.32 22.24 -7.21
N GLU B 431 22.66 21.75 -6.01
CA GLU B 431 23.12 20.36 -5.86
C GLU B 431 22.03 19.33 -6.18
N VAL B 432 20.78 19.55 -5.71
CA VAL B 432 19.68 18.65 -6.04
C VAL B 432 19.40 18.74 -7.54
N ASP B 433 19.37 19.95 -8.10
CA ASP B 433 19.15 20.14 -9.52
C ASP B 433 20.22 19.48 -10.40
N LYS B 434 21.50 19.56 -10.01
CA LYS B 434 22.57 18.87 -10.73
C LYS B 434 22.33 17.34 -10.71
N LYS B 435 21.93 16.79 -9.57
CA LYS B 435 21.66 15.35 -9.46
C LYS B 435 20.47 14.94 -10.30
N VAL B 436 19.39 15.76 -10.27
CA VAL B 436 18.22 15.45 -11.09
C VAL B 436 18.61 15.53 -12.59
N ALA B 437 19.34 16.58 -12.98
CA ALA B 437 19.76 16.80 -14.37
C ALA B 437 20.62 15.69 -14.90
N VAL B 438 21.57 15.18 -14.10
CA VAL B 438 22.40 14.07 -14.55
C VAL B 438 21.54 12.82 -14.83
N ALA B 439 20.57 12.52 -13.97
CA ALA B 439 19.70 11.33 -14.20
C ALA B 439 18.75 11.53 -15.41
N MET B 440 18.15 12.71 -15.50
CA MET B 440 17.21 13.02 -16.58
C MET B 440 17.91 13.10 -17.93
N LEU B 441 19.06 13.80 -18.00
CA LEU B 441 19.81 13.91 -19.25
C LEU B 441 20.35 12.57 -19.69
N THR B 442 20.78 11.71 -18.76
CA THR B 442 21.26 10.35 -19.09
C THR B 442 20.16 9.59 -19.83
N GLU B 443 18.92 9.63 -19.31
CA GLU B 443 17.80 9.00 -19.97
C GLU B 443 17.49 9.66 -21.31
N TYR B 444 17.41 11.01 -21.33
CA TYR B 444 17.12 11.77 -22.54
C TYR B 444 18.12 11.45 -23.68
N LEU B 445 19.43 11.46 -23.37
CA LEU B 445 20.50 11.22 -24.34
C LEU B 445 20.50 9.78 -24.89
N LYS B 446 20.01 8.83 -24.11
CA LYS B 446 19.84 7.44 -24.52
C LYS B 446 18.65 7.31 -25.53
N GLU B 447 17.61 8.17 -25.38
CA GLU B 447 16.41 8.11 -26.21
C GLU B 447 16.39 9.01 -27.42
N ILE B 448 17.11 10.13 -27.38
CA ILE B 448 17.11 11.08 -28.46
C ILE B 448 18.47 11.02 -29.18
N PRO B 449 18.48 10.68 -30.47
CA PRO B 449 19.76 10.61 -31.20
C PRO B 449 20.41 11.98 -31.36
N TYR B 450 21.73 11.99 -31.52
CA TYR B 450 22.54 13.21 -31.68
C TYR B 450 21.95 14.22 -32.66
N GLU B 451 21.54 13.77 -33.86
CA GLU B 451 20.98 14.69 -34.86
C GLU B 451 19.65 15.33 -34.47
N ASN B 452 18.98 14.81 -33.42
CA ASN B 452 17.73 15.37 -32.93
C ASN B 452 17.86 16.12 -31.58
N LEU B 453 19.08 16.28 -31.09
CA LEU B 453 19.32 16.91 -29.79
C LEU B 453 19.21 18.40 -29.88
N PRO B 454 18.81 19.09 -28.79
CA PRO B 454 18.99 20.54 -28.72
C PRO B 454 20.51 20.78 -28.86
N LEU B 455 20.91 21.74 -29.70
CA LEU B 455 22.31 22.01 -30.04
C LEU B 455 23.31 21.91 -28.87
N HIS B 456 23.05 22.54 -27.72
CA HIS B 456 23.97 22.49 -26.60
C HIS B 456 24.24 21.10 -26.05
N LEU B 457 23.22 20.21 -26.08
CA LEU B 457 23.35 18.83 -25.62
C LEU B 457 24.29 17.99 -26.47
N ARG B 458 24.56 18.40 -27.71
CA ARG B 458 25.54 17.74 -28.57
C ARG B 458 26.94 17.84 -27.94
N LEU B 459 27.19 18.84 -27.03
CA LEU B 459 28.46 18.98 -26.33
C LEU B 459 28.76 17.83 -25.40
N VAL B 460 27.76 17.03 -24.98
CA VAL B 460 28.01 15.87 -24.12
C VAL B 460 28.91 14.87 -24.85
N LYS B 461 28.59 14.58 -26.11
CA LYS B 461 29.41 13.67 -26.91
C LYS B 461 30.66 14.37 -27.48
N ASP B 462 30.50 15.58 -28.01
CA ASP B 462 31.59 16.31 -28.66
C ASP B 462 32.69 16.87 -27.75
N ARG B 463 32.33 17.48 -26.63
CA ARG B 463 33.29 18.12 -25.75
C ARG B 463 33.56 17.36 -24.45
N PHE B 464 32.55 16.64 -23.92
CA PHE B 464 32.70 16.02 -22.60
C PHE B 464 32.88 14.51 -22.62
N ALA B 465 33.16 13.92 -23.79
CA ALA B 465 33.39 12.48 -23.95
C ALA B 465 32.27 11.59 -23.41
N GLY B 466 31.05 12.04 -23.55
CA GLY B 466 29.88 11.31 -23.09
C GLY B 466 29.59 11.41 -21.60
N ASP B 467 30.43 12.16 -20.85
CA ASP B 467 30.28 12.30 -19.40
C ASP B 467 29.22 13.37 -19.10
N VAL B 468 28.01 12.92 -18.74
CA VAL B 468 26.89 13.79 -18.44
C VAL B 468 27.18 14.58 -17.16
N GLN B 469 27.75 13.91 -16.14
CA GLN B 469 28.10 14.56 -14.88
C GLN B 469 29.08 15.72 -15.11
N ALA B 470 30.08 15.53 -15.97
CA ALA B 470 31.06 16.60 -16.27
C ALA B 470 30.43 17.77 -17.02
N TYR B 471 29.52 17.47 -17.92
CA TYR B 471 28.83 18.50 -18.69
C TYR B 471 27.96 19.35 -17.74
N VAL B 472 27.23 18.69 -16.83
CA VAL B 472 26.39 19.39 -15.87
C VAL B 472 27.25 20.18 -14.87
N ASP B 473 28.35 19.58 -14.37
CA ASP B 473 29.29 20.26 -13.46
C ASP B 473 29.84 21.52 -14.10
N ASP B 474 30.16 21.46 -15.41
CA ASP B 474 30.72 22.58 -16.14
C ASP B 474 29.72 23.74 -16.28
N ILE B 475 28.43 23.43 -16.52
CA ILE B 475 27.37 24.43 -16.63
C ILE B 475 27.34 25.28 -15.36
N PHE B 476 27.35 24.64 -14.18
CA PHE B 476 27.34 25.38 -12.92
C PHE B 476 28.68 26.03 -12.58
N ALA B 477 29.81 25.36 -12.91
CA ALA B 477 31.13 25.91 -12.60
C ALA B 477 31.41 27.20 -13.35
N ARG B 478 31.01 27.28 -14.62
CA ARG B 478 31.31 28.44 -15.45
C ARG B 478 30.18 29.44 -15.64
N SER B 479 28.94 29.08 -15.28
CA SER B 479 27.82 29.97 -15.49
C SER B 479 27.71 31.09 -14.48
N VAL B 480 27.31 32.28 -14.99
CA VAL B 480 27.00 33.44 -14.18
C VAL B 480 25.78 33.17 -13.28
N PHE B 481 24.93 32.15 -13.59
CA PHE B 481 23.81 31.76 -12.74
C PHE B 481 24.10 30.48 -11.91
N GLY B 482 25.36 30.05 -11.86
CA GLY B 482 25.77 28.86 -11.13
C GLY B 482 25.83 29.03 -9.63
N SER B 483 25.93 30.28 -9.16
CA SER B 483 25.99 30.62 -7.74
C SER B 483 25.80 32.14 -7.56
N GLU B 484 25.50 32.60 -6.34
CA GLU B 484 25.31 34.01 -6.07
C GLU B 484 26.61 34.77 -6.34
N ALA B 485 27.76 34.22 -5.90
CA ALA B 485 29.08 34.83 -6.12
C ALA B 485 29.39 34.96 -7.61
N GLN B 486 29.02 33.94 -8.40
CA GLN B 486 29.26 33.99 -9.84
C GLN B 486 28.38 35.05 -10.49
N PHE B 487 27.12 35.20 -10.04
CA PHE B 487 26.26 36.26 -10.58
C PHE B 487 26.78 37.63 -10.22
N ASP B 488 27.15 37.85 -8.95
CA ASP B 488 27.67 39.16 -8.51
C ASP B 488 28.95 39.55 -9.26
N ALA B 489 29.81 38.58 -9.58
CA ALA B 489 31.03 38.87 -10.36
C ALA B 489 30.64 39.31 -11.78
N PHE B 490 29.60 38.71 -12.35
CA PHE B 490 29.13 39.09 -13.68
C PHE B 490 28.51 40.51 -13.60
N ALA B 491 27.63 40.74 -12.62
CA ALA B 491 26.96 42.03 -12.44
C ALA B 491 27.92 43.20 -12.23
N ALA B 492 29.11 42.95 -11.69
CA ALA B 492 30.10 44.00 -11.51
C ALA B 492 30.77 44.39 -12.82
N VAL B 493 31.06 43.39 -13.68
CA VAL B 493 31.70 43.61 -14.98
C VAL B 493 30.86 42.89 -16.06
N PRO B 494 29.63 43.36 -16.36
CA PRO B 494 28.81 42.64 -17.34
C PRO B 494 29.22 42.88 -18.78
N SER B 495 29.27 41.80 -19.55
CA SER B 495 29.56 41.90 -20.96
C SER B 495 28.67 40.94 -21.74
N VAL B 496 28.17 41.40 -22.89
CA VAL B 496 27.30 40.57 -23.73
C VAL B 496 28.01 39.29 -24.18
N GLU B 497 29.34 39.36 -24.36
CA GLU B 497 30.20 38.25 -24.77
C GLU B 497 30.14 37.13 -23.72
N LYS B 498 30.10 37.50 -22.43
CA LYS B 498 30.04 36.53 -21.34
C LYS B 498 28.68 35.83 -21.35
N LEU B 499 27.60 36.59 -21.54
CA LEU B 499 26.25 36.03 -21.60
C LEU B 499 26.05 35.15 -22.82
N ALA B 500 26.62 35.55 -23.97
CA ALA B 500 26.48 34.81 -25.23
C ALA B 500 27.18 33.47 -25.20
N GLU B 501 28.26 33.33 -24.41
CA GLU B 501 28.99 32.07 -24.30
C GLU B 501 28.65 31.33 -22.96
N ASP B 502 27.69 31.84 -22.17
CA ASP B 502 27.35 31.23 -20.90
C ASP B 502 26.74 29.84 -21.07
N PRO B 503 27.33 28.81 -20.45
CA PRO B 503 26.83 27.44 -20.65
C PRO B 503 25.39 27.20 -20.19
N MET B 504 24.94 27.86 -19.10
CA MET B 504 23.56 27.69 -18.67
C MET B 504 22.60 28.45 -19.58
N VAL B 505 22.99 29.64 -20.06
CA VAL B 505 22.14 30.41 -21.00
C VAL B 505 21.99 29.62 -22.30
N LEU B 506 23.08 29.07 -22.82
CA LEU B 506 23.11 28.27 -24.03
C LEU B 506 22.30 27.00 -23.87
N PHE B 507 22.33 26.37 -22.67
CA PHE B 507 21.55 25.16 -22.42
C PHE B 507 20.08 25.50 -22.48
N ALA B 508 19.63 26.48 -21.66
CA ALA B 508 18.25 26.91 -21.56
C ALA B 508 17.69 27.37 -22.91
N SER B 509 18.47 28.17 -23.65
CA SER B 509 18.04 28.69 -24.96
C SER B 509 17.90 27.56 -25.93
N SER B 510 18.90 26.69 -25.99
CA SER B 510 18.94 25.55 -26.86
C SER B 510 17.76 24.56 -26.59
N VAL B 511 17.41 24.28 -25.32
CA VAL B 511 16.33 23.34 -25.03
C VAL B 511 14.98 23.98 -25.31
N PHE B 512 14.83 25.29 -25.04
CA PHE B 512 13.57 25.97 -25.35
C PHE B 512 13.41 26.13 -26.88
N ASP B 513 14.52 26.28 -27.63
CA ASP B 513 14.44 26.40 -29.08
C ASP B 513 13.91 25.08 -29.66
N GLU B 514 14.43 23.94 -29.20
CA GLU B 514 14.00 22.63 -29.69
C GLU B 514 12.55 22.36 -29.33
N TYR B 515 12.15 22.72 -28.12
CA TYR B 515 10.79 22.55 -27.61
C TYR B 515 9.79 23.34 -28.45
N ARG B 516 10.12 24.60 -28.81
CA ARG B 516 9.23 25.42 -29.64
C ARG B 516 9.23 24.94 -31.10
N LYS B 517 10.37 24.49 -31.60
CA LYS B 517 10.46 23.99 -32.96
C LYS B 517 9.61 22.72 -33.12
N LEU B 518 9.63 21.83 -32.11
CA LEU B 518 8.85 20.59 -32.12
C LEU B 518 7.37 20.90 -32.06
N TYR B 519 6.99 21.85 -31.20
CA TYR B 519 5.61 22.30 -31.04
C TYR B 519 5.10 22.91 -32.36
N ASN B 520 5.91 23.73 -33.03
CA ASN B 520 5.52 24.34 -34.29
C ASN B 520 5.40 23.30 -35.41
N GLU B 521 6.27 22.29 -35.41
CA GLU B 521 6.22 21.23 -36.41
C GLU B 521 5.05 20.27 -36.17
N LEU B 522 4.58 20.13 -34.90
CA LEU B 522 3.49 19.22 -34.53
C LEU B 522 2.10 19.83 -34.66
N ARG B 523 1.97 21.15 -34.45
CA ARG B 523 0.70 21.88 -34.53
C ARG B 523 -0.11 21.59 -35.81
N PRO B 524 0.51 21.57 -37.02
CA PRO B 524 -0.27 21.26 -38.23
C PRO B 524 -0.95 19.89 -38.27
N TYR B 525 -0.54 18.95 -37.43
CA TYR B 525 -1.16 17.62 -37.40
C TYR B 525 -2.51 17.60 -36.66
N ASP B 526 -2.79 18.61 -35.83
CA ASP B 526 -4.03 18.68 -35.09
C ASP B 526 -5.27 18.84 -35.98
N ASP B 527 -5.22 19.79 -36.94
CA ASP B 527 -6.31 20.13 -37.85
C ASP B 527 -6.82 18.96 -38.70
N PRO B 528 -5.98 18.15 -39.36
CA PRO B 528 -6.52 17.01 -40.12
C PRO B 528 -7.30 16.04 -39.23
N ILE B 529 -6.83 15.83 -37.99
CA ILE B 529 -7.52 14.93 -37.03
C ILE B 529 -8.85 15.56 -36.66
N LEU B 530 -8.84 16.85 -36.32
CA LEU B 530 -10.07 17.57 -36.00
C LEU B 530 -11.11 17.49 -37.13
N ARG B 531 -10.70 17.74 -38.39
CA ARG B 531 -11.62 17.68 -39.52
C ARG B 531 -12.16 16.26 -39.71
N ALA B 532 -11.30 15.25 -39.58
CA ALA B 532 -11.72 13.86 -39.71
C ALA B 532 -12.68 13.44 -38.59
N GLN B 533 -12.49 13.99 -37.38
CA GLN B 533 -13.38 13.71 -36.24
C GLN B 533 -14.77 14.30 -36.45
N ARG B 534 -14.88 15.43 -37.17
CA ARG B 534 -16.19 16.00 -37.46
C ARG B 534 -16.99 14.99 -38.31
N THR B 535 -16.35 14.37 -39.32
CA THR B 535 -16.98 13.34 -40.15
C THR B 535 -17.21 12.04 -39.37
N TYR B 536 -16.22 11.62 -38.58
CA TYR B 536 -16.29 10.40 -37.77
C TYR B 536 -17.46 10.43 -36.78
N ILE B 537 -17.56 11.50 -35.97
CA ILE B 537 -18.63 11.61 -34.99
C ILE B 537 -19.98 11.79 -35.68
N ALA B 538 -20.02 12.47 -36.87
CA ALA B 538 -21.25 12.61 -37.65
C ALA B 538 -21.80 11.23 -38.03
N GLY B 539 -20.92 10.33 -38.46
CA GLY B 539 -21.30 8.98 -38.82
C GLY B 539 -21.75 8.18 -37.63
N LEU B 540 -21.00 8.24 -36.52
CA LEU B 540 -21.36 7.52 -35.29
C LEU B 540 -22.76 7.91 -34.80
N LEU B 541 -23.08 9.22 -34.88
CA LEU B 541 -24.39 9.75 -34.47
C LEU B 541 -25.48 9.42 -35.48
N GLU B 542 -25.20 9.45 -36.79
CA GLU B 542 -26.20 9.07 -37.79
C GLU B 542 -26.51 7.56 -37.69
N MET B 543 -25.50 6.74 -37.40
CA MET B 543 -25.64 5.31 -37.24
C MET B 543 -26.35 4.88 -35.95
N ASP B 544 -25.85 5.31 -34.78
CA ASP B 544 -26.39 4.86 -33.51
C ASP B 544 -27.17 5.89 -32.70
N GLY B 545 -27.08 7.16 -33.08
CA GLY B 545 -27.74 8.25 -32.38
C GLY B 545 -27.05 8.67 -31.09
N ASP B 546 -27.72 9.51 -30.30
CA ASP B 546 -27.30 10.03 -28.99
C ASP B 546 -28.16 9.37 -27.90
N GLN B 547 -27.57 8.40 -27.19
CA GLN B 547 -28.19 7.60 -26.11
C GLN B 547 -27.08 6.94 -25.29
N ASP B 548 -26.05 6.44 -25.96
CA ASP B 548 -24.82 5.98 -25.35
C ASP B 548 -23.67 6.98 -25.74
N GLN B 549 -23.84 7.74 -26.83
CA GLN B 549 -22.83 8.62 -27.33
C GLN B 549 -22.99 10.06 -26.87
N PHE B 550 -22.45 10.38 -25.65
CA PHE B 550 -22.49 11.74 -25.12
C PHE B 550 -21.44 12.62 -25.83
N PRO B 551 -21.63 13.96 -25.87
CA PRO B 551 -20.61 14.79 -26.52
C PRO B 551 -19.40 14.98 -25.62
N ASP B 552 -18.19 15.03 -26.18
CA ASP B 552 -16.98 15.26 -25.36
C ASP B 552 -17.13 16.50 -24.48
N ALA B 553 -16.63 16.42 -23.24
CA ALA B 553 -16.67 17.55 -22.31
C ALA B 553 -15.90 18.74 -22.90
N ASN B 554 -16.35 19.96 -22.62
CA ASN B 554 -15.72 21.17 -23.20
C ASN B 554 -15.91 22.39 -22.30
N LEU B 555 -15.90 22.17 -20.97
CA LEU B 555 -16.12 23.14 -19.92
C LEU B 555 -17.51 23.75 -19.97
N THR B 556 -18.50 22.98 -20.39
CA THR B 556 -19.90 23.44 -20.41
C THR B 556 -20.73 22.63 -19.44
N LEU B 557 -21.86 23.22 -19.03
CA LEU B 557 -22.77 22.60 -18.09
C LEU B 557 -23.30 21.24 -18.59
N ARG B 558 -23.09 20.20 -17.78
CA ARG B 558 -23.53 18.85 -18.09
C ARG B 558 -24.15 18.23 -16.86
N PHE B 559 -24.99 17.22 -17.10
CA PHE B 559 -25.52 16.44 -16.00
C PHE B 559 -25.10 14.98 -16.18
N THR B 560 -24.99 14.30 -15.08
CA THR B 560 -24.66 12.88 -15.05
C THR B 560 -25.47 12.28 -13.91
N TYR B 561 -25.85 11.03 -14.06
CA TYR B 561 -26.65 10.34 -13.05
C TYR B 561 -26.12 8.94 -12.85
N GLY B 562 -26.36 8.40 -11.68
CA GLY B 562 -25.95 7.05 -11.34
C GLY B 562 -26.47 6.67 -9.98
N GLN B 563 -25.73 5.85 -9.25
CA GLN B 563 -26.11 5.41 -7.93
C GLN B 563 -24.94 5.46 -6.96
N VAL B 564 -25.25 5.54 -5.65
CA VAL B 564 -24.30 5.47 -4.57
C VAL B 564 -23.88 3.97 -4.49
N LYS B 565 -22.63 3.67 -4.88
CA LYS B 565 -22.19 2.27 -4.94
C LYS B 565 -20.69 2.22 -4.83
N GLY B 566 -20.17 1.29 -4.03
CA GLY B 566 -18.74 1.07 -3.98
C GLY B 566 -18.31 0.19 -5.14
N TYR B 567 -17.16 -0.50 -5.02
CA TYR B 567 -16.66 -1.37 -6.09
C TYR B 567 -15.56 -2.27 -5.57
N SER B 568 -15.18 -3.25 -6.39
CA SER B 568 -14.10 -4.16 -6.04
C SER B 568 -12.83 -3.78 -6.82
N PRO B 569 -11.80 -3.26 -6.14
CA PRO B 569 -10.58 -2.83 -6.87
C PRO B 569 -9.73 -3.97 -7.41
N ARG B 570 -9.79 -5.13 -6.72
CA ARG B 570 -8.99 -6.29 -7.06
C ARG B 570 -9.62 -7.51 -6.37
N ASP B 571 -9.17 -8.71 -6.73
CA ASP B 571 -9.68 -9.97 -6.21
C ASP B 571 -9.81 -9.98 -4.68
N ASN B 572 -11.03 -10.27 -4.22
CA ASN B 572 -11.35 -10.44 -2.81
C ASN B 572 -11.33 -9.15 -1.95
N VAL B 573 -11.30 -8.01 -2.58
CA VAL B 573 -11.29 -6.73 -1.88
C VAL B 573 -12.50 -5.91 -2.33
N TYR B 574 -13.25 -5.36 -1.36
CA TYR B 574 -14.40 -4.55 -1.67
C TYR B 574 -14.33 -3.25 -0.91
N TYR B 575 -14.54 -2.13 -1.63
CA TYR B 575 -14.60 -0.81 -1.03
C TYR B 575 -16.07 -0.47 -1.07
N GLY B 576 -16.66 -0.23 0.11
CA GLY B 576 -18.07 0.12 0.19
C GLY B 576 -18.35 1.52 -0.32
N HIS B 577 -19.60 1.91 -0.28
CA HIS B 577 -20.04 3.19 -0.79
C HIS B 577 -19.82 4.36 0.18
N GLN B 578 -19.58 4.13 1.48
CA GLN B 578 -19.54 5.23 2.46
C GLN B 578 -18.38 5.15 3.48
N THR B 579 -17.68 6.28 3.71
CA THR B 579 -16.66 6.34 4.76
C THR B 579 -17.25 7.08 5.98
N THR B 580 -16.65 6.87 7.15
CA THR B 580 -17.08 7.45 8.42
C THR B 580 -15.96 8.18 9.15
N LEU B 581 -16.30 8.94 10.22
CA LEU B 581 -15.37 9.68 11.05
C LEU B 581 -14.38 8.74 11.77
N ASP B 582 -14.78 7.48 12.01
CA ASP B 582 -13.89 6.45 12.56
C ASP B 582 -12.69 6.24 11.64
N GLY B 583 -12.91 6.34 10.31
CA GLY B 583 -11.87 6.20 9.30
C GLY B 583 -10.84 7.33 9.35
N VAL B 584 -11.28 8.53 9.75
CA VAL B 584 -10.39 9.66 9.96
C VAL B 584 -9.48 9.37 11.17
N MET B 585 -10.08 8.83 12.24
CA MET B 585 -9.36 8.50 13.47
C MET B 585 -8.38 7.35 13.28
N GLU B 586 -8.71 6.36 12.42
CA GLU B 586 -7.79 5.27 12.09
C GLU B 586 -6.55 5.80 11.39
N LYS B 587 -6.69 6.86 10.58
CA LYS B 587 -5.62 7.46 9.81
C LYS B 587 -4.78 8.48 10.57
N GLU B 588 -5.22 8.92 11.74
CA GLU B 588 -4.48 9.91 12.52
C GLU B 588 -3.00 9.54 12.78
N ASP B 589 -2.08 10.46 12.50
CA ASP B 589 -0.65 10.32 12.73
C ASP B 589 -0.19 11.74 13.03
N PRO B 590 -0.05 12.12 14.31
CA PRO B 590 0.33 13.51 14.63
C PRO B 590 1.71 13.95 14.14
N ASP B 591 2.59 12.98 13.83
CA ASP B 591 3.92 13.30 13.33
C ASP B 591 3.99 13.36 11.78
N ASN B 592 2.83 13.21 11.09
CA ASN B 592 2.73 13.33 9.63
C ASN B 592 1.71 14.43 9.39
N TRP B 593 2.16 15.62 8.91
CA TRP B 593 1.30 16.80 8.66
C TRP B 593 0.06 16.47 7.83
N GLU B 594 0.16 15.49 6.93
CA GLU B 594 -0.98 15.12 6.09
C GLU B 594 -2.10 14.47 6.88
N PHE B 595 -1.77 13.76 7.98
CA PHE B 595 -2.77 13.03 8.71
C PHE B 595 -2.97 13.50 10.15
N VAL B 596 -2.75 14.81 10.39
CA VAL B 596 -3.04 15.36 11.71
C VAL B 596 -4.57 15.56 11.78
N VAL B 597 -5.15 15.30 12.94
CA VAL B 597 -6.58 15.44 13.13
C VAL B 597 -6.83 16.65 14.01
N ASP B 598 -7.77 17.50 13.58
CA ASP B 598 -8.16 18.70 14.29
C ASP B 598 -8.66 18.34 15.68
N PRO B 599 -8.08 18.96 16.73
CA PRO B 599 -8.47 18.58 18.12
C PRO B 599 -9.96 18.72 18.40
N LYS B 600 -10.63 19.73 17.83
CA LYS B 600 -12.07 19.91 18.03
C LYS B 600 -12.85 18.79 17.35
N LEU B 601 -12.39 18.31 16.19
CA LEU B 601 -13.03 17.22 15.47
C LEU B 601 -12.82 15.89 16.23
N LYS B 602 -11.60 15.69 16.77
CA LYS B 602 -11.32 14.49 17.56
C LYS B 602 -12.24 14.42 18.80
N ALA B 603 -12.51 15.58 19.43
CA ALA B 603 -13.36 15.63 20.62
C ALA B 603 -14.82 15.37 20.26
N VAL B 604 -15.27 15.85 19.09
CA VAL B 604 -16.62 15.60 18.57
C VAL B 604 -16.84 14.09 18.39
N TYR B 605 -15.83 13.41 17.84
CA TYR B 605 -15.86 11.97 17.64
C TYR B 605 -15.90 11.25 18.99
N GLU B 606 -15.06 11.64 19.94
CA GLU B 606 -15.00 11.01 21.26
C GLU B 606 -16.29 11.13 22.04
N ARG B 607 -16.86 12.34 22.08
CA ARG B 607 -18.12 12.56 22.77
C ARG B 607 -19.37 12.18 21.95
N LYS B 608 -19.18 11.72 20.67
CA LYS B 608 -20.25 11.35 19.74
C LYS B 608 -21.23 12.50 19.58
N ASP B 609 -20.72 13.74 19.56
CA ASP B 609 -21.52 14.95 19.46
C ASP B 609 -21.87 15.18 18.00
N PHE B 610 -22.66 14.27 17.43
CA PHE B 610 -23.02 14.30 16.02
C PHE B 610 -24.36 14.94 15.69
N GLY B 611 -25.15 15.30 16.72
CA GLY B 611 -26.47 15.92 16.56
C GLY B 611 -27.36 15.15 15.61
N ARG B 612 -27.94 15.85 14.64
CA ARG B 612 -28.76 15.24 13.61
C ARG B 612 -27.94 14.77 12.38
N TYR B 613 -26.61 14.87 12.42
CA TYR B 613 -25.78 14.58 11.25
C TYR B 613 -25.36 13.10 11.16
N ALA B 614 -25.43 12.33 12.26
CA ALA B 614 -25.05 10.92 12.22
C ALA B 614 -26.07 10.07 11.49
N ASP B 615 -25.65 8.93 10.95
CA ASP B 615 -26.57 8.02 10.27
C ASP B 615 -27.43 7.23 11.30
N ARG B 616 -28.43 6.48 10.82
CA ARG B 616 -29.35 5.73 11.69
C ARG B 616 -28.65 4.86 12.75
N SER B 617 -27.44 4.37 12.46
CA SER B 617 -26.71 3.52 13.39
C SER B 617 -25.84 4.28 14.43
N GLY B 618 -25.83 5.61 14.38
CA GLY B 618 -25.04 6.41 15.29
C GLY B 618 -23.63 6.69 14.81
N ARG B 619 -23.29 6.29 13.57
CA ARG B 619 -21.98 6.53 13.02
C ARG B 619 -21.96 7.79 12.15
N MET B 620 -20.87 8.54 12.21
CA MET B 620 -20.80 9.82 11.54
C MET B 620 -20.24 9.67 10.13
N PRO B 621 -21.05 9.88 9.08
CA PRO B 621 -20.53 9.74 7.71
C PRO B 621 -19.55 10.87 7.33
N VAL B 622 -18.60 10.57 6.45
CA VAL B 622 -17.64 11.57 5.97
C VAL B 622 -17.79 11.78 4.44
N ALA B 623 -17.74 10.69 3.69
CA ALA B 623 -17.75 10.75 2.23
C ALA B 623 -18.48 9.54 1.65
N PHE B 624 -18.88 9.64 0.39
CA PHE B 624 -19.49 8.53 -0.31
C PHE B 624 -19.05 8.55 -1.77
N CYS B 625 -19.25 7.47 -2.50
CA CYS B 625 -18.88 7.41 -3.91
C CYS B 625 -20.06 6.98 -4.77
N ALA B 626 -20.08 7.41 -6.03
CA ALA B 626 -21.22 7.14 -6.90
C ALA B 626 -20.77 6.78 -8.33
N THR B 627 -21.65 6.13 -9.09
CA THR B 627 -21.36 5.72 -10.47
C THR B 627 -21.62 6.84 -11.49
N THR B 628 -21.65 8.09 -11.04
CA THR B 628 -21.74 9.24 -11.91
C THR B 628 -20.43 9.34 -12.69
N HIS B 629 -20.53 9.98 -13.87
CA HIS B 629 -19.40 10.13 -14.75
C HIS B 629 -18.89 11.55 -14.67
N THR B 630 -17.74 11.73 -14.03
CA THR B 630 -17.17 13.07 -13.84
C THR B 630 -15.71 13.09 -14.29
N THR B 631 -15.17 14.30 -14.43
CA THR B 631 -13.78 14.54 -14.80
C THR B 631 -13.33 15.88 -14.20
N GLY B 632 -12.07 16.30 -14.43
CA GLY B 632 -11.59 17.62 -14.01
C GLY B 632 -12.53 18.74 -14.48
N GLY B 633 -12.84 19.63 -13.57
CA GLY B 633 -13.86 20.64 -13.81
C GLY B 633 -15.11 20.35 -12.98
N ASN B 634 -15.32 19.07 -12.58
CA ASN B 634 -16.44 18.68 -11.74
C ASN B 634 -16.18 18.88 -10.26
N SER B 635 -14.97 19.31 -9.85
CA SER B 635 -14.70 19.59 -8.42
C SER B 635 -15.67 20.64 -7.92
N GLY B 636 -16.32 20.35 -6.81
CA GLY B 636 -17.29 21.23 -6.15
C GLY B 636 -18.73 21.07 -6.61
N SER B 637 -18.96 20.17 -7.58
CA SER B 637 -20.30 19.99 -8.15
C SER B 637 -21.30 19.52 -7.11
N PRO B 638 -22.54 20.06 -7.21
CA PRO B 638 -23.59 19.59 -6.32
C PRO B 638 -23.97 18.14 -6.65
N VAL B 639 -24.14 17.33 -5.60
CA VAL B 639 -24.62 15.98 -5.77
C VAL B 639 -26.04 15.99 -5.22
N MET B 640 -26.99 15.58 -6.05
CA MET B 640 -28.40 15.57 -5.70
C MET B 640 -28.98 14.18 -5.52
N ASN B 641 -29.91 14.11 -4.62
CA ASN B 641 -30.89 13.07 -4.30
C ASN B 641 -31.80 12.84 -5.52
N ALA B 642 -32.68 11.82 -5.41
CA ALA B 642 -33.78 11.56 -6.34
C ALA B 642 -34.75 12.77 -6.36
N ASN B 643 -34.84 13.53 -5.25
CA ASN B 643 -35.67 14.72 -5.13
C ASN B 643 -34.94 16.04 -5.43
N GLY B 644 -33.68 15.97 -5.86
CA GLY B 644 -32.92 17.17 -6.18
C GLY B 644 -32.37 17.91 -4.98
N GLU B 645 -32.41 17.29 -3.79
CA GLU B 645 -31.86 17.92 -2.58
C GLU B 645 -30.36 17.63 -2.53
N LEU B 646 -29.57 18.58 -2.03
CA LEU B 646 -28.13 18.41 -1.94
C LEU B 646 -27.75 17.34 -0.89
N ILE B 647 -27.07 16.29 -1.34
CA ILE B 647 -26.56 15.21 -0.48
C ILE B 647 -25.01 15.19 -0.37
N GLY B 648 -24.33 15.99 -1.16
CA GLY B 648 -22.88 16.07 -1.11
C GLY B 648 -22.26 16.97 -2.17
N LEU B 649 -20.94 17.03 -2.19
CA LEU B 649 -20.17 17.81 -3.16
C LEU B 649 -19.16 16.87 -3.72
N ASN B 650 -19.07 16.80 -5.03
CA ASN B 650 -18.03 16.00 -5.69
C ASN B 650 -16.67 16.71 -5.43
N PHE B 651 -15.60 15.94 -5.15
CA PHE B 651 -14.29 16.55 -4.93
C PHE B 651 -13.14 15.79 -5.57
N ASP B 652 -13.38 14.53 -5.98
CA ASP B 652 -12.32 13.74 -6.60
C ASP B 652 -12.92 12.56 -7.36
N ARG B 653 -12.08 11.73 -7.92
CA ARG B 653 -12.45 10.48 -8.57
C ARG B 653 -11.29 9.49 -8.36
N ASN B 654 -11.60 8.21 -8.17
CA ASN B 654 -10.55 7.21 -7.89
C ASN B 654 -9.67 6.99 -9.11
N TRP B 655 -8.38 6.72 -8.88
CA TRP B 655 -7.40 6.50 -9.93
C TRP B 655 -7.79 5.40 -10.89
N GLU B 656 -8.50 4.35 -10.39
CA GLU B 656 -8.91 3.27 -11.27
C GLU B 656 -9.89 3.72 -12.35
N GLY B 657 -10.55 4.85 -12.16
CA GLY B 657 -11.50 5.34 -13.13
C GLY B 657 -10.99 6.46 -14.01
N VAL B 658 -9.67 6.86 -13.93
CA VAL B 658 -9.20 7.98 -14.74
C VAL B 658 -9.24 7.69 -16.27
N GLY B 659 -9.12 6.42 -16.67
CA GLY B 659 -9.30 6.02 -18.06
C GLY B 659 -10.73 6.22 -18.56
N GLY B 660 -11.64 6.64 -17.64
CA GLY B 660 -13.03 6.96 -17.93
C GLY B 660 -13.21 8.18 -18.80
N ASP B 661 -12.14 8.98 -19.03
CA ASP B 661 -12.24 10.11 -19.95
C ASP B 661 -12.29 9.59 -21.41
N ILE B 662 -11.84 8.33 -21.66
CA ILE B 662 -11.84 7.71 -22.98
C ILE B 662 -12.95 6.64 -23.01
N GLN B 663 -13.06 5.82 -21.96
CA GLN B 663 -14.07 4.79 -21.87
C GLN B 663 -14.53 4.70 -20.42
N TYR B 664 -15.82 5.03 -20.14
CA TYR B 664 -16.40 4.91 -18.80
C TYR B 664 -16.20 3.46 -18.26
N LEU B 665 -15.81 3.30 -17.00
CA LEU B 665 -15.53 1.99 -16.44
C LEU B 665 -16.52 1.66 -15.35
N ALA B 666 -17.65 1.04 -15.72
CA ALA B 666 -18.75 0.78 -14.79
C ALA B 666 -18.35 0.07 -13.48
N ASP B 667 -17.41 -0.86 -13.52
CA ASP B 667 -17.02 -1.61 -12.33
C ASP B 667 -15.89 -1.01 -11.53
N TYR B 668 -15.31 0.12 -11.97
CA TYR B 668 -14.17 0.71 -11.28
C TYR B 668 -14.29 2.22 -11.06
N GLN B 669 -14.88 2.94 -12.00
CA GLN B 669 -14.95 4.39 -11.95
C GLN B 669 -16.01 4.94 -11.00
N ARG B 670 -15.57 5.77 -10.07
CA ARG B 670 -16.47 6.41 -9.12
C ARG B 670 -16.12 7.88 -8.92
N SER B 671 -17.16 8.70 -8.63
CA SER B 671 -16.98 10.07 -8.22
C SER B 671 -16.86 10.00 -6.67
N ILE B 672 -15.90 10.72 -6.08
CA ILE B 672 -15.64 10.74 -4.64
C ILE B 672 -16.27 12.01 -4.13
N ILE B 673 -17.19 11.87 -3.19
CA ILE B 673 -18.06 12.96 -2.79
C ILE B 673 -18.02 13.19 -1.29
N VAL B 674 -17.96 14.45 -0.82
CA VAL B 674 -17.99 14.70 0.62
C VAL B 674 -19.47 14.76 1.01
N ASP B 675 -19.85 13.99 2.02
CA ASP B 675 -21.23 13.90 2.49
C ASP B 675 -21.63 15.27 3.06
N ILE B 676 -22.83 15.80 2.68
CA ILE B 676 -23.27 17.11 3.17
C ILE B 676 -23.50 17.10 4.70
N ARG B 677 -23.79 15.94 5.29
CA ARG B 677 -23.97 15.82 6.73
C ARG B 677 -22.64 16.10 7.44
N TYR B 678 -21.51 15.64 6.86
CA TYR B 678 -20.19 15.92 7.38
C TYR B 678 -19.85 17.42 7.24
N VAL B 679 -20.21 18.06 6.11
CA VAL B 679 -20.03 19.50 5.86
C VAL B 679 -20.72 20.29 6.96
N LEU B 680 -22.01 19.97 7.25
CA LEU B 680 -22.78 20.63 8.28
C LEU B 680 -22.25 20.35 9.67
N LEU B 681 -21.74 19.12 9.91
CA LEU B 681 -21.16 18.79 11.21
C LEU B 681 -19.92 19.68 11.46
N VAL B 682 -19.10 19.90 10.41
CA VAL B 682 -17.90 20.72 10.55
C VAL B 682 -18.26 22.20 10.73
N ILE B 683 -19.21 22.73 9.95
CA ILE B 683 -19.66 24.13 10.11
C ILE B 683 -20.17 24.36 11.54
N ASP B 684 -20.98 23.39 12.05
CA ASP B 684 -21.61 23.45 13.35
C ASP B 684 -20.66 23.19 14.55
N LYS B 685 -20.09 21.99 14.63
CA LYS B 685 -19.29 21.61 15.80
C LYS B 685 -17.85 22.05 15.74
N VAL B 686 -17.32 22.36 14.55
CA VAL B 686 -15.93 22.78 14.44
C VAL B 686 -15.86 24.30 14.27
N GLY B 687 -16.60 24.83 13.31
CA GLY B 687 -16.60 26.26 13.05
C GLY B 687 -17.49 27.06 13.99
N GLY B 688 -18.52 26.42 14.53
CA GLY B 688 -19.50 27.05 15.41
C GLY B 688 -20.20 28.21 14.71
N CYS B 689 -20.36 28.09 13.39
CA CYS B 689 -20.95 29.14 12.57
C CYS B 689 -22.43 28.86 12.32
N GLN B 690 -23.23 28.96 13.39
CA GLN B 690 -24.67 28.72 13.39
C GLN B 690 -25.47 29.51 12.34
N ARG B 691 -25.09 30.76 12.06
CA ARG B 691 -25.80 31.60 11.10
C ARG B 691 -25.83 30.99 9.68
N LEU B 692 -24.80 30.22 9.33
CA LEU B 692 -24.75 29.56 8.01
C LEU B 692 -25.76 28.42 7.94
N LEU B 693 -25.94 27.69 9.06
CA LEU B 693 -26.92 26.62 9.12
C LEU B 693 -28.33 27.23 9.04
N ASP B 694 -28.58 28.33 9.81
CA ASP B 694 -29.87 29.02 9.85
C ASP B 694 -30.30 29.59 8.49
N GLU B 695 -29.35 30.05 7.65
CA GLU B 695 -29.73 30.61 6.35
C GLU B 695 -29.97 29.54 5.27
N MET B 696 -29.51 28.30 5.50
CA MET B 696 -29.78 27.22 4.57
C MET B 696 -31.20 26.67 4.81
N ASN B 697 -31.80 26.03 3.79
CA ASN B 697 -33.10 25.39 3.97
C ASN B 697 -32.85 23.87 4.09
N ILE B 698 -32.79 23.41 5.33
CA ILE B 698 -32.49 22.03 5.65
C ILE B 698 -33.78 21.23 5.79
N VAL B 699 -33.91 20.19 4.95
CA VAL B 699 -35.10 19.35 4.94
C VAL B 699 -34.86 18.09 5.79
N PRO B 700 -35.84 17.70 6.61
CA PRO B 700 -35.64 16.50 7.47
C PRO B 700 -35.39 15.19 6.71
#